data_2E37
#
_entry.id   2E37
#
_cell.length_a   162.740
_cell.length_b   135.638
_cell.length_c   162.056
_cell.angle_alpha   90.00
_cell.angle_beta   113.79
_cell.angle_gamma   90.00
#
_symmetry.space_group_name_H-M   'C 1 2 1'
#
loop_
_entity.id
_entity.type
_entity.pdbx_description
1 polymer 'L-lactate dehydrogenase'
2 non-polymer NICOTINAMIDE-ADENINE-DINUCLEOTIDE
3 non-polymer 'SULFATE ION'
4 water water
#
_entity_poly.entity_id   1
_entity_poly.type   'polypeptide(L)'
_entity_poly.pdbx_seq_one_letter_code
;(MSE)KVGIVGSG(MSE)VGSATAYALALLGVAREVVLVDLDRKLAQAHAEDILHATPFAHPVWVRAGSYGDLEGARAVV
LAAGVAQRPGETRLQLLDRNAQVFAQVVPRVLEAAPEAVLLVATNPVDV(MSE)TQVAYRLSGLPPGRVVGSGTILDTAR
FRALLAEYLRVAPQSVHAYVLGEHGDSEVLVWSSAQVGGVPLLEFAEARGRALSPEDRARIDEGVRRAAYRIIEGKGATY
YGIGAGLARLVRAILTDEKGVYTVSAFTPEVEGVLEVSLSLPRILGAGGVEGTVYPSLSPEEREALRRSAEILKEAAFAL
GF
;
_entity_poly.pdbx_strand_id   A,B,C,D,E,F,G,H
#
loop_
_chem_comp.id
_chem_comp.type
_chem_comp.name
_chem_comp.formula
NAD non-polymer NICOTINAMIDE-ADENINE-DINUCLEOTIDE 'C21 H27 N7 O14 P2'
SO4 non-polymer 'SULFATE ION' 'O4 S -2'
#
# COMPACT_ATOMS: atom_id res chain seq x y z
N MSE A 1 -53.19 -4.45 -46.72
CA MSE A 1 -53.17 -3.94 -45.36
C MSE A 1 -51.76 -3.93 -44.78
O MSE A 1 -50.91 -4.73 -45.15
CB MSE A 1 -54.08 -4.83 -44.51
CG MSE A 1 -55.49 -5.00 -45.09
SE MSE A 1 -56.44 -6.21 -44.16
CE MSE A 1 -55.86 -7.67 -45.03
N LYS A 2 -51.51 -2.98 -43.87
CA LYS A 2 -50.15 -2.90 -43.35
C LYS A 2 -50.08 -3.32 -41.89
N VAL A 3 -48.94 -3.95 -41.54
CA VAL A 3 -48.71 -4.34 -40.15
C VAL A 3 -47.43 -3.69 -39.62
N GLY A 4 -47.48 -3.27 -38.35
CA GLY A 4 -46.33 -2.63 -37.75
C GLY A 4 -45.58 -3.59 -36.82
N ILE A 5 -44.27 -3.32 -36.67
CA ILE A 5 -43.44 -4.08 -35.74
C ILE A 5 -42.40 -3.15 -35.11
N VAL A 6 -42.63 -2.69 -33.88
CA VAL A 6 -41.72 -1.87 -33.15
C VAL A 6 -40.81 -2.79 -32.39
N GLY A 7 -39.53 -2.84 -32.71
CA GLY A 7 -38.61 -3.75 -32.05
C GLY A 7 -38.12 -4.63 -33.18
N SER A 8 -37.05 -4.21 -33.84
CA SER A 8 -36.53 -4.96 -34.97
C SER A 8 -35.38 -5.88 -34.62
N GLY A 9 -35.57 -6.69 -33.60
CA GLY A 9 -34.51 -7.62 -33.20
C GLY A 9 -34.73 -8.96 -33.85
N MSE A 10 -34.34 -10.04 -33.18
CA MSE A 10 -34.52 -11.37 -33.74
C MSE A 10 -35.97 -11.78 -33.83
O MSE A 10 -36.39 -12.40 -34.80
CB MSE A 10 -33.74 -12.39 -32.91
CG MSE A 10 -32.24 -12.18 -32.99
SE MSE A 10 -31.63 -12.08 -34.84
CE MSE A 10 -31.35 -13.98 -35.15
N VAL A 11 -36.76 -11.44 -32.82
CA VAL A 11 -38.16 -11.79 -32.84
C VAL A 11 -38.91 -10.91 -33.83
N GLY A 12 -38.64 -9.61 -33.77
CA GLY A 12 -39.29 -8.68 -34.68
C GLY A 12 -38.97 -8.99 -36.13
N SER A 13 -37.68 -9.17 -36.44
CA SER A 13 -37.28 -9.46 -37.81
C SER A 13 -37.77 -10.81 -38.32
N ALA A 14 -37.78 -11.81 -37.46
CA ALA A 14 -38.24 -13.14 -37.84
C ALA A 14 -39.74 -13.11 -38.18
N THR A 15 -40.50 -12.32 -37.44
CA THR A 15 -41.92 -12.21 -37.68
C THR A 15 -42.14 -11.56 -39.05
N ALA A 16 -41.38 -10.52 -39.33
CA ALA A 16 -41.47 -9.83 -40.62
C ALA A 16 -41.14 -10.82 -41.74
N TYR A 17 -40.11 -11.64 -41.52
CA TYR A 17 -39.71 -12.62 -42.51
C TYR A 17 -40.83 -13.62 -42.76
N ALA A 18 -41.48 -14.05 -41.68
CA ALA A 18 -42.56 -15.02 -41.82
C ALA A 18 -43.75 -14.38 -42.53
N LEU A 19 -44.09 -13.16 -42.14
CA LEU A 19 -45.20 -12.44 -42.75
C LEU A 19 -45.00 -12.37 -44.27
N ALA A 20 -43.78 -12.07 -44.69
CA ALA A 20 -43.43 -11.99 -46.10
C ALA A 20 -43.51 -13.33 -46.81
N LEU A 21 -42.79 -14.32 -46.29
CA LEU A 21 -42.77 -15.64 -46.89
C LEU A 21 -44.15 -16.27 -46.96
N LEU A 22 -45.04 -15.88 -46.06
CA LEU A 22 -46.40 -16.43 -46.04
C LEU A 22 -47.40 -15.50 -46.73
N GLY A 23 -46.98 -14.29 -47.05
CA GLY A 23 -47.86 -13.34 -47.72
C GLY A 23 -49.08 -12.95 -46.93
N VAL A 24 -48.88 -12.68 -45.65
CA VAL A 24 -49.98 -12.32 -44.78
C VAL A 24 -50.43 -10.87 -44.94
N ALA A 25 -49.51 -9.98 -45.28
CA ALA A 25 -49.89 -8.59 -45.45
C ALA A 25 -49.19 -7.96 -46.64
N ARG A 26 -49.77 -6.89 -47.18
CA ARG A 26 -49.16 -6.23 -48.33
C ARG A 26 -48.02 -5.32 -47.90
N GLU A 27 -48.11 -4.79 -46.69
CA GLU A 27 -47.07 -3.89 -46.20
C GLU A 27 -46.66 -4.21 -44.75
N VAL A 28 -45.33 -4.20 -44.53
CA VAL A 28 -44.81 -4.46 -43.19
C VAL A 28 -43.73 -3.43 -42.81
N VAL A 29 -43.99 -2.74 -41.69
CA VAL A 29 -43.08 -1.67 -41.29
C VAL A 29 -42.35 -1.97 -39.98
N LEU A 30 -41.02 -1.99 -40.07
CA LEU A 30 -40.21 -2.17 -38.87
C LEU A 30 -39.78 -0.83 -38.28
N VAL A 31 -40.05 -0.67 -36.98
CA VAL A 31 -39.60 0.52 -36.27
C VAL A 31 -38.65 0.15 -35.13
N ASP A 32 -37.49 0.80 -35.06
CA ASP A 32 -36.54 0.49 -33.99
C ASP A 32 -35.75 1.72 -33.56
N LEU A 33 -35.25 1.71 -32.33
CA LEU A 33 -34.44 2.83 -31.85
C LEU A 33 -33.22 2.90 -32.74
N ASP A 34 -32.70 1.72 -33.10
CA ASP A 34 -31.55 1.61 -33.97
C ASP A 34 -32.05 1.64 -35.41
N ARG A 35 -32.20 2.84 -35.95
CA ARG A 35 -32.68 3.04 -37.31
C ARG A 35 -31.99 2.17 -38.36
N LYS A 36 -30.67 2.09 -38.31
CA LYS A 36 -29.94 1.29 -39.31
C LYS A 36 -30.23 -0.19 -39.16
N LEU A 37 -30.49 -0.63 -37.92
CA LEU A 37 -30.78 -2.04 -37.71
C LEU A 37 -32.05 -2.41 -38.47
N ALA A 38 -33.08 -1.61 -38.28
CA ALA A 38 -34.37 -1.84 -38.92
C ALA A 38 -34.27 -1.75 -40.45
N GLN A 39 -33.43 -0.86 -40.96
CA GLN A 39 -33.29 -0.72 -42.39
C GLN A 39 -32.57 -1.93 -42.97
N ALA A 40 -31.53 -2.40 -42.29
CA ALA A 40 -30.80 -3.55 -42.78
C ALA A 40 -31.66 -4.81 -42.81
N HIS A 41 -32.55 -4.96 -41.82
CA HIS A 41 -33.44 -6.12 -41.76
C HIS A 41 -34.48 -6.08 -42.87
N ALA A 42 -35.05 -4.91 -43.08
CA ALA A 42 -36.07 -4.72 -44.11
C ALA A 42 -35.48 -5.03 -45.49
N GLU A 43 -34.27 -4.57 -45.73
CA GLU A 43 -33.64 -4.79 -47.01
C GLU A 43 -33.26 -6.25 -47.20
N ASP A 44 -32.81 -6.90 -46.14
CA ASP A 44 -32.42 -8.30 -46.23
C ASP A 44 -33.68 -9.09 -46.60
N ILE A 45 -34.76 -8.80 -45.88
CA ILE A 45 -36.04 -9.46 -46.12
C ILE A 45 -36.55 -9.15 -47.54
N LEU A 46 -36.41 -7.89 -47.95
CA LEU A 46 -36.84 -7.48 -49.29
C LEU A 46 -36.16 -8.33 -50.37
N HIS A 47 -34.95 -8.80 -50.10
CA HIS A 47 -34.25 -9.64 -51.07
C HIS A 47 -34.83 -11.04 -51.14
N ALA A 48 -35.72 -11.37 -50.20
CA ALA A 48 -36.34 -12.68 -50.15
C ALA A 48 -37.69 -12.67 -50.88
N THR A 49 -38.30 -11.50 -50.88
CA THR A 49 -39.59 -11.26 -51.49
C THR A 49 -39.76 -11.75 -52.94
N PRO A 50 -38.74 -11.57 -53.80
CA PRO A 50 -38.92 -12.05 -55.17
C PRO A 50 -39.13 -13.57 -55.21
N PHE A 51 -38.73 -14.25 -54.15
CA PHE A 51 -38.85 -15.71 -54.09
C PHE A 51 -40.06 -16.22 -53.34
N ALA A 52 -40.95 -15.31 -52.93
CA ALA A 52 -42.16 -15.70 -52.22
C ALA A 52 -43.34 -14.87 -52.70
N HIS A 53 -43.73 -13.86 -51.93
CA HIS A 53 -44.85 -12.99 -52.30
C HIS A 53 -44.47 -11.52 -52.34
N PRO A 54 -45.25 -10.71 -53.07
CA PRO A 54 -45.03 -9.27 -53.21
C PRO A 54 -45.50 -8.57 -51.94
N VAL A 55 -44.61 -8.47 -50.97
CA VAL A 55 -44.93 -7.82 -49.72
C VAL A 55 -43.97 -6.67 -49.59
N TRP A 56 -44.49 -5.49 -49.26
CA TRP A 56 -43.62 -4.34 -49.11
C TRP A 56 -43.12 -4.24 -47.67
N VAL A 57 -41.88 -4.67 -47.46
CA VAL A 57 -41.26 -4.65 -46.14
C VAL A 57 -40.26 -3.50 -46.10
N ARG A 58 -40.49 -2.57 -45.18
CA ARG A 58 -39.61 -1.41 -45.08
C ARG A 58 -39.43 -0.95 -43.63
N ALA A 59 -38.39 -0.16 -43.39
CA ALA A 59 -38.16 0.39 -42.06
C ALA A 59 -38.82 1.77 -42.07
N GLY A 60 -39.28 2.22 -40.92
CA GLY A 60 -39.91 3.52 -40.84
C GLY A 60 -39.98 4.03 -39.42
N SER A 61 -40.69 5.12 -39.23
CA SER A 61 -40.85 5.72 -37.90
C SER A 61 -42.27 5.46 -37.43
N TYR A 62 -42.57 5.84 -36.18
CA TYR A 62 -43.90 5.65 -35.64
C TYR A 62 -44.93 6.26 -36.57
N GLY A 63 -44.56 7.37 -37.21
CA GLY A 63 -45.47 8.03 -38.13
C GLY A 63 -45.80 7.12 -39.30
N ASP A 64 -44.82 6.34 -39.75
CA ASP A 64 -45.04 5.41 -40.85
C ASP A 64 -45.92 4.22 -40.46
N LEU A 65 -46.41 4.23 -39.23
CA LEU A 65 -47.26 3.13 -38.78
C LEU A 65 -48.74 3.41 -39.02
N GLU A 66 -49.04 4.62 -39.47
CA GLU A 66 -50.42 5.02 -39.76
C GLU A 66 -51.15 4.01 -40.64
N GLY A 67 -52.36 3.66 -40.23
CA GLY A 67 -53.17 2.72 -40.99
C GLY A 67 -52.93 1.25 -40.68
N ALA A 68 -51.92 0.95 -39.87
CA ALA A 68 -51.63 -0.44 -39.53
C ALA A 68 -52.81 -1.04 -38.79
N ARG A 69 -53.18 -2.26 -39.17
CA ARG A 69 -54.30 -2.93 -38.51
C ARG A 69 -53.83 -3.57 -37.20
N ALA A 70 -52.57 -3.98 -37.18
CA ALA A 70 -51.98 -4.61 -36.01
C ALA A 70 -50.54 -4.17 -35.91
N VAL A 71 -50.04 -4.08 -34.69
CA VAL A 71 -48.66 -3.68 -34.46
C VAL A 71 -48.02 -4.63 -33.47
N VAL A 72 -46.93 -5.27 -33.91
CA VAL A 72 -46.23 -6.20 -33.05
C VAL A 72 -45.24 -5.47 -32.15
N LEU A 73 -45.31 -5.74 -30.86
CA LEU A 73 -44.39 -5.13 -29.91
C LEU A 73 -43.33 -6.16 -29.51
N ALA A 74 -42.14 -6.02 -30.09
CA ALA A 74 -41.05 -6.95 -29.78
C ALA A 74 -39.83 -6.13 -29.37
N ALA A 75 -40.09 -4.99 -28.74
CA ALA A 75 -39.02 -4.12 -28.28
C ALA A 75 -38.70 -4.52 -26.87
N GLY A 76 -37.44 -4.38 -26.48
CA GLY A 76 -37.07 -4.74 -25.13
C GLY A 76 -35.58 -4.61 -24.97
N VAL A 77 -35.13 -4.74 -23.73
CA VAL A 77 -33.71 -4.65 -23.43
C VAL A 77 -33.21 -6.00 -22.95
N ALA A 78 -31.90 -6.19 -22.98
CA ALA A 78 -31.30 -7.43 -22.53
C ALA A 78 -30.82 -7.22 -21.09
N GLN A 79 -31.01 -8.23 -20.25
CA GLN A 79 -30.60 -8.13 -18.86
C GLN A 79 -29.10 -7.88 -18.74
N ARG A 80 -28.72 -7.07 -17.76
CA ARG A 80 -27.33 -6.74 -17.49
C ARG A 80 -26.82 -7.79 -16.51
N PRO A 81 -25.63 -8.35 -16.77
CA PRO A 81 -25.08 -9.37 -15.88
C PRO A 81 -24.98 -8.89 -14.43
N GLY A 82 -25.87 -9.37 -13.57
CA GLY A 82 -25.83 -8.98 -12.18
C GLY A 82 -27.05 -8.30 -11.61
N GLU A 83 -27.86 -7.66 -12.47
CA GLU A 83 -29.05 -6.97 -12.00
C GLU A 83 -30.12 -8.02 -11.66
N THR A 84 -31.12 -7.61 -10.89
CA THR A 84 -32.20 -8.50 -10.48
C THR A 84 -33.23 -8.66 -11.59
N ARG A 85 -34.06 -9.70 -11.50
CA ARG A 85 -35.08 -9.89 -12.52
C ARG A 85 -36.10 -8.76 -12.48
N LEU A 86 -36.41 -8.29 -11.28
CA LEU A 86 -37.41 -7.23 -11.24
C LEU A 86 -36.82 -5.94 -11.77
N GLN A 87 -35.50 -5.79 -11.73
CA GLN A 87 -34.84 -4.64 -12.34
C GLN A 87 -34.95 -4.70 -13.88
N LEU A 88 -34.78 -5.89 -14.43
CA LEU A 88 -34.88 -6.09 -15.88
C LEU A 88 -36.31 -5.82 -16.31
N LEU A 89 -37.25 -6.46 -15.62
CA LEU A 89 -38.66 -6.29 -15.90
C LEU A 89 -39.04 -4.81 -15.90
N ASP A 90 -38.56 -4.08 -14.90
CA ASP A 90 -38.86 -2.65 -14.78
C ASP A 90 -38.31 -1.88 -15.99
N ARG A 91 -37.13 -2.27 -16.45
CA ARG A 91 -36.53 -1.61 -17.60
C ARG A 91 -37.33 -1.85 -18.88
N ASN A 92 -37.90 -3.04 -19.03
CA ASN A 92 -38.70 -3.32 -20.22
C ASN A 92 -39.99 -2.52 -20.13
N ALA A 93 -40.52 -2.43 -18.91
CA ALA A 93 -41.74 -1.67 -18.70
C ALA A 93 -41.51 -0.20 -19.10
N GLN A 94 -40.30 0.29 -18.92
CA GLN A 94 -39.98 1.66 -19.29
C GLN A 94 -39.96 1.76 -20.81
N VAL A 95 -39.50 0.70 -21.46
CA VAL A 95 -39.46 0.67 -22.91
C VAL A 95 -40.87 0.74 -23.45
N PHE A 96 -41.79 0.03 -22.81
CA PHE A 96 -43.19 -0.01 -23.24
C PHE A 96 -43.91 1.32 -22.98
N ALA A 97 -43.55 1.98 -21.87
CA ALA A 97 -44.15 3.27 -21.58
C ALA A 97 -43.78 4.32 -22.64
N GLN A 98 -42.67 4.05 -23.34
CA GLN A 98 -42.28 4.93 -24.44
C GLN A 98 -42.96 4.51 -25.76
N VAL A 99 -43.03 3.20 -26.00
CA VAL A 99 -43.59 2.67 -27.22
C VAL A 99 -45.11 2.70 -27.38
N VAL A 100 -45.83 2.18 -26.39
CA VAL A 100 -47.29 2.16 -26.52
C VAL A 100 -47.89 3.51 -26.90
N PRO A 101 -47.61 4.56 -26.13
CA PRO A 101 -48.19 5.87 -26.48
C PRO A 101 -47.82 6.33 -27.90
N ARG A 102 -46.61 6.04 -28.34
CA ARG A 102 -46.16 6.43 -29.68
C ARG A 102 -46.94 5.68 -30.76
N VAL A 103 -47.13 4.38 -30.57
CA VAL A 103 -47.85 3.54 -31.52
C VAL A 103 -49.32 3.93 -31.65
N LEU A 104 -50.02 4.04 -30.53
CA LEU A 104 -51.44 4.40 -30.57
C LEU A 104 -51.63 5.81 -31.09
N GLU A 105 -50.56 6.60 -31.05
CA GLU A 105 -50.59 7.97 -31.54
C GLU A 105 -50.78 7.93 -33.06
N ALA A 106 -49.92 7.16 -33.72
CA ALA A 106 -49.93 7.02 -35.17
C ALA A 106 -50.95 6.02 -35.74
N ALA A 107 -51.35 5.03 -34.94
CA ALA A 107 -52.30 4.02 -35.38
C ALA A 107 -53.28 3.66 -34.27
N PRO A 108 -54.13 4.63 -33.87
CA PRO A 108 -55.15 4.54 -32.82
C PRO A 108 -56.06 3.31 -32.83
N GLU A 109 -56.27 2.74 -34.01
CA GLU A 109 -57.15 1.58 -34.13
C GLU A 109 -56.43 0.23 -34.20
N ALA A 110 -55.11 0.27 -34.21
CA ALA A 110 -54.33 -0.96 -34.28
C ALA A 110 -54.53 -1.88 -33.08
N VAL A 111 -54.47 -3.18 -33.33
CA VAL A 111 -54.57 -4.16 -32.26
C VAL A 111 -53.12 -4.32 -31.85
N LEU A 112 -52.85 -4.32 -30.55
CA LEU A 112 -51.48 -4.47 -30.07
C LEU A 112 -51.13 -5.94 -29.81
N LEU A 113 -50.11 -6.43 -30.49
CA LEU A 113 -49.64 -7.80 -30.32
C LEU A 113 -48.35 -7.76 -29.54
N VAL A 114 -48.39 -8.17 -28.28
CA VAL A 114 -47.19 -8.18 -27.45
C VAL A 114 -46.40 -9.48 -27.63
N ALA A 115 -45.08 -9.32 -27.87
CA ALA A 115 -44.26 -10.51 -28.08
C ALA A 115 -43.09 -10.59 -27.09
N THR A 116 -42.77 -9.41 -26.51
CA THR A 116 -41.61 -9.32 -25.61
C THR A 116 -41.77 -10.17 -24.36
N ASN A 117 -40.73 -11.00 -24.07
CA ASN A 117 -40.77 -11.89 -22.91
C ASN A 117 -40.35 -11.19 -21.63
N PRO A 118 -40.99 -11.49 -20.48
CA PRO A 118 -42.08 -12.48 -20.31
C PRO A 118 -43.37 -11.88 -20.90
N VAL A 119 -43.93 -12.58 -21.88
CA VAL A 119 -45.10 -12.12 -22.59
C VAL A 119 -46.33 -11.81 -21.74
N ASP A 120 -46.65 -12.63 -20.75
CA ASP A 120 -47.83 -12.36 -19.93
C ASP A 120 -47.64 -11.08 -19.13
N VAL A 121 -46.44 -10.89 -18.59
CA VAL A 121 -46.17 -9.70 -17.81
C VAL A 121 -46.23 -8.47 -18.71
N MSE A 122 -45.52 -8.54 -19.84
CA MSE A 122 -45.50 -7.43 -20.78
C MSE A 122 -46.89 -7.16 -21.37
O MSE A 122 -47.20 -6.03 -21.73
CB MSE A 122 -44.49 -7.69 -21.90
CG MSE A 122 -43.05 -7.74 -21.42
SE MSE A 122 -42.57 -6.30 -20.15
CE MSE A 122 -42.87 -4.75 -21.24
N THR A 123 -47.71 -8.19 -21.45
CA THR A 123 -49.06 -8.01 -21.96
C THR A 123 -49.88 -7.16 -20.99
N GLN A 124 -49.68 -7.38 -19.69
CA GLN A 124 -50.39 -6.62 -18.66
C GLN A 124 -49.93 -5.17 -18.69
N VAL A 125 -48.62 -4.98 -18.83
CA VAL A 125 -48.05 -3.64 -18.88
C VAL A 125 -48.55 -2.88 -20.10
N ALA A 126 -48.64 -3.59 -21.22
CA ALA A 126 -49.12 -2.99 -22.47
C ALA A 126 -50.57 -2.56 -22.33
N TYR A 127 -51.35 -3.37 -21.63
CA TYR A 127 -52.76 -3.07 -21.41
C TYR A 127 -52.97 -1.84 -20.54
N ARG A 128 -52.32 -1.83 -19.37
CA ARG A 128 -52.44 -0.73 -18.42
C ARG A 128 -52.03 0.63 -19.02
N LEU A 129 -51.01 0.61 -19.86
CA LEU A 129 -50.47 1.83 -20.48
C LEU A 129 -51.30 2.32 -21.69
N SER A 130 -51.98 1.37 -22.37
CA SER A 130 -52.65 1.71 -23.62
C SER A 130 -53.86 2.62 -23.43
N GLY A 131 -54.71 2.27 -22.46
CA GLY A 131 -55.97 2.99 -22.30
C GLY A 131 -57.05 2.42 -23.23
N LEU A 132 -56.77 1.23 -23.78
CA LEU A 132 -57.76 0.56 -24.60
C LEU A 132 -58.55 -0.46 -23.79
N PRO A 133 -59.65 -0.95 -24.39
CA PRO A 133 -60.37 -2.07 -23.81
C PRO A 133 -59.46 -3.31 -23.82
N PRO A 134 -59.61 -4.21 -22.85
CA PRO A 134 -58.81 -5.44 -22.75
C PRO A 134 -58.51 -6.22 -24.04
N GLY A 135 -59.55 -6.49 -24.82
CA GLY A 135 -59.41 -7.26 -26.05
C GLY A 135 -58.46 -6.78 -27.13
N ARG A 136 -58.04 -5.51 -27.08
CA ARG A 136 -57.14 -5.01 -28.10
C ARG A 136 -55.65 -5.12 -27.83
N VAL A 137 -55.29 -5.68 -26.68
CA VAL A 137 -53.88 -5.90 -26.35
C VAL A 137 -53.75 -7.41 -26.20
N VAL A 138 -53.06 -8.04 -27.16
CA VAL A 138 -52.93 -9.48 -27.16
C VAL A 138 -51.50 -9.99 -27.17
N GLY A 139 -51.20 -10.91 -26.26
CA GLY A 139 -49.88 -11.47 -26.18
C GLY A 139 -49.88 -12.84 -26.82
N SER A 140 -48.80 -13.19 -27.52
CA SER A 140 -48.72 -14.49 -28.19
C SER A 140 -49.01 -15.62 -27.23
N GLY A 141 -48.63 -15.42 -25.96
CA GLY A 141 -48.89 -16.43 -24.95
C GLY A 141 -48.33 -17.80 -25.21
N THR A 142 -49.18 -18.81 -25.04
CA THR A 142 -48.82 -20.21 -25.22
C THR A 142 -49.19 -20.83 -26.57
N ILE A 143 -49.43 -20.02 -27.61
CA ILE A 143 -49.80 -20.60 -28.90
C ILE A 143 -48.83 -21.63 -29.43
N LEU A 144 -47.54 -21.38 -29.24
CA LEU A 144 -46.51 -22.30 -29.69
C LEU A 144 -46.53 -23.61 -28.91
N ASP A 145 -46.74 -23.52 -27.60
CA ASP A 145 -46.76 -24.72 -26.77
C ASP A 145 -48.04 -25.51 -26.98
N THR A 146 -49.15 -24.80 -27.14
CA THR A 146 -50.40 -25.49 -27.40
C THR A 146 -50.25 -26.27 -28.70
N ALA A 147 -49.67 -25.65 -29.72
CA ALA A 147 -49.48 -26.30 -31.02
C ALA A 147 -48.54 -27.51 -30.93
N ARG A 148 -47.49 -27.40 -30.13
CA ARG A 148 -46.55 -28.50 -29.97
C ARG A 148 -47.21 -29.64 -29.20
N PHE A 149 -48.11 -29.28 -28.28
CA PHE A 149 -48.82 -30.25 -27.48
C PHE A 149 -49.72 -31.09 -28.38
N ARG A 150 -50.38 -30.44 -29.34
CA ARG A 150 -51.24 -31.16 -30.27
C ARG A 150 -50.42 -32.03 -31.22
N ALA A 151 -49.33 -31.47 -31.71
CA ALA A 151 -48.47 -32.19 -32.64
C ALA A 151 -47.98 -33.47 -31.97
N LEU A 152 -47.53 -33.35 -30.73
CA LEU A 152 -47.02 -34.48 -29.96
C LEU A 152 -48.12 -35.53 -29.73
N LEU A 153 -49.31 -35.08 -29.36
CA LEU A 153 -50.42 -36.00 -29.13
C LEU A 153 -50.79 -36.70 -30.43
N ALA A 154 -50.74 -35.96 -31.54
CA ALA A 154 -51.08 -36.49 -32.86
C ALA A 154 -50.03 -37.48 -33.34
N GLU A 155 -48.76 -37.21 -33.03
CA GLU A 155 -47.67 -38.11 -33.44
C GLU A 155 -47.81 -39.42 -32.69
N TYR A 156 -48.26 -39.31 -31.44
CA TYR A 156 -48.42 -40.50 -30.60
C TYR A 156 -49.64 -41.31 -31.02
N LEU A 157 -50.74 -40.62 -31.32
CA LEU A 157 -51.97 -41.30 -31.73
C LEU A 157 -51.97 -41.72 -33.21
N ARG A 158 -51.04 -41.17 -33.97
CA ARG A 158 -50.96 -41.48 -35.40
C ARG A 158 -52.22 -40.95 -36.08
N VAL A 159 -52.50 -39.69 -35.79
CA VAL A 159 -53.66 -38.99 -36.33
C VAL A 159 -53.14 -37.60 -36.73
N ALA A 160 -53.95 -36.82 -37.45
CA ALA A 160 -53.52 -35.50 -37.88
C ALA A 160 -53.73 -34.43 -36.79
N PRO A 161 -52.77 -33.51 -36.65
CA PRO A 161 -52.84 -32.44 -35.66
C PRO A 161 -54.15 -31.63 -35.68
N GLN A 162 -54.77 -31.54 -36.86
CA GLN A 162 -56.01 -30.78 -37.04
C GLN A 162 -57.20 -31.43 -36.31
N SER A 163 -57.10 -32.74 -36.10
CA SER A 163 -58.16 -33.49 -35.42
C SER A 163 -58.01 -33.47 -33.91
N VAL A 164 -56.80 -33.17 -33.45
CA VAL A 164 -56.51 -33.11 -32.02
C VAL A 164 -56.82 -31.76 -31.42
N HIS A 165 -57.62 -31.78 -30.34
CA HIS A 165 -58.00 -30.58 -29.63
C HIS A 165 -57.35 -30.57 -28.24
N ALA A 166 -56.32 -29.76 -28.05
CA ALA A 166 -55.65 -29.67 -26.76
C ALA A 166 -55.17 -28.26 -26.48
N TYR A 167 -55.17 -27.89 -25.20
CA TYR A 167 -54.75 -26.56 -24.78
C TYR A 167 -53.67 -26.53 -23.72
N VAL A 168 -52.81 -25.52 -23.80
CA VAL A 168 -51.78 -25.29 -22.81
C VAL A 168 -52.21 -23.89 -22.37
N LEU A 169 -52.55 -23.75 -21.09
CA LEU A 169 -53.03 -22.47 -20.56
C LEU A 169 -52.12 -21.85 -19.51
N GLY A 170 -52.47 -20.63 -19.10
CA GLY A 170 -51.72 -19.93 -18.08
C GLY A 170 -50.51 -19.14 -18.52
N GLU A 171 -49.51 -19.09 -17.65
CA GLU A 171 -48.27 -18.37 -17.91
C GLU A 171 -47.50 -19.01 -19.04
N HIS A 172 -46.90 -18.19 -19.89
CA HIS A 172 -46.10 -18.78 -20.92
C HIS A 172 -44.74 -19.02 -20.33
N GLY A 173 -44.63 -20.19 -19.72
CA GLY A 173 -43.40 -20.54 -19.06
C GLY A 173 -43.50 -21.83 -18.26
N ASP A 174 -42.69 -21.91 -17.21
CA ASP A 174 -42.62 -23.09 -16.36
C ASP A 174 -43.92 -23.48 -15.68
N SER A 175 -44.77 -22.51 -15.36
CA SER A 175 -46.02 -22.86 -14.71
C SER A 175 -47.19 -23.08 -15.67
N GLU A 176 -46.92 -23.26 -16.97
CA GLU A 176 -48.04 -23.46 -17.90
C GLU A 176 -48.73 -24.79 -17.59
N VAL A 177 -50.01 -24.88 -17.97
CA VAL A 177 -50.81 -26.05 -17.71
C VAL A 177 -51.27 -26.83 -18.95
N LEU A 178 -50.93 -28.10 -19.02
CA LEU A 178 -51.39 -28.93 -20.14
C LEU A 178 -52.74 -29.48 -19.73
N VAL A 179 -53.79 -29.08 -20.44
CA VAL A 179 -55.12 -29.55 -20.13
C VAL A 179 -55.34 -30.95 -20.69
N TRP A 180 -54.86 -31.95 -19.95
CA TRP A 180 -55.01 -33.35 -20.37
C TRP A 180 -56.44 -33.86 -20.26
N SER A 181 -57.14 -33.44 -19.21
CA SER A 181 -58.51 -33.91 -18.96
C SER A 181 -59.53 -33.71 -20.05
N SER A 182 -59.64 -32.50 -20.61
CA SER A 182 -60.63 -32.27 -21.65
C SER A 182 -60.09 -32.31 -23.08
N ALA A 183 -58.83 -32.75 -23.22
CA ALA A 183 -58.21 -32.85 -24.53
C ALA A 183 -59.03 -33.83 -25.36
N GLN A 184 -59.25 -33.50 -26.62
CA GLN A 184 -60.08 -34.35 -27.48
C GLN A 184 -59.51 -34.64 -28.87
N VAL A 185 -59.98 -35.73 -29.46
CA VAL A 185 -59.60 -36.13 -30.80
C VAL A 185 -60.90 -36.44 -31.51
N GLY A 186 -61.18 -35.72 -32.59
CA GLY A 186 -62.41 -35.94 -33.32
C GLY A 186 -63.62 -35.71 -32.44
N GLY A 187 -63.48 -34.83 -31.44
CA GLY A 187 -64.59 -34.55 -30.54
C GLY A 187 -64.68 -35.52 -29.38
N VAL A 188 -64.01 -36.66 -29.51
CA VAL A 188 -64.00 -37.70 -28.51
C VAL A 188 -62.88 -37.44 -27.48
N PRO A 189 -63.06 -37.89 -26.23
CA PRO A 189 -62.04 -37.69 -25.20
C PRO A 189 -60.73 -38.40 -25.52
N LEU A 190 -59.63 -37.64 -25.55
CA LEU A 190 -58.30 -38.17 -25.85
C LEU A 190 -57.92 -39.43 -25.10
N LEU A 191 -57.80 -39.31 -23.78
CA LEU A 191 -57.42 -40.43 -22.92
C LEU A 191 -58.26 -41.66 -23.23
N GLU A 192 -59.57 -41.48 -23.27
CA GLU A 192 -60.48 -42.57 -23.57
C GLU A 192 -60.15 -43.17 -24.93
N PHE A 193 -60.21 -42.36 -25.97
CA PHE A 193 -59.92 -42.80 -27.34
C PHE A 193 -58.61 -43.55 -27.47
N ALA A 194 -57.58 -43.08 -26.78
CA ALA A 194 -56.27 -43.72 -26.84
C ALA A 194 -56.23 -45.07 -26.12
N GLU A 195 -56.92 -45.18 -24.99
CA GLU A 195 -56.93 -46.41 -24.22
C GLU A 195 -57.45 -47.60 -25.02
N ALA A 196 -57.95 -47.32 -26.22
CA ALA A 196 -58.48 -48.38 -27.06
C ALA A 196 -57.75 -48.47 -28.40
N ARG A 197 -58.17 -47.63 -29.33
CA ARG A 197 -57.62 -47.60 -30.68
C ARG A 197 -56.19 -47.11 -30.87
N ALA A 200 -52.97 -46.30 -25.47
CA ALA A 200 -53.30 -45.52 -24.27
C ALA A 200 -52.17 -44.58 -23.86
N LEU A 201 -52.33 -43.95 -22.69
CA LEU A 201 -51.39 -42.92 -22.28
C LEU A 201 -50.90 -43.10 -20.84
N SER A 202 -49.73 -43.76 -20.72
CA SER A 202 -49.18 -44.01 -19.38
C SER A 202 -48.50 -42.75 -18.81
N PRO A 203 -48.39 -42.66 -17.47
CA PRO A 203 -47.78 -41.50 -16.84
C PRO A 203 -46.42 -41.21 -17.46
N GLU A 204 -45.72 -42.25 -17.91
CA GLU A 204 -44.43 -42.06 -18.53
C GLU A 204 -44.60 -41.41 -19.89
N ASP A 205 -45.72 -41.70 -20.55
CA ASP A 205 -45.99 -41.12 -21.87
C ASP A 205 -46.38 -39.66 -21.70
N ARG A 206 -47.17 -39.37 -20.67
CA ARG A 206 -47.59 -37.99 -20.43
C ARG A 206 -46.41 -37.14 -19.99
N ALA A 207 -45.54 -37.71 -19.16
CA ALA A 207 -44.37 -36.98 -18.67
C ALA A 207 -43.44 -36.63 -19.84
N ARG A 208 -43.24 -37.59 -20.73
CA ARG A 208 -42.37 -37.39 -21.89
C ARG A 208 -42.94 -36.31 -22.83
N ILE A 209 -44.25 -36.23 -22.91
CA ILE A 209 -44.90 -35.23 -23.74
C ILE A 209 -44.82 -33.88 -23.03
N ASP A 210 -45.12 -33.87 -21.74
CA ASP A 210 -45.06 -32.66 -20.92
C ASP A 210 -43.71 -31.98 -21.11
N GLU A 211 -42.65 -32.77 -21.05
CA GLU A 211 -41.30 -32.24 -21.19
C GLU A 211 -41.01 -31.78 -22.62
N GLY A 212 -41.59 -32.46 -23.60
CA GLY A 212 -41.38 -32.08 -24.99
C GLY A 212 -42.00 -30.72 -25.27
N VAL A 213 -42.99 -30.38 -24.47
CA VAL A 213 -43.69 -29.11 -24.62
C VAL A 213 -43.11 -28.02 -23.73
N ARG A 214 -43.14 -28.28 -22.43
CA ARG A 214 -42.68 -27.35 -21.40
C ARG A 214 -41.21 -26.96 -21.44
N ARG A 215 -40.34 -27.85 -21.89
CA ARG A 215 -38.91 -27.52 -21.90
C ARG A 215 -38.32 -27.15 -23.26
N ALA A 216 -39.16 -27.07 -24.28
CA ALA A 216 -38.69 -26.72 -25.61
C ALA A 216 -37.98 -25.36 -25.65
N ALA A 217 -38.59 -24.34 -25.06
CA ALA A 217 -37.97 -23.01 -25.08
C ALA A 217 -36.62 -23.06 -24.39
N TYR A 218 -36.58 -23.74 -23.26
CA TYR A 218 -35.37 -23.90 -22.47
C TYR A 218 -34.29 -24.57 -23.32
N ARG A 219 -34.64 -25.68 -23.96
CA ARG A 219 -33.66 -26.35 -24.78
C ARG A 219 -33.14 -25.45 -25.90
N ILE A 220 -34.03 -24.68 -26.52
CA ILE A 220 -33.64 -23.80 -27.62
C ILE A 220 -32.73 -22.68 -27.14
N ILE A 221 -33.11 -22.02 -26.05
CA ILE A 221 -32.26 -20.94 -25.50
C ILE A 221 -30.89 -21.50 -25.14
N GLU A 222 -30.89 -22.72 -24.61
CA GLU A 222 -29.67 -23.37 -24.17
C GLU A 222 -28.62 -23.57 -25.26
N GLY A 223 -29.05 -23.92 -26.47
CA GLY A 223 -28.07 -24.15 -27.51
C GLY A 223 -28.04 -23.11 -28.62
N LYS A 224 -28.84 -22.06 -28.46
CA LYS A 224 -28.94 -21.03 -29.49
C LYS A 224 -28.87 -19.62 -28.91
N GLY A 225 -29.20 -19.49 -27.63
CA GLY A 225 -29.16 -18.18 -27.00
C GLY A 225 -30.51 -17.46 -26.94
N ALA A 226 -31.39 -17.79 -27.87
CA ALA A 226 -32.72 -17.17 -27.93
C ALA A 226 -33.60 -17.93 -28.91
N THR A 227 -34.90 -17.65 -28.86
CA THR A 227 -35.87 -18.27 -29.76
C THR A 227 -36.48 -17.14 -30.57
N TYR A 228 -36.81 -17.41 -31.84
CA TYR A 228 -37.44 -16.40 -32.68
C TYR A 228 -38.19 -16.99 -33.88
N TYR A 229 -37.61 -18.01 -34.51
CA TYR A 229 -38.25 -18.63 -35.65
C TYR A 229 -39.65 -19.11 -35.31
N GLY A 230 -39.79 -19.77 -34.17
CA GLY A 230 -41.09 -20.28 -33.79
C GLY A 230 -42.13 -19.20 -33.55
N ILE A 231 -41.75 -18.18 -32.79
CA ILE A 231 -42.68 -17.10 -32.46
C ILE A 231 -42.94 -16.23 -33.71
N GLY A 232 -41.98 -16.20 -34.63
CA GLY A 232 -42.15 -15.43 -35.85
C GLY A 232 -43.34 -15.91 -36.65
N ALA A 233 -43.46 -17.22 -36.82
CA ALA A 233 -44.59 -17.79 -37.56
C ALA A 233 -45.87 -17.73 -36.73
N GLY A 234 -45.73 -17.93 -35.42
CA GLY A 234 -46.88 -17.89 -34.54
C GLY A 234 -47.50 -16.49 -34.58
N LEU A 235 -46.64 -15.49 -34.52
CA LEU A 235 -47.13 -14.13 -34.59
C LEU A 235 -47.72 -13.90 -35.96
N ALA A 236 -47.05 -14.40 -36.99
CA ALA A 236 -47.57 -14.27 -38.33
C ALA A 236 -49.01 -14.78 -38.39
N ARG A 237 -49.25 -15.94 -37.78
CA ARG A 237 -50.59 -16.51 -37.79
C ARG A 237 -51.59 -15.64 -37.04
N LEU A 238 -51.17 -15.07 -35.91
CA LEU A 238 -52.06 -14.23 -35.12
C LEU A 238 -52.39 -12.98 -35.93
N VAL A 239 -51.40 -12.45 -36.64
CA VAL A 239 -51.62 -11.28 -37.47
C VAL A 239 -52.61 -11.59 -38.61
N ARG A 240 -52.51 -12.77 -39.22
CA ARG A 240 -53.43 -13.14 -40.29
C ARG A 240 -54.86 -13.19 -39.77
N ALA A 241 -55.01 -13.73 -38.55
CA ALA A 241 -56.31 -13.84 -37.92
C ALA A 241 -56.95 -12.45 -37.71
N ILE A 242 -56.13 -11.49 -37.31
CA ILE A 242 -56.65 -10.14 -37.10
C ILE A 242 -56.98 -9.49 -38.45
N LEU A 243 -56.08 -9.66 -39.43
CA LEU A 243 -56.23 -9.09 -40.76
C LEU A 243 -57.46 -9.59 -41.50
N THR A 244 -57.76 -10.87 -41.35
CA THR A 244 -58.90 -11.47 -42.03
C THR A 244 -60.13 -11.54 -41.14
N ASP A 245 -60.04 -11.02 -39.92
CA ASP A 245 -61.17 -11.06 -39.00
C ASP A 245 -61.70 -12.49 -38.89
N GLU A 246 -60.76 -13.43 -38.84
CA GLU A 246 -61.06 -14.86 -38.75
C GLU A 246 -61.96 -15.32 -37.62
N LYS A 247 -61.80 -14.76 -36.43
CA LYS A 247 -62.59 -15.17 -35.26
C LYS A 247 -62.17 -16.59 -34.89
N GLY A 248 -60.89 -16.89 -35.05
CA GLY A 248 -60.40 -18.20 -34.69
C GLY A 248 -60.02 -18.29 -33.21
N VAL A 249 -60.06 -19.49 -32.65
CA VAL A 249 -59.73 -19.70 -31.25
C VAL A 249 -58.25 -19.98 -31.01
N TYR A 250 -57.61 -19.09 -30.27
CA TYR A 250 -56.19 -19.25 -29.94
C TYR A 250 -55.95 -19.05 -28.43
N THR A 251 -54.96 -19.76 -27.89
CA THR A 251 -54.60 -19.62 -26.48
C THR A 251 -53.61 -18.47 -26.43
N VAL A 252 -54.12 -17.26 -26.25
CA VAL A 252 -53.29 -16.08 -26.21
C VAL A 252 -53.46 -15.34 -24.92
N SER A 253 -52.49 -14.51 -24.59
CA SER A 253 -52.52 -13.74 -23.35
C SER A 253 -53.28 -12.44 -23.48
N ALA A 254 -54.15 -12.17 -22.52
CA ALA A 254 -54.92 -10.95 -22.51
C ALA A 254 -55.34 -10.66 -21.08
N PHE A 255 -55.53 -9.37 -20.79
CA PHE A 255 -55.97 -8.96 -19.47
C PHE A 255 -57.30 -9.66 -19.20
N THR A 256 -57.32 -10.46 -18.14
CA THR A 256 -58.48 -11.23 -17.74
C THR A 256 -59.00 -10.71 -16.40
N PRO A 257 -60.28 -10.30 -16.35
CA PRO A 257 -60.92 -9.78 -15.13
C PRO A 257 -60.72 -10.65 -13.90
N GLU A 258 -61.00 -11.94 -14.07
CA GLU A 258 -60.86 -12.90 -12.99
C GLU A 258 -60.62 -14.26 -13.59
N VAL A 259 -59.67 -14.99 -13.02
CA VAL A 259 -59.40 -16.32 -13.49
C VAL A 259 -59.06 -17.21 -12.32
N GLU A 260 -60.00 -18.10 -12.01
CA GLU A 260 -59.79 -19.06 -10.95
C GLU A 260 -59.51 -18.38 -9.60
N GLY A 261 -60.03 -17.17 -9.40
CA GLY A 261 -59.81 -16.51 -8.13
C GLY A 261 -58.96 -15.26 -8.16
N VAL A 262 -57.86 -15.28 -8.93
CA VAL A 262 -57.02 -14.12 -8.99
C VAL A 262 -57.66 -13.05 -9.85
N LEU A 263 -57.44 -11.79 -9.50
CA LEU A 263 -58.08 -10.69 -10.22
C LEU A 263 -57.13 -9.83 -11.06
N GLU A 264 -57.66 -9.32 -12.17
CA GLU A 264 -56.93 -8.45 -13.07
C GLU A 264 -55.51 -8.89 -13.39
N VAL A 265 -55.39 -10.02 -14.09
CA VAL A 265 -54.10 -10.57 -14.48
C VAL A 265 -54.16 -11.02 -15.96
N SER A 266 -53.01 -10.99 -16.64
CA SER A 266 -52.96 -11.40 -18.03
C SER A 266 -52.29 -12.76 -18.20
N LEU A 267 -53.01 -13.72 -18.78
CA LEU A 267 -52.48 -15.06 -19.02
C LEU A 267 -53.22 -15.67 -20.22
N SER A 268 -52.73 -16.81 -20.70
CA SER A 268 -53.32 -17.48 -21.84
C SER A 268 -54.57 -18.30 -21.52
N LEU A 269 -55.60 -18.09 -22.33
CA LEU A 269 -56.86 -18.82 -22.26
C LEU A 269 -57.35 -18.92 -23.71
N PRO A 270 -58.21 -19.91 -24.01
CA PRO A 270 -58.69 -20.02 -25.38
C PRO A 270 -59.52 -18.79 -25.71
N ARG A 271 -59.02 -17.97 -26.63
CA ARG A 271 -59.74 -16.75 -27.00
C ARG A 271 -60.08 -16.64 -28.48
N ILE A 272 -61.22 -16.02 -28.77
CA ILE A 272 -61.68 -15.82 -30.13
C ILE A 272 -60.96 -14.59 -30.66
N LEU A 273 -60.18 -14.75 -31.73
CA LEU A 273 -59.41 -13.63 -32.26
C LEU A 273 -59.88 -13.10 -33.62
N GLY A 274 -60.09 -11.78 -33.67
CA GLY A 274 -60.54 -11.16 -34.91
C GLY A 274 -59.97 -9.77 -35.13
N ALA A 275 -60.60 -9.03 -36.04
CA ALA A 275 -60.16 -7.68 -36.40
C ALA A 275 -60.03 -6.70 -35.23
N GLY A 276 -60.80 -6.90 -34.17
CA GLY A 276 -60.74 -5.98 -33.04
C GLY A 276 -59.96 -6.49 -31.83
N GLY A 277 -59.28 -7.63 -32.00
CA GLY A 277 -58.52 -8.18 -30.91
C GLY A 277 -59.24 -9.41 -30.42
N VAL A 278 -59.11 -9.71 -29.13
CA VAL A 278 -59.78 -10.87 -28.57
C VAL A 278 -61.23 -10.43 -28.45
N GLU A 279 -62.12 -11.39 -28.67
CA GLU A 279 -63.56 -11.11 -28.72
C GLU A 279 -64.40 -12.04 -27.83
N GLY A 280 -63.75 -12.78 -26.94
CA GLY A 280 -64.49 -13.68 -26.08
C GLY A 280 -63.65 -14.87 -25.65
N THR A 281 -63.82 -15.29 -24.42
CA THR A 281 -63.05 -16.40 -23.88
C THR A 281 -63.82 -17.70 -23.96
N VAL A 282 -63.13 -18.79 -24.24
CA VAL A 282 -63.76 -20.10 -24.32
C VAL A 282 -63.20 -21.00 -23.22
N TYR A 283 -63.91 -21.06 -22.10
CA TYR A 283 -63.46 -21.85 -20.96
C TYR A 283 -63.73 -23.34 -21.12
N PRO A 284 -62.67 -24.14 -21.28
CA PRO A 284 -62.85 -25.58 -21.42
C PRO A 284 -62.97 -26.21 -20.04
N SER A 285 -63.32 -27.48 -20.00
CA SER A 285 -63.46 -28.18 -18.74
C SER A 285 -62.08 -28.44 -18.13
N LEU A 286 -61.92 -28.09 -16.86
CA LEU A 286 -60.66 -28.29 -16.16
C LEU A 286 -60.86 -29.21 -14.97
N SER A 287 -59.86 -30.03 -14.69
CA SER A 287 -59.91 -30.95 -13.57
C SER A 287 -59.41 -30.19 -12.35
N PRO A 288 -59.77 -30.65 -11.14
CA PRO A 288 -59.32 -29.97 -9.91
C PRO A 288 -57.83 -29.63 -9.95
N GLU A 289 -57.01 -30.63 -10.30
CA GLU A 289 -55.57 -30.45 -10.38
C GLU A 289 -55.22 -29.33 -11.35
N GLU A 290 -55.78 -29.39 -12.56
CA GLU A 290 -55.54 -28.38 -13.56
C GLU A 290 -55.98 -26.98 -13.10
N ARG A 291 -57.18 -26.91 -12.54
CA ARG A 291 -57.73 -25.65 -12.04
C ARG A 291 -56.71 -25.06 -11.07
N GLU A 292 -56.18 -25.92 -10.22
CA GLU A 292 -55.23 -25.51 -9.21
C GLU A 292 -53.94 -25.00 -9.82
N ALA A 293 -53.45 -25.71 -10.83
CA ALA A 293 -52.21 -25.32 -11.50
C ALA A 293 -52.41 -23.96 -12.18
N LEU A 294 -53.58 -23.79 -12.77
CA LEU A 294 -53.92 -22.55 -13.46
C LEU A 294 -54.02 -21.43 -12.42
N ARG A 295 -54.53 -21.77 -11.23
CA ARG A 295 -54.67 -20.81 -10.14
C ARG A 295 -53.26 -20.42 -9.68
N ARG A 296 -52.41 -21.44 -9.58
CA ARG A 296 -51.03 -21.26 -9.15
C ARG A 296 -50.30 -20.34 -10.13
N SER A 297 -50.40 -20.68 -11.42
CA SER A 297 -49.75 -19.91 -12.48
C SER A 297 -50.24 -18.47 -12.49
N ALA A 298 -51.54 -18.29 -12.24
CA ALA A 298 -52.12 -16.95 -12.22
C ALA A 298 -51.58 -16.11 -11.09
N GLU A 299 -51.42 -16.74 -9.92
CA GLU A 299 -50.88 -16.05 -8.74
C GLU A 299 -49.49 -15.52 -9.01
N ILE A 300 -48.62 -16.39 -9.54
CA ILE A 300 -47.25 -16.02 -9.89
C ILE A 300 -47.20 -14.73 -10.72
N LEU A 301 -48.06 -14.65 -11.73
CA LEU A 301 -48.11 -13.47 -12.62
C LEU A 301 -48.71 -12.25 -11.91
N LYS A 302 -49.74 -12.48 -11.10
CA LYS A 302 -50.36 -11.38 -10.37
C LYS A 302 -49.31 -10.76 -9.46
N GLU A 303 -48.48 -11.62 -8.87
CA GLU A 303 -47.43 -11.17 -7.98
C GLU A 303 -46.42 -10.29 -8.72
N ALA A 304 -45.93 -10.78 -9.86
CA ALA A 304 -44.98 -10.00 -10.66
C ALA A 304 -45.64 -8.67 -11.00
N ALA A 305 -46.90 -8.74 -11.38
CA ALA A 305 -47.67 -7.55 -11.73
C ALA A 305 -47.61 -6.52 -10.59
N PHE A 306 -47.96 -6.93 -9.37
CA PHE A 306 -47.91 -6.00 -8.25
C PHE A 306 -46.52 -5.43 -8.03
N ALA A 307 -45.53 -6.32 -8.00
CA ALA A 307 -44.14 -5.91 -7.77
C ALA A 307 -43.67 -4.88 -8.79
N LEU A 308 -44.32 -4.86 -9.95
CA LEU A 308 -43.95 -3.96 -11.02
C LEU A 308 -44.78 -2.69 -11.09
N GLY A 309 -45.91 -2.68 -10.38
CA GLY A 309 -46.79 -1.53 -10.39
C GLY A 309 -47.84 -1.58 -11.48
N PHE A 310 -48.37 -2.76 -11.73
CA PHE A 310 -49.40 -2.95 -12.74
C PHE A 310 -50.46 -3.93 -12.23
N MSE B 1 -39.86 -34.06 -50.71
CA MSE B 1 -38.73 -35.01 -50.50
C MSE B 1 -37.85 -34.67 -49.31
O MSE B 1 -38.33 -34.21 -48.28
CB MSE B 1 -37.85 -35.09 -51.75
CG MSE B 1 -38.55 -35.64 -52.99
SE MSE B 1 -38.97 -34.26 -54.27
CE MSE B 1 -40.59 -33.55 -53.44
N LYS B 2 -36.55 -34.90 -49.47
CA LYS B 2 -35.58 -34.66 -48.42
C LYS B 2 -34.39 -33.79 -48.84
N VAL B 3 -34.17 -32.72 -48.09
CA VAL B 3 -33.06 -31.82 -48.35
C VAL B 3 -32.18 -31.71 -47.09
N GLY B 4 -30.88 -31.52 -47.31
CA GLY B 4 -29.95 -31.40 -46.19
C GLY B 4 -29.24 -30.06 -46.14
N ILE B 5 -28.84 -29.66 -44.94
CA ILE B 5 -28.14 -28.39 -44.74
C ILE B 5 -26.97 -28.58 -43.80
N VAL B 6 -25.76 -28.34 -44.30
CA VAL B 6 -24.54 -28.47 -43.50
C VAL B 6 -24.03 -27.08 -43.15
N GLY B 7 -24.13 -26.75 -41.86
CA GLY B 7 -23.73 -25.44 -41.39
C GLY B 7 -24.97 -24.82 -40.79
N SER B 8 -25.13 -24.97 -39.48
CA SER B 8 -26.30 -24.45 -38.80
C SER B 8 -26.14 -23.07 -38.21
N GLY B 9 -25.57 -22.17 -38.98
CA GLY B 9 -25.40 -20.80 -38.54
C GLY B 9 -26.65 -20.05 -38.97
N MSE B 10 -26.55 -18.73 -39.09
CA MSE B 10 -27.68 -17.91 -39.50
C MSE B 10 -28.20 -18.20 -40.91
O MSE B 10 -29.42 -18.30 -41.12
CB MSE B 10 -27.32 -16.43 -39.39
CG MSE B 10 -27.11 -15.98 -37.96
SE MSE B 10 -28.54 -16.62 -36.82
CE MSE B 10 -30.04 -15.68 -37.63
N VAL B 11 -27.30 -18.33 -41.87
CA VAL B 11 -27.68 -18.62 -43.26
C VAL B 11 -28.31 -20.00 -43.37
N GLY B 12 -27.60 -21.00 -42.87
CA GLY B 12 -28.11 -22.36 -42.92
C GLY B 12 -29.45 -22.50 -42.23
N SER B 13 -29.63 -21.84 -41.10
CA SER B 13 -30.91 -21.96 -40.39
C SER B 13 -32.00 -21.12 -41.06
N ALA B 14 -31.61 -19.98 -41.62
CA ALA B 14 -32.59 -19.12 -42.29
C ALA B 14 -33.14 -19.91 -43.47
N THR B 15 -32.26 -20.62 -44.15
CA THR B 15 -32.63 -21.45 -45.30
C THR B 15 -33.66 -22.47 -44.91
N ALA B 16 -33.44 -23.12 -43.76
CA ALA B 16 -34.36 -24.14 -43.27
C ALA B 16 -35.70 -23.50 -42.94
N TYR B 17 -35.67 -22.31 -42.34
CA TYR B 17 -36.91 -21.61 -41.98
C TYR B 17 -37.69 -21.30 -43.25
N ALA B 18 -36.95 -20.97 -44.32
CA ALA B 18 -37.59 -20.66 -45.61
C ALA B 18 -38.13 -21.95 -46.20
N LEU B 19 -37.32 -23.00 -46.15
CA LEU B 19 -37.74 -24.29 -46.66
C LEU B 19 -39.04 -24.72 -45.99
N ALA B 20 -39.12 -24.49 -44.69
CA ALA B 20 -40.31 -24.85 -43.92
C ALA B 20 -41.48 -23.92 -44.15
N LEU B 21 -41.26 -22.61 -44.08
CA LEU B 21 -42.35 -21.67 -44.30
C LEU B 21 -43.05 -21.81 -45.68
N LEU B 22 -42.27 -22.02 -46.74
CA LEU B 22 -42.78 -22.16 -48.10
C LEU B 22 -43.24 -23.57 -48.42
N GLY B 23 -42.98 -24.51 -47.51
CA GLY B 23 -43.38 -25.89 -47.72
C GLY B 23 -42.68 -26.55 -48.90
N VAL B 24 -41.40 -26.24 -49.09
CA VAL B 24 -40.67 -26.79 -50.21
C VAL B 24 -40.41 -28.30 -50.13
N ALA B 25 -39.93 -28.79 -49.01
CA ALA B 25 -39.66 -30.22 -48.90
C ALA B 25 -40.41 -30.88 -47.74
N ARG B 26 -40.36 -32.22 -47.72
CA ARG B 26 -41.02 -32.99 -46.67
C ARG B 26 -40.08 -33.12 -45.47
N GLU B 27 -38.78 -33.20 -45.76
CA GLU B 27 -37.82 -33.37 -44.69
C GLU B 27 -36.62 -32.45 -44.83
N VAL B 28 -36.24 -31.82 -43.73
CA VAL B 28 -35.10 -30.93 -43.71
C VAL B 28 -34.17 -31.33 -42.57
N VAL B 29 -32.92 -31.63 -42.92
CA VAL B 29 -31.94 -32.04 -41.93
C VAL B 29 -30.80 -31.05 -41.77
N LEU B 30 -30.61 -30.57 -40.55
CA LEU B 30 -29.55 -29.61 -40.22
C LEU B 30 -28.36 -30.35 -39.61
N VAL B 31 -27.19 -30.12 -40.18
CA VAL B 31 -25.97 -30.77 -39.73
C VAL B 31 -24.89 -29.76 -39.38
N ASP B 32 -24.37 -29.84 -38.16
CA ASP B 32 -23.29 -28.95 -37.71
C ASP B 32 -22.57 -29.66 -36.57
N LEU B 33 -21.24 -29.54 -36.54
CA LEU B 33 -20.46 -30.18 -35.48
C LEU B 33 -20.95 -29.76 -34.12
N ASP B 34 -21.53 -28.55 -34.05
CA ASP B 34 -22.10 -28.06 -32.80
C ASP B 34 -23.52 -28.64 -32.79
N ARG B 35 -23.63 -29.90 -32.39
CA ARG B 35 -24.91 -30.61 -32.35
C ARG B 35 -26.05 -29.86 -31.66
N LYS B 36 -25.77 -29.28 -30.50
CA LYS B 36 -26.78 -28.56 -29.75
C LYS B 36 -27.34 -27.35 -30.50
N LEU B 37 -26.50 -26.75 -31.34
CA LEU B 37 -26.93 -25.59 -32.12
C LEU B 37 -27.91 -26.02 -33.21
N ALA B 38 -27.55 -27.07 -33.96
CA ALA B 38 -28.42 -27.55 -35.00
C ALA B 38 -29.77 -27.98 -34.42
N GLN B 39 -29.73 -28.57 -33.23
CA GLN B 39 -30.96 -29.02 -32.56
C GLN B 39 -31.79 -27.85 -32.07
N ALA B 40 -31.13 -26.84 -31.54
CA ALA B 40 -31.84 -25.67 -31.03
C ALA B 40 -32.58 -25.09 -32.22
N HIS B 41 -31.86 -24.85 -33.31
CA HIS B 41 -32.38 -24.36 -34.57
C HIS B 41 -33.55 -25.21 -35.07
N ALA B 42 -33.29 -26.49 -35.25
CA ALA B 42 -34.35 -27.36 -35.77
C ALA B 42 -35.60 -27.34 -34.89
N GLU B 43 -35.39 -27.06 -33.59
CA GLU B 43 -36.54 -27.03 -32.69
C GLU B 43 -37.28 -25.68 -32.74
N ASP B 44 -36.49 -24.60 -32.88
CA ASP B 44 -37.11 -23.28 -33.06
C ASP B 44 -38.02 -23.27 -34.29
N ILE B 45 -37.52 -23.92 -35.35
CA ILE B 45 -38.26 -23.98 -36.60
C ILE B 45 -39.43 -24.95 -36.53
N LEU B 46 -39.22 -26.03 -35.75
CA LEU B 46 -40.33 -26.97 -35.60
C LEU B 46 -41.51 -26.36 -34.83
N HIS B 47 -41.24 -25.29 -34.08
CA HIS B 47 -42.31 -24.58 -33.39
C HIS B 47 -43.17 -23.79 -34.39
N ALA B 48 -42.59 -23.47 -35.55
CA ALA B 48 -43.28 -22.68 -36.56
C ALA B 48 -44.21 -23.51 -37.46
N THR B 49 -43.77 -24.73 -37.72
CA THR B 49 -44.44 -25.72 -38.55
C THR B 49 -45.97 -25.81 -38.47
N PRO B 50 -46.53 -25.87 -37.25
CA PRO B 50 -47.99 -25.96 -37.14
C PRO B 50 -48.68 -24.75 -37.78
N PHE B 51 -47.92 -23.67 -37.94
CA PHE B 51 -48.45 -22.44 -38.51
C PHE B 51 -48.03 -22.20 -39.95
N ALA B 52 -47.60 -23.26 -40.64
CA ALA B 52 -47.19 -23.13 -42.02
C ALA B 52 -47.41 -24.45 -42.73
N HIS B 53 -46.33 -25.20 -42.97
CA HIS B 53 -46.48 -26.47 -43.64
C HIS B 53 -45.90 -27.61 -42.84
N PRO B 54 -46.42 -28.81 -43.06
CA PRO B 54 -45.98 -30.04 -42.39
C PRO B 54 -44.59 -30.41 -42.89
N VAL B 55 -43.56 -29.80 -42.33
CA VAL B 55 -42.22 -30.12 -42.74
C VAL B 55 -41.49 -30.71 -41.54
N TRP B 56 -40.82 -31.84 -41.75
CA TRP B 56 -40.10 -32.45 -40.66
C TRP B 56 -38.69 -31.91 -40.63
N VAL B 57 -38.47 -30.90 -39.79
CA VAL B 57 -37.15 -30.30 -39.65
C VAL B 57 -36.48 -30.90 -38.43
N ARG B 58 -35.25 -31.38 -38.60
CA ARG B 58 -34.53 -31.97 -37.47
C ARG B 58 -33.03 -31.92 -37.69
N ALA B 59 -32.28 -32.09 -36.61
CA ALA B 59 -30.83 -32.07 -36.68
C ALA B 59 -30.34 -33.49 -36.92
N GLY B 60 -29.11 -33.62 -37.39
CA GLY B 60 -28.57 -34.94 -37.64
C GLY B 60 -27.11 -34.94 -38.01
N SER B 61 -26.58 -36.14 -38.22
CA SER B 61 -25.19 -36.31 -38.61
C SER B 61 -25.16 -36.47 -40.12
N TYR B 62 -23.96 -36.48 -40.70
CA TYR B 62 -23.85 -36.64 -42.15
C TYR B 62 -24.66 -37.87 -42.58
N GLY B 63 -24.62 -38.90 -41.76
CA GLY B 63 -25.37 -40.11 -42.06
C GLY B 63 -26.85 -39.88 -42.29
N ASP B 64 -27.42 -38.97 -41.52
CA ASP B 64 -28.85 -38.66 -41.64
C ASP B 64 -29.19 -38.00 -42.97
N LEU B 65 -28.16 -37.57 -43.72
CA LEU B 65 -28.36 -36.93 -45.01
C LEU B 65 -28.58 -37.96 -46.11
N GLU B 66 -28.86 -39.19 -45.71
CA GLU B 66 -29.06 -40.26 -46.67
C GLU B 66 -30.33 -40.08 -47.51
N GLY B 67 -30.18 -40.18 -48.83
CA GLY B 67 -31.32 -40.03 -49.72
C GLY B 67 -31.76 -38.61 -49.96
N ALA B 68 -30.92 -37.65 -49.59
CA ALA B 68 -31.25 -36.25 -49.83
C ALA B 68 -31.01 -35.94 -51.29
N ARG B 69 -32.00 -35.27 -51.90
CA ARG B 69 -31.85 -34.95 -53.30
C ARG B 69 -31.04 -33.64 -53.49
N ALA B 70 -30.92 -32.90 -52.37
CA ALA B 70 -30.11 -31.68 -52.41
C ALA B 70 -29.53 -31.37 -51.03
N VAL B 71 -28.30 -30.86 -51.00
CA VAL B 71 -27.62 -30.53 -49.75
C VAL B 71 -27.02 -29.11 -49.85
N VAL B 72 -27.37 -28.26 -48.89
CA VAL B 72 -26.89 -26.88 -48.87
C VAL B 72 -25.63 -26.72 -48.04
N LEU B 73 -24.55 -26.29 -48.68
CA LEU B 73 -23.28 -26.09 -47.99
C LEU B 73 -23.17 -24.63 -47.55
N ALA B 74 -23.49 -24.39 -46.28
CA ALA B 74 -23.42 -23.06 -45.70
C ALA B 74 -22.57 -23.07 -44.44
N ALA B 75 -21.36 -23.63 -44.54
CA ALA B 75 -20.46 -23.69 -43.40
C ALA B 75 -19.36 -22.65 -43.55
N GLY B 76 -18.71 -22.30 -42.45
CA GLY B 76 -17.64 -21.33 -42.52
C GLY B 76 -17.95 -19.95 -41.96
N VAL B 77 -17.15 -18.96 -42.35
CA VAL B 77 -17.33 -17.60 -41.86
C VAL B 77 -18.09 -16.63 -42.78
N ALA B 78 -17.36 -15.90 -43.62
CA ALA B 78 -17.99 -14.92 -44.51
C ALA B 78 -16.99 -14.39 -45.53
N ARG B 85 -8.82 -10.73 -48.24
CA ARG B 85 -8.99 -11.76 -47.21
C ARG B 85 -8.70 -13.14 -47.78
N LEU B 86 -7.55 -13.28 -48.43
CA LEU B 86 -7.15 -14.53 -49.06
C LEU B 86 -7.02 -15.74 -48.15
N GLN B 87 -6.38 -15.59 -46.99
CA GLN B 87 -6.22 -16.73 -46.08
C GLN B 87 -7.55 -17.32 -45.60
N LEU B 88 -8.55 -16.48 -45.43
CA LEU B 88 -9.87 -16.96 -45.00
C LEU B 88 -10.35 -18.00 -46.00
N LEU B 89 -10.20 -17.69 -47.28
CA LEU B 89 -10.60 -18.61 -48.32
C LEU B 89 -9.96 -19.98 -48.07
N ASP B 90 -8.67 -19.98 -47.76
CA ASP B 90 -7.96 -21.24 -47.51
C ASP B 90 -8.60 -22.02 -46.37
N ARG B 91 -8.93 -21.31 -45.30
CA ARG B 91 -9.55 -21.94 -44.15
C ARG B 91 -10.90 -22.53 -44.52
N ASN B 92 -11.73 -21.72 -45.18
CA ASN B 92 -13.04 -22.20 -45.62
C ASN B 92 -12.84 -23.39 -46.56
N ALA B 93 -11.79 -23.31 -47.36
CA ALA B 93 -11.45 -24.36 -48.32
C ALA B 93 -11.16 -25.66 -47.60
N GLN B 94 -10.46 -25.59 -46.47
CA GLN B 94 -10.17 -26.81 -45.73
C GLN B 94 -11.43 -27.39 -45.14
N VAL B 95 -12.37 -26.54 -44.73
CA VAL B 95 -13.63 -27.00 -44.17
C VAL B 95 -14.36 -27.83 -45.22
N PHE B 96 -14.35 -27.33 -46.45
CA PHE B 96 -15.03 -27.99 -47.57
C PHE B 96 -14.36 -29.33 -47.89
N ALA B 97 -13.01 -29.33 -47.81
CA ALA B 97 -12.30 -30.60 -48.00
C ALA B 97 -12.80 -31.65 -47.00
N GLN B 98 -13.23 -31.14 -45.84
CA GLN B 98 -13.75 -32.00 -44.78
C GLN B 98 -15.21 -32.38 -45.02
N VAL B 99 -16.00 -31.43 -45.52
CA VAL B 99 -17.42 -31.67 -45.73
C VAL B 99 -17.83 -32.37 -47.02
N VAL B 100 -17.42 -31.82 -48.16
CA VAL B 100 -17.77 -32.39 -49.47
C VAL B 100 -17.71 -33.92 -49.53
N PRO B 101 -16.62 -34.53 -49.02
CA PRO B 101 -16.54 -35.98 -49.06
C PRO B 101 -17.60 -36.66 -48.19
N ARG B 102 -17.67 -36.22 -46.93
CA ARG B 102 -18.61 -36.76 -45.95
C ARG B 102 -20.06 -36.70 -46.43
N VAL B 103 -20.36 -35.74 -47.29
CA VAL B 103 -21.70 -35.58 -47.81
C VAL B 103 -21.97 -36.55 -48.95
N LEU B 104 -21.16 -36.40 -50.03
CA LEU B 104 -21.30 -37.31 -51.15
C LEU B 104 -21.22 -38.78 -50.69
N GLU B 105 -20.69 -38.97 -49.47
CA GLU B 105 -20.59 -40.31 -48.93
C GLU B 105 -21.96 -40.88 -48.52
N ALA B 106 -22.78 -40.01 -47.93
CA ALA B 106 -24.10 -40.42 -47.42
C ALA B 106 -25.19 -40.24 -48.45
N ALA B 107 -25.03 -39.24 -49.31
CA ALA B 107 -25.99 -38.95 -50.37
C ALA B 107 -25.20 -38.75 -51.66
N PRO B 108 -24.70 -39.85 -52.24
CA PRO B 108 -23.90 -39.82 -53.48
C PRO B 108 -24.57 -39.10 -54.65
N GLU B 109 -25.90 -39.14 -54.69
CA GLU B 109 -26.65 -38.54 -55.78
C GLU B 109 -27.26 -37.15 -55.53
N ALA B 110 -26.88 -36.48 -54.45
CA ALA B 110 -27.44 -35.18 -54.14
C ALA B 110 -26.77 -34.04 -54.89
N VAL B 111 -27.53 -32.99 -55.17
CA VAL B 111 -26.98 -31.82 -55.82
C VAL B 111 -26.43 -30.94 -54.70
N LEU B 112 -25.24 -30.38 -54.88
CA LEU B 112 -24.62 -29.53 -53.88
C LEU B 112 -24.90 -28.05 -54.15
N LEU B 113 -25.45 -27.38 -53.15
CA LEU B 113 -25.78 -25.97 -53.26
C LEU B 113 -24.86 -25.13 -52.39
N VAL B 114 -23.78 -24.65 -52.97
CA VAL B 114 -22.82 -23.84 -52.25
C VAL B 114 -23.41 -22.48 -51.87
N ALA B 115 -23.28 -22.13 -50.59
CA ALA B 115 -23.80 -20.85 -50.13
C ALA B 115 -22.69 -20.00 -49.50
N THR B 116 -21.69 -20.72 -48.94
CA THR B 116 -20.59 -20.04 -48.28
C THR B 116 -19.91 -19.01 -49.19
N ASN B 117 -19.65 -17.82 -48.61
CA ASN B 117 -18.97 -16.78 -49.38
C ASN B 117 -17.46 -16.94 -49.28
N PRO B 118 -16.74 -16.60 -50.39
CA PRO B 118 -17.35 -16.16 -51.64
C PRO B 118 -17.81 -17.32 -52.52
N VAL B 119 -19.12 -17.41 -52.78
CA VAL B 119 -19.70 -18.50 -53.58
C VAL B 119 -18.91 -18.94 -54.80
N ASP B 120 -18.61 -18.01 -55.70
CA ASP B 120 -17.88 -18.31 -56.93
C ASP B 120 -16.67 -19.17 -56.67
N VAL B 121 -15.78 -18.70 -55.80
CA VAL B 121 -14.58 -19.44 -55.47
C VAL B 121 -14.90 -20.72 -54.69
N MSE B 122 -15.80 -20.62 -53.72
CA MSE B 122 -16.18 -21.78 -52.92
C MSE B 122 -16.87 -22.86 -53.75
O MSE B 122 -16.76 -24.06 -53.44
CB MSE B 122 -17.09 -21.37 -51.75
CG MSE B 122 -16.37 -20.63 -50.61
SE MSE B 122 -14.65 -21.45 -50.15
CE MSE B 122 -15.26 -23.16 -49.52
N THR B 123 -17.58 -22.44 -54.80
CA THR B 123 -18.25 -23.37 -55.69
C THR B 123 -17.16 -24.08 -56.50
N GLN B 124 -16.13 -23.32 -56.85
CA GLN B 124 -15.00 -23.87 -57.58
C GLN B 124 -14.37 -24.99 -56.74
N VAL B 125 -14.12 -24.69 -55.47
CA VAL B 125 -13.52 -25.63 -54.55
C VAL B 125 -14.39 -26.88 -54.43
N ALA B 126 -15.67 -26.67 -54.18
CA ALA B 126 -16.60 -27.78 -54.03
C ALA B 126 -16.58 -28.70 -55.25
N TYR B 127 -16.57 -28.12 -56.44
CA TYR B 127 -16.54 -28.92 -57.66
C TYR B 127 -15.36 -29.88 -57.68
N ARG B 128 -14.16 -29.31 -57.72
CA ARG B 128 -12.94 -30.11 -57.77
C ARG B 128 -12.89 -31.17 -56.66
N LEU B 129 -13.42 -30.83 -55.49
CA LEU B 129 -13.43 -31.72 -54.33
C LEU B 129 -14.49 -32.81 -54.40
N SER B 130 -15.47 -32.64 -55.26
CA SER B 130 -16.59 -33.56 -55.34
C SER B 130 -16.34 -34.76 -56.29
N GLY B 131 -15.61 -34.49 -57.39
CA GLY B 131 -15.40 -35.55 -58.37
C GLY B 131 -16.68 -35.82 -59.18
N LEU B 132 -17.71 -34.97 -58.94
CA LEU B 132 -18.93 -35.03 -59.75
C LEU B 132 -18.80 -34.20 -61.03
N PRO B 133 -19.76 -34.34 -61.95
CA PRO B 133 -19.74 -33.53 -63.17
C PRO B 133 -20.09 -32.07 -62.82
N PRO B 134 -19.53 -31.11 -63.58
CA PRO B 134 -19.74 -29.67 -63.38
C PRO B 134 -21.14 -29.16 -63.01
N GLY B 135 -22.18 -29.80 -63.52
CA GLY B 135 -23.54 -29.33 -63.23
C GLY B 135 -24.14 -29.68 -61.88
N ARG B 136 -23.56 -30.67 -61.19
CA ARG B 136 -24.09 -31.08 -59.89
C ARG B 136 -23.63 -30.28 -58.68
N VAL B 137 -22.81 -29.25 -58.91
CA VAL B 137 -22.34 -28.38 -57.85
C VAL B 137 -22.79 -26.98 -58.22
N VAL B 138 -23.81 -26.48 -57.53
CA VAL B 138 -24.34 -25.14 -57.84
C VAL B 138 -24.20 -24.12 -56.72
N GLY B 139 -23.62 -22.96 -57.05
CA GLY B 139 -23.48 -21.90 -56.06
C GLY B 139 -24.63 -20.93 -56.22
N SER B 140 -25.08 -20.34 -55.12
CA SER B 140 -26.19 -19.39 -55.16
C SER B 140 -25.89 -18.22 -56.11
N GLY B 141 -24.61 -17.90 -56.25
CA GLY B 141 -24.20 -16.84 -57.14
C GLY B 141 -24.95 -15.52 -57.02
N THR B 142 -25.39 -15.00 -58.17
CA THR B 142 -26.07 -13.70 -58.22
C THR B 142 -27.59 -13.69 -58.23
N ILE B 143 -28.23 -14.79 -57.84
CA ILE B 143 -29.69 -14.82 -57.85
C ILE B 143 -30.40 -13.69 -57.09
N LEU B 144 -29.88 -13.32 -55.93
CA LEU B 144 -30.50 -12.25 -55.15
C LEU B 144 -30.37 -10.91 -55.87
N ASP B 145 -29.22 -10.69 -56.49
CA ASP B 145 -28.95 -9.46 -57.22
C ASP B 145 -29.79 -9.34 -58.50
N THR B 146 -29.91 -10.43 -59.24
CA THR B 146 -30.71 -10.42 -60.44
C THR B 146 -32.12 -10.06 -60.04
N ALA B 147 -32.63 -10.76 -59.03
CA ALA B 147 -33.99 -10.52 -58.56
C ALA B 147 -34.16 -9.09 -58.06
N ARG B 148 -33.12 -8.57 -57.44
CA ARG B 148 -33.25 -7.20 -56.94
C ARG B 148 -33.19 -6.22 -58.10
N PHE B 149 -32.42 -6.56 -59.13
CA PHE B 149 -32.31 -5.75 -60.33
C PHE B 149 -33.69 -5.61 -61.02
N ARG B 150 -34.38 -6.73 -61.19
CA ARG B 150 -35.68 -6.73 -61.84
C ARG B 150 -36.75 -6.06 -60.98
N ALA B 151 -36.60 -6.17 -59.67
CA ALA B 151 -37.57 -5.58 -58.76
C ALA B 151 -37.50 -4.05 -58.81
N LEU B 152 -36.28 -3.52 -58.87
CA LEU B 152 -36.07 -2.07 -58.92
C LEU B 152 -36.57 -1.49 -60.25
N LEU B 153 -36.27 -2.19 -61.35
CA LEU B 153 -36.73 -1.78 -62.68
C LEU B 153 -38.26 -1.84 -62.68
N ALA B 154 -38.81 -2.91 -62.12
CA ALA B 154 -40.25 -3.07 -62.07
C ALA B 154 -40.87 -1.90 -61.30
N GLU B 155 -40.30 -1.59 -60.16
CA GLU B 155 -40.80 -0.50 -59.34
C GLU B 155 -40.72 0.80 -60.14
N TYR B 156 -39.58 1.03 -60.75
CA TYR B 156 -39.38 2.24 -61.53
C TYR B 156 -40.29 2.34 -62.76
N LEU B 157 -40.39 1.26 -63.54
CA LEU B 157 -41.20 1.24 -64.74
C LEU B 157 -42.69 1.10 -64.47
N ARG B 158 -43.02 0.60 -63.28
CA ARG B 158 -44.38 0.39 -62.85
C ARG B 158 -45.03 -0.72 -63.66
N VAL B 159 -44.31 -1.84 -63.70
CA VAL B 159 -44.74 -3.04 -64.41
C VAL B 159 -44.40 -4.21 -63.48
N ALA B 160 -45.06 -5.35 -63.66
CA ALA B 160 -44.78 -6.50 -62.80
C ALA B 160 -43.43 -7.16 -63.06
N PRO B 161 -42.69 -7.51 -61.98
CA PRO B 161 -41.37 -8.15 -61.99
C PRO B 161 -41.21 -9.37 -62.91
N GLN B 162 -42.30 -10.11 -63.07
CA GLN B 162 -42.28 -11.30 -63.91
C GLN B 162 -42.14 -10.93 -65.39
N SER B 163 -42.53 -9.68 -65.70
CA SER B 163 -42.42 -9.20 -67.08
C SER B 163 -41.06 -8.56 -67.35
N VAL B 164 -40.31 -8.32 -66.26
CA VAL B 164 -38.98 -7.75 -66.45
C VAL B 164 -37.93 -8.86 -66.51
N HIS B 165 -37.11 -8.78 -67.55
CA HIS B 165 -36.06 -9.75 -67.78
C HIS B 165 -34.73 -9.02 -67.85
N ALA B 166 -33.93 -9.17 -66.79
CA ALA B 166 -32.63 -8.54 -66.68
C ALA B 166 -31.74 -9.48 -65.91
N TYR B 167 -30.44 -9.41 -66.16
CA TYR B 167 -29.49 -10.27 -65.48
C TYR B 167 -28.33 -9.54 -64.82
N VAL B 168 -27.81 -10.16 -63.77
CA VAL B 168 -26.64 -9.67 -63.06
C VAL B 168 -25.77 -10.91 -63.19
N LEU B 169 -24.62 -10.78 -63.81
CA LEU B 169 -23.73 -11.89 -64.13
C LEU B 169 -22.37 -11.75 -63.43
N GLY B 170 -21.58 -12.80 -63.58
CA GLY B 170 -20.22 -12.77 -63.09
C GLY B 170 -20.02 -13.14 -61.64
N GLU B 171 -19.10 -12.42 -61.02
CA GLU B 171 -18.75 -12.62 -59.63
C GLU B 171 -19.75 -11.95 -58.70
N HIS B 172 -20.18 -12.67 -57.68
CA HIS B 172 -21.11 -12.13 -56.71
C HIS B 172 -20.36 -11.16 -55.79
N GLY B 173 -20.45 -9.86 -56.09
CA GLY B 173 -19.72 -8.87 -55.33
C GLY B 173 -19.71 -7.53 -56.07
N ASP B 174 -18.55 -6.84 -55.98
CA ASP B 174 -18.44 -5.56 -56.67
C ASP B 174 -18.12 -5.75 -58.15
N SER B 175 -17.64 -6.96 -58.49
CA SER B 175 -17.39 -7.28 -59.90
C SER B 175 -18.68 -7.67 -60.63
N GLU B 176 -19.82 -7.50 -59.93
CA GLU B 176 -21.11 -7.84 -60.54
C GLU B 176 -21.32 -7.10 -61.86
N VAL B 177 -21.82 -7.79 -62.89
CA VAL B 177 -22.12 -7.08 -64.12
C VAL B 177 -23.62 -6.99 -64.36
N LEU B 178 -24.17 -5.79 -64.19
CA LEU B 178 -25.59 -5.60 -64.47
C LEU B 178 -25.68 -5.55 -66.00
N VAL B 179 -26.43 -6.50 -66.57
CA VAL B 179 -26.56 -6.56 -68.02
C VAL B 179 -27.69 -5.67 -68.54
N TRP B 180 -27.40 -4.37 -68.69
CA TRP B 180 -28.38 -3.43 -69.17
C TRP B 180 -28.63 -3.56 -70.68
N SER B 181 -27.55 -3.78 -71.41
CA SER B 181 -27.60 -3.88 -72.86
C SER B 181 -28.78 -4.67 -73.38
N SER B 182 -28.90 -5.93 -72.95
CA SER B 182 -29.99 -6.78 -73.42
C SER B 182 -31.16 -7.00 -72.47
N ALA B 183 -31.30 -6.16 -71.47
CA ALA B 183 -32.42 -6.29 -70.55
C ALA B 183 -33.70 -6.00 -71.35
N GLN B 184 -34.79 -6.69 -71.03
CA GLN B 184 -36.06 -6.51 -71.73
C GLN B 184 -37.28 -6.45 -70.82
N VAL B 185 -38.40 -6.06 -71.41
CA VAL B 185 -39.68 -5.98 -70.72
C VAL B 185 -40.71 -6.42 -71.74
N GLY B 186 -41.17 -7.65 -71.65
CA GLY B 186 -42.15 -8.13 -72.61
C GLY B 186 -41.55 -8.23 -74.01
N GLY B 187 -40.27 -8.56 -74.08
CA GLY B 187 -39.62 -8.70 -75.37
C GLY B 187 -39.19 -7.40 -76.00
N VAL B 188 -39.46 -6.29 -75.33
CA VAL B 188 -39.07 -4.99 -75.85
C VAL B 188 -37.78 -4.53 -75.15
N PRO B 189 -36.89 -3.84 -75.87
CA PRO B 189 -35.68 -3.39 -75.18
C PRO B 189 -36.08 -2.50 -74.01
N LEU B 190 -35.49 -2.77 -72.85
CA LEU B 190 -35.75 -2.04 -71.63
C LEU B 190 -35.86 -0.51 -71.79
N LEU B 191 -34.79 0.10 -72.29
CA LEU B 191 -34.76 1.54 -72.45
C LEU B 191 -35.88 2.15 -73.31
N GLU B 192 -36.27 1.47 -74.38
CA GLU B 192 -37.35 2.02 -75.20
C GLU B 192 -38.71 1.69 -74.60
N PHE B 193 -38.78 0.60 -73.86
CA PHE B 193 -40.04 0.27 -73.21
C PHE B 193 -40.22 1.37 -72.17
N ALA B 194 -39.14 1.66 -71.45
CA ALA B 194 -39.16 2.69 -70.42
C ALA B 194 -39.61 4.05 -70.97
N GLU B 195 -39.04 4.45 -72.10
CA GLU B 195 -39.42 5.72 -72.70
C GLU B 195 -40.87 5.69 -73.15
N ALA B 196 -41.27 4.56 -73.72
CA ALA B 196 -42.63 4.40 -74.21
C ALA B 196 -43.66 4.53 -73.08
N ARG B 197 -43.26 4.07 -71.87
CA ARG B 197 -44.17 4.12 -70.74
C ARG B 197 -44.21 5.50 -70.09
N GLY B 198 -43.26 6.36 -70.50
CA GLY B 198 -43.17 7.69 -69.89
C GLY B 198 -42.29 7.71 -68.63
N ARG B 199 -41.56 6.60 -68.44
CA ARG B 199 -40.65 6.48 -67.31
C ARG B 199 -39.23 6.19 -67.79
N ALA B 200 -38.72 7.13 -68.59
CA ALA B 200 -37.39 6.96 -69.17
C ALA B 200 -36.33 6.82 -68.09
N LEU B 201 -35.38 5.93 -68.36
CA LEU B 201 -34.29 5.63 -67.44
C LEU B 201 -33.02 6.44 -67.73
N SER B 202 -32.91 7.58 -67.05
CA SER B 202 -31.75 8.45 -67.21
C SER B 202 -30.48 7.75 -66.71
N PRO B 203 -29.31 8.31 -67.04
CA PRO B 203 -28.07 7.68 -66.56
C PRO B 203 -28.04 7.72 -65.03
N GLU B 204 -28.63 8.76 -64.45
CA GLU B 204 -28.66 8.92 -63.00
C GLU B 204 -29.63 7.92 -62.38
N ASP B 205 -30.71 7.62 -63.09
CA ASP B 205 -31.68 6.66 -62.60
C ASP B 205 -31.01 5.30 -62.53
N ARG B 206 -30.26 4.96 -63.58
CA ARG B 206 -29.57 3.67 -63.65
C ARG B 206 -28.46 3.58 -62.61
N ALA B 207 -27.80 4.71 -62.34
CA ALA B 207 -26.74 4.73 -61.35
C ALA B 207 -27.39 4.40 -60.00
N ARG B 208 -28.52 5.05 -59.75
CA ARG B 208 -29.28 4.86 -58.52
C ARG B 208 -29.66 3.38 -58.34
N ILE B 209 -30.08 2.77 -59.44
CA ILE B 209 -30.45 1.37 -59.43
C ILE B 209 -29.23 0.49 -59.25
N ASP B 210 -28.10 0.91 -59.82
CA ASP B 210 -26.87 0.13 -59.73
C ASP B 210 -26.40 0.01 -58.28
N GLU B 211 -26.36 1.14 -57.59
CA GLU B 211 -25.95 1.14 -56.20
C GLU B 211 -26.98 0.37 -55.38
N GLY B 212 -28.23 0.42 -55.82
CA GLY B 212 -29.30 -0.28 -55.13
C GLY B 212 -29.08 -1.78 -55.12
N VAL B 213 -28.54 -2.29 -56.22
CA VAL B 213 -28.27 -3.71 -56.40
C VAL B 213 -26.90 -4.12 -55.84
N ARG B 214 -25.88 -3.42 -56.30
CA ARG B 214 -24.48 -3.67 -55.95
C ARG B 214 -24.08 -3.43 -54.49
N ARG B 215 -24.66 -2.43 -53.86
CA ARG B 215 -24.31 -2.09 -52.48
C ARG B 215 -25.27 -2.57 -51.39
N ALA B 216 -26.28 -3.34 -51.76
CA ALA B 216 -27.24 -3.81 -50.76
C ALA B 216 -26.53 -4.55 -49.61
N ALA B 217 -25.76 -5.58 -49.96
CA ALA B 217 -25.03 -6.36 -48.97
C ALA B 217 -24.28 -5.46 -48.00
N TYR B 218 -23.54 -4.50 -48.54
CA TYR B 218 -22.79 -3.57 -47.71
C TYR B 218 -23.70 -2.83 -46.73
N ARG B 219 -24.87 -2.42 -47.18
CA ARG B 219 -25.77 -1.71 -46.29
C ARG B 219 -26.30 -2.63 -45.20
N ILE B 220 -26.61 -3.87 -45.57
CA ILE B 220 -27.12 -4.85 -44.65
C ILE B 220 -26.09 -5.26 -43.58
N ILE B 221 -24.85 -5.48 -44.00
CA ILE B 221 -23.83 -5.74 -42.98
C ILE B 221 -23.62 -4.56 -42.04
N GLU B 222 -23.53 -3.35 -42.63
CA GLU B 222 -23.15 -2.19 -41.83
C GLU B 222 -23.99 -2.01 -40.56
N GLY B 223 -25.33 -2.16 -40.71
CA GLY B 223 -26.20 -1.84 -39.59
C GLY B 223 -26.88 -3.08 -38.99
N LYS B 224 -26.48 -4.26 -39.49
CA LYS B 224 -27.11 -5.48 -39.00
C LYS B 224 -26.08 -6.55 -38.63
N GLY B 225 -24.91 -6.47 -39.26
CA GLY B 225 -23.87 -7.44 -39.00
C GLY B 225 -23.70 -8.57 -39.99
N ALA B 226 -24.80 -9.05 -40.56
CA ALA B 226 -24.74 -10.14 -41.52
C ALA B 226 -26.01 -10.24 -42.33
N THR B 227 -25.95 -10.95 -43.44
CA THR B 227 -27.11 -11.14 -44.31
C THR B 227 -27.47 -12.62 -44.28
N TYR B 228 -28.76 -12.91 -44.18
CA TYR B 228 -29.21 -14.31 -44.18
C TYR B 228 -30.66 -14.50 -44.62
N TYR B 229 -31.52 -13.50 -44.39
CA TYR B 229 -32.92 -13.63 -44.77
C TYR B 229 -33.10 -13.79 -46.27
N GLY B 230 -32.45 -12.93 -47.03
CA GLY B 230 -32.56 -12.98 -48.47
C GLY B 230 -32.02 -14.28 -49.04
N ILE B 231 -30.79 -14.63 -48.69
CA ILE B 231 -30.19 -15.84 -49.21
C ILE B 231 -30.94 -17.09 -48.76
N GLY B 232 -31.63 -16.99 -47.63
CA GLY B 232 -32.38 -18.14 -47.16
C GLY B 232 -33.52 -18.49 -48.11
N ALA B 233 -34.24 -17.48 -48.58
CA ALA B 233 -35.36 -17.68 -49.50
C ALA B 233 -34.89 -18.00 -50.90
N GLY B 234 -33.83 -17.32 -51.35
CA GLY B 234 -33.31 -17.61 -52.67
C GLY B 234 -32.83 -19.05 -52.72
N LEU B 235 -32.14 -19.46 -51.67
CA LEU B 235 -31.61 -20.82 -51.57
C LEU B 235 -32.74 -21.84 -51.59
N ALA B 236 -33.85 -21.51 -50.92
CA ALA B 236 -35.00 -22.40 -50.86
C ALA B 236 -35.68 -22.51 -52.23
N ARG B 237 -35.62 -21.43 -53.01
CA ARG B 237 -36.22 -21.41 -54.33
C ARG B 237 -35.44 -22.34 -55.25
N LEU B 238 -34.12 -22.30 -55.11
CA LEU B 238 -33.24 -23.14 -55.89
C LEU B 238 -33.55 -24.59 -55.52
N VAL B 239 -33.67 -24.86 -54.23
CA VAL B 239 -33.96 -26.21 -53.78
C VAL B 239 -35.25 -26.70 -54.42
N ARG B 240 -36.23 -25.81 -54.56
CA ARG B 240 -37.50 -26.21 -55.17
C ARG B 240 -37.33 -26.59 -56.64
N ALA B 241 -36.51 -25.83 -57.37
CA ALA B 241 -36.27 -26.11 -58.78
C ALA B 241 -35.62 -27.49 -58.94
N ILE B 242 -34.82 -27.87 -57.96
CA ILE B 242 -34.14 -29.16 -57.99
C ILE B 242 -35.07 -30.31 -57.60
N LEU B 243 -35.93 -30.02 -56.61
CA LEU B 243 -36.87 -31.03 -56.15
C LEU B 243 -38.01 -31.29 -57.14
N THR B 244 -38.46 -30.21 -57.81
CA THR B 244 -39.53 -30.38 -58.79
C THR B 244 -39.01 -30.49 -60.22
N ASP B 245 -37.69 -30.67 -60.36
CA ASP B 245 -37.04 -30.79 -61.68
C ASP B 245 -37.60 -29.71 -62.61
N GLU B 246 -37.66 -28.49 -62.08
CA GLU B 246 -38.32 -27.34 -62.69
C GLU B 246 -37.75 -27.01 -64.07
N LYS B 247 -36.42 -27.09 -64.16
CA LYS B 247 -35.76 -26.79 -65.43
C LYS B 247 -35.80 -25.29 -65.75
N GLY B 248 -36.03 -24.49 -64.70
CA GLY B 248 -36.08 -23.04 -64.89
C GLY B 248 -34.68 -22.44 -64.97
N VAL B 249 -34.72 -21.16 -65.30
CA VAL B 249 -33.50 -20.40 -65.56
C VAL B 249 -33.09 -19.50 -64.40
N TYR B 250 -31.90 -19.73 -63.87
CA TYR B 250 -31.38 -18.94 -62.75
C TYR B 250 -29.93 -18.54 -62.93
N THR B 251 -29.59 -17.32 -62.51
CA THR B 251 -28.22 -16.85 -62.61
C THR B 251 -27.47 -17.39 -61.39
N VAL B 252 -27.07 -18.65 -61.48
CA VAL B 252 -26.35 -19.28 -60.39
C VAL B 252 -24.92 -19.56 -60.80
N SER B 253 -24.05 -19.74 -59.81
CA SER B 253 -22.64 -19.99 -60.04
C SER B 253 -22.37 -21.48 -60.30
N ALA B 254 -21.46 -21.76 -61.22
CA ALA B 254 -21.10 -23.14 -61.55
C ALA B 254 -19.80 -23.19 -62.33
N PHE B 255 -19.13 -24.33 -62.29
CA PHE B 255 -17.86 -24.51 -63.00
C PHE B 255 -18.09 -24.37 -64.51
N THR B 256 -17.38 -23.43 -65.11
CA THR B 256 -17.52 -23.14 -66.53
C THR B 256 -16.20 -23.38 -67.28
N PRO B 257 -16.21 -24.25 -68.31
CA PRO B 257 -15.05 -24.60 -69.13
C PRO B 257 -14.30 -23.39 -69.67
N GLU B 258 -15.05 -22.41 -70.19
CA GLU B 258 -14.44 -21.20 -70.73
C GLU B 258 -15.46 -20.09 -70.66
N VAL B 259 -14.98 -18.87 -70.46
CA VAL B 259 -15.86 -17.71 -70.37
C VAL B 259 -15.12 -16.44 -70.71
N GLU B 260 -15.58 -15.76 -71.77
CA GLU B 260 -15.01 -14.50 -72.21
C GLU B 260 -13.48 -14.51 -72.27
N GLY B 261 -12.90 -15.70 -72.41
CA GLY B 261 -11.46 -15.78 -72.48
C GLY B 261 -10.78 -16.68 -71.48
N VAL B 262 -11.22 -16.65 -70.21
CA VAL B 262 -10.61 -17.48 -69.18
C VAL B 262 -11.15 -18.92 -69.17
N LEU B 263 -10.28 -19.85 -68.79
CA LEU B 263 -10.65 -21.26 -68.75
C LEU B 263 -10.89 -21.79 -67.32
N GLU B 264 -11.63 -22.90 -67.24
CA GLU B 264 -11.98 -23.56 -66.00
C GLU B 264 -12.17 -22.64 -64.79
N VAL B 265 -13.30 -21.94 -64.75
CA VAL B 265 -13.60 -21.04 -63.65
C VAL B 265 -15.09 -21.10 -63.30
N SER B 266 -15.45 -20.66 -62.11
CA SER B 266 -16.85 -20.67 -61.69
C SER B 266 -17.39 -19.27 -61.46
N LEU B 267 -18.48 -18.94 -62.12
CA LEU B 267 -19.10 -17.64 -61.94
C LEU B 267 -20.58 -17.78 -62.31
N SER B 268 -21.33 -16.70 -62.21
CA SER B 268 -22.76 -16.76 -62.52
C SER B 268 -23.10 -16.44 -63.96
N LEU B 269 -24.01 -17.24 -64.52
CA LEU B 269 -24.50 -17.10 -65.87
C LEU B 269 -25.92 -17.66 -65.83
N PRO B 270 -26.77 -17.29 -66.80
CA PRO B 270 -28.14 -17.83 -66.79
C PRO B 270 -28.01 -19.33 -67.01
N ARG B 271 -28.64 -20.13 -66.16
CA ARG B 271 -28.54 -21.57 -66.28
C ARG B 271 -29.84 -22.29 -65.98
N ILE B 272 -30.05 -23.41 -66.68
CA ILE B 272 -31.26 -24.20 -66.50
C ILE B 272 -31.00 -25.16 -65.34
N LEU B 273 -31.81 -25.05 -64.29
CA LEU B 273 -31.63 -25.88 -63.11
C LEU B 273 -32.70 -26.94 -62.90
N GLY B 274 -32.27 -28.20 -62.83
CA GLY B 274 -33.20 -29.30 -62.63
C GLY B 274 -32.80 -30.29 -61.56
N ALA B 275 -33.35 -31.50 -61.64
CA ALA B 275 -33.07 -32.54 -60.66
C ALA B 275 -31.62 -32.97 -60.59
N GLY B 276 -30.87 -32.73 -61.67
CA GLY B 276 -29.47 -33.11 -61.66
C GLY B 276 -28.54 -31.91 -61.57
N GLY B 277 -29.12 -30.74 -61.29
CA GLY B 277 -28.33 -29.53 -61.17
C GLY B 277 -28.40 -28.69 -62.42
N VAL B 278 -27.36 -27.89 -62.64
CA VAL B 278 -27.30 -27.05 -63.83
C VAL B 278 -27.31 -28.00 -65.01
N GLU B 279 -28.21 -27.72 -65.95
CA GLU B 279 -28.41 -28.57 -67.12
C GLU B 279 -28.09 -27.90 -68.44
N GLY B 280 -27.81 -26.60 -68.41
CA GLY B 280 -27.51 -25.89 -69.63
C GLY B 280 -27.29 -24.43 -69.35
N THR B 281 -26.62 -23.75 -70.27
CA THR B 281 -26.35 -22.33 -70.10
C THR B 281 -27.03 -21.53 -71.21
N VAL B 282 -27.46 -20.32 -70.88
CA VAL B 282 -28.14 -19.45 -71.82
C VAL B 282 -27.32 -18.16 -71.91
N TYR B 283 -26.42 -18.09 -72.88
CA TYR B 283 -25.59 -16.90 -73.00
C TYR B 283 -26.37 -15.74 -73.59
N PRO B 284 -26.56 -14.68 -72.81
CA PRO B 284 -27.29 -13.50 -73.29
C PRO B 284 -26.37 -12.57 -74.07
N SER B 285 -26.95 -11.58 -74.75
CA SER B 285 -26.17 -10.64 -75.52
C SER B 285 -25.53 -9.60 -74.60
N LEU B 286 -24.20 -9.50 -74.68
CA LEU B 286 -23.47 -8.54 -73.86
C LEU B 286 -22.85 -7.48 -74.75
N SER B 287 -22.74 -6.26 -74.23
CA SER B 287 -22.16 -5.16 -74.97
C SER B 287 -20.65 -5.23 -74.79
N PRO B 288 -19.89 -4.41 -75.53
CA PRO B 288 -18.43 -4.41 -75.39
C PRO B 288 -17.98 -4.23 -73.94
N GLU B 289 -18.54 -3.23 -73.27
CA GLU B 289 -18.21 -2.95 -71.88
C GLU B 289 -18.51 -4.16 -71.00
N GLU B 290 -19.76 -4.60 -71.03
CA GLU B 290 -20.18 -5.75 -70.23
C GLU B 290 -19.31 -6.99 -70.45
N ARG B 291 -18.88 -7.22 -71.68
CA ARG B 291 -18.03 -8.38 -71.96
C ARG B 291 -16.66 -8.20 -71.31
N GLU B 292 -16.22 -6.95 -71.22
CA GLU B 292 -14.94 -6.63 -70.61
C GLU B 292 -14.99 -7.05 -69.16
N ALA B 293 -15.85 -6.35 -68.42
CA ALA B 293 -16.05 -6.59 -67.00
C ALA B 293 -16.16 -8.07 -66.68
N LEU B 294 -17.06 -8.75 -67.37
CA LEU B 294 -17.25 -10.17 -67.15
C LEU B 294 -15.94 -10.95 -67.27
N ARG B 295 -15.09 -10.51 -68.20
CA ARG B 295 -13.81 -11.18 -68.41
C ARG B 295 -12.80 -10.80 -67.33
N ARG B 296 -12.74 -9.50 -67.01
CA ARG B 296 -11.81 -9.04 -65.99
C ARG B 296 -12.22 -9.74 -64.70
N SER B 297 -13.52 -9.76 -64.44
CA SER B 297 -14.07 -10.41 -63.27
C SER B 297 -13.73 -11.89 -63.30
N ALA B 298 -13.75 -12.48 -64.49
CA ALA B 298 -13.45 -13.90 -64.66
C ALA B 298 -12.01 -14.24 -64.26
N GLU B 299 -11.07 -13.38 -64.64
CA GLU B 299 -9.67 -13.62 -64.31
C GLU B 299 -9.45 -13.38 -62.81
N ILE B 300 -10.15 -12.40 -62.25
CA ILE B 300 -10.03 -12.12 -60.84
C ILE B 300 -10.27 -13.43 -60.08
N LEU B 301 -11.34 -14.12 -60.44
CA LEU B 301 -11.70 -15.39 -59.82
C LEU B 301 -10.72 -16.49 -60.17
N LYS B 302 -10.29 -16.51 -61.43
CA LYS B 302 -9.36 -17.54 -61.88
C LYS B 302 -8.07 -17.53 -61.06
N GLU B 303 -7.47 -16.35 -60.92
CA GLU B 303 -6.23 -16.20 -60.16
C GLU B 303 -6.40 -16.65 -58.72
N ALA B 304 -7.46 -16.16 -58.08
CA ALA B 304 -7.74 -16.52 -56.68
C ALA B 304 -7.86 -18.03 -56.58
N ALA B 305 -8.56 -18.64 -57.55
CA ALA B 305 -8.74 -20.08 -57.58
C ALA B 305 -7.39 -20.78 -57.68
N PHE B 306 -6.54 -20.31 -58.60
CA PHE B 306 -5.22 -20.89 -58.79
C PHE B 306 -4.46 -20.84 -57.47
N ALA B 307 -4.45 -19.66 -56.85
CA ALA B 307 -3.76 -19.46 -55.57
C ALA B 307 -4.11 -20.56 -54.57
N LEU B 308 -5.40 -20.85 -54.44
CA LEU B 308 -5.86 -21.88 -53.50
C LEU B 308 -5.53 -23.27 -54.00
N GLY B 309 -5.01 -23.35 -55.21
CA GLY B 309 -4.66 -24.63 -55.80
C GLY B 309 -5.83 -25.30 -56.48
N PHE B 310 -6.85 -24.52 -56.81
CA PHE B 310 -8.04 -25.06 -57.46
C PHE B 310 -8.24 -24.43 -58.85
N MSE C 1 2.40 5.72 -12.21
CA MSE C 1 2.44 4.87 -13.42
C MSE C 1 1.05 4.71 -14.02
O MSE C 1 0.05 4.72 -13.31
CB MSE C 1 3.04 3.51 -13.09
CG MSE C 1 4.46 3.62 -12.62
SE MSE C 1 5.24 1.91 -12.21
CE MSE C 1 4.31 1.61 -10.53
N LYS C 2 1.00 4.58 -15.35
CA LYS C 2 -0.26 4.47 -16.06
C LYS C 2 -0.63 3.11 -16.61
N VAL C 3 -1.92 2.79 -16.49
CA VAL C 3 -2.47 1.54 -16.97
C VAL C 3 -3.68 1.80 -17.86
N GLY C 4 -3.68 1.17 -19.04
CA GLY C 4 -4.78 1.33 -19.96
C GLY C 4 -5.70 0.13 -20.03
N ILE C 5 -6.99 0.39 -20.20
CA ILE C 5 -7.99 -0.66 -20.31
C ILE C 5 -8.91 -0.38 -21.50
N VAL C 6 -8.72 -1.10 -22.60
CA VAL C 6 -9.58 -0.91 -23.76
C VAL C 6 -10.73 -1.93 -23.72
N GLY C 7 -11.94 -1.39 -23.61
CA GLY C 7 -13.14 -2.21 -23.52
C GLY C 7 -13.72 -1.97 -22.15
N SER C 8 -14.64 -1.01 -22.03
CA SER C 8 -15.27 -0.70 -20.76
C SER C 8 -16.50 -1.50 -20.44
N GLY C 9 -16.47 -2.78 -20.75
CA GLY C 9 -17.62 -3.61 -20.42
C GLY C 9 -17.54 -3.97 -18.95
N MSE C 10 -18.24 -5.02 -18.54
CA MSE C 10 -18.21 -5.44 -17.15
C MSE C 10 -16.80 -5.79 -16.69
O MSE C 10 -16.36 -5.33 -15.63
CB MSE C 10 -19.14 -6.62 -16.92
CG MSE C 10 -20.60 -6.25 -17.03
SE MSE C 10 -20.99 -4.65 -16.02
CE MSE C 10 -21.08 -5.39 -14.24
N VAL C 11 -16.10 -6.58 -17.49
CA VAL C 11 -14.73 -6.98 -17.16
C VAL C 11 -13.80 -5.78 -17.14
N GLY C 12 -13.84 -4.98 -18.20
CA GLY C 12 -13.00 -3.80 -18.27
C GLY C 12 -13.22 -2.85 -17.10
N SER C 13 -14.48 -2.54 -16.78
CA SER C 13 -14.71 -1.63 -15.67
C SER C 13 -14.41 -2.27 -14.31
N ALA C 14 -14.73 -3.55 -14.15
CA ALA C 14 -14.44 -4.22 -12.89
C ALA C 14 -12.93 -4.16 -12.63
N THR C 15 -12.13 -4.36 -13.69
CA THR C 15 -10.69 -4.30 -13.54
C THR C 15 -10.27 -2.91 -13.07
N ALA C 16 -10.87 -1.88 -13.64
CA ALA C 16 -10.55 -0.51 -13.27
C ALA C 16 -10.94 -0.24 -11.80
N TYR C 17 -12.07 -0.78 -11.38
CA TYR C 17 -12.52 -0.59 -10.01
C TYR C 17 -11.55 -1.28 -9.02
N ALA C 18 -11.09 -2.48 -9.37
CA ALA C 18 -10.16 -3.22 -8.53
C ALA C 18 -8.82 -2.48 -8.48
N LEU C 19 -8.40 -1.96 -9.63
CA LEU C 19 -7.16 -1.22 -9.68
C LEU C 19 -7.25 -0.01 -8.74
N ALA C 20 -8.36 0.70 -8.81
CA ALA C 20 -8.57 1.88 -7.98
C ALA C 20 -8.66 1.54 -6.51
N LEU C 21 -9.51 0.60 -6.15
CA LEU C 21 -9.64 0.24 -4.73
C LEU C 21 -8.38 -0.36 -4.12
N LEU C 22 -7.50 -0.93 -4.94
CA LEU C 22 -6.27 -1.50 -4.41
C LEU C 22 -5.09 -0.57 -4.56
N GLY C 23 -5.32 0.56 -5.23
CA GLY C 23 -4.26 1.53 -5.41
C GLY C 23 -3.05 0.99 -6.15
N VAL C 24 -3.29 0.13 -7.13
CA VAL C 24 -2.22 -0.48 -7.91
C VAL C 24 -1.48 0.56 -8.77
N ALA C 25 -2.24 1.38 -9.48
CA ALA C 25 -1.66 2.41 -10.35
C ALA C 25 -2.21 3.77 -9.98
N ARG C 26 -1.54 4.83 -10.42
CA ARG C 26 -1.99 6.19 -10.14
C ARG C 26 -2.92 6.69 -11.22
N GLU C 27 -2.75 6.17 -12.44
CA GLU C 27 -3.58 6.59 -13.56
C GLU C 27 -4.14 5.40 -14.32
N VAL C 28 -5.46 5.41 -14.50
CA VAL C 28 -6.16 4.35 -15.21
C VAL C 28 -7.01 4.94 -16.34
N VAL C 29 -6.64 4.62 -17.57
CA VAL C 29 -7.37 5.13 -18.74
C VAL C 29 -8.23 4.06 -19.41
N LEU C 30 -9.54 4.34 -19.47
CA LEU C 30 -10.52 3.44 -20.08
C LEU C 30 -10.83 3.86 -21.51
N VAL C 31 -10.71 2.92 -22.45
CA VAL C 31 -10.98 3.22 -23.85
C VAL C 31 -12.08 2.30 -24.38
N ASP C 32 -13.08 2.88 -25.02
CA ASP C 32 -14.17 2.08 -25.57
C ASP C 32 -14.82 2.76 -26.79
N LEU C 33 -15.32 1.96 -27.73
CA LEU C 33 -15.98 2.51 -28.91
C LEU C 33 -17.13 3.40 -28.45
N ASP C 34 -17.81 2.95 -27.40
CA ASP C 34 -18.92 3.68 -26.82
C ASP C 34 -18.32 4.69 -25.86
N ARG C 35 -17.85 5.81 -26.39
CA ARG C 35 -17.24 6.87 -25.59
C ARG C 35 -17.98 7.19 -24.29
N LYS C 36 -19.30 7.36 -24.37
CA LYS C 36 -20.09 7.68 -23.19
C LYS C 36 -20.09 6.55 -22.16
N LEU C 37 -19.93 5.31 -22.62
CA LEU C 37 -19.90 4.18 -21.70
C LEU C 37 -18.63 4.27 -20.83
N ALA C 38 -17.49 4.53 -21.45
CA ALA C 38 -16.23 4.64 -20.74
C ALA C 38 -16.23 5.81 -19.75
N GLN C 39 -16.67 6.97 -20.22
CA GLN C 39 -16.72 8.16 -19.38
C GLN C 39 -17.63 7.93 -18.18
N ALA C 40 -18.69 7.15 -18.37
CA ALA C 40 -19.64 6.87 -17.30
C ALA C 40 -19.05 5.98 -16.21
N HIS C 41 -18.33 4.93 -16.60
CA HIS C 41 -17.71 4.04 -15.62
C HIS C 41 -16.59 4.80 -14.95
N ALA C 42 -15.85 5.57 -15.75
CA ALA C 42 -14.76 6.35 -15.24
C ALA C 42 -15.24 7.26 -14.12
N GLU C 43 -16.36 7.96 -14.35
CA GLU C 43 -16.87 8.87 -13.34
C GLU C 43 -17.49 8.16 -12.16
N ASP C 44 -18.14 7.04 -12.41
CA ASP C 44 -18.76 6.29 -11.33
C ASP C 44 -17.66 5.79 -10.40
N ILE C 45 -16.54 5.36 -10.98
CA ILE C 45 -15.42 4.88 -10.18
C ILE C 45 -14.73 6.02 -9.43
N LEU C 46 -14.64 7.19 -10.07
CA LEU C 46 -14.01 8.35 -9.46
C LEU C 46 -14.69 8.71 -8.16
N HIS C 47 -15.98 8.38 -8.06
CA HIS C 47 -16.77 8.68 -6.88
C HIS C 47 -16.37 7.79 -5.69
N ALA C 48 -15.65 6.70 -6.02
CA ALA C 48 -15.22 5.79 -4.97
C ALA C 48 -13.77 6.06 -4.56
N THR C 49 -13.08 6.86 -5.40
CA THR C 49 -11.68 7.16 -5.13
C THR C 49 -11.49 7.81 -3.76
N PRO C 50 -12.42 8.68 -3.34
CA PRO C 50 -12.27 9.34 -2.04
C PRO C 50 -12.29 8.37 -0.85
N PHE C 51 -12.96 7.24 -1.04
CA PHE C 51 -13.09 6.25 0.01
C PHE C 51 -12.06 5.13 -0.09
N ALA C 52 -10.98 5.40 -0.82
CA ALA C 52 -9.92 4.41 -1.00
C ALA C 52 -8.59 5.07 -1.26
N HIS C 53 -8.06 4.92 -2.47
CA HIS C 53 -6.78 5.51 -2.82
C HIS C 53 -6.85 6.64 -3.85
N PRO C 54 -5.84 7.51 -3.85
CA PRO C 54 -5.73 8.66 -4.76
C PRO C 54 -5.40 8.15 -6.16
N VAL C 55 -6.40 7.66 -6.87
CA VAL C 55 -6.19 7.14 -8.20
C VAL C 55 -6.90 7.99 -9.24
N TRP C 56 -6.25 8.21 -10.37
CA TRP C 56 -6.89 9.01 -11.39
C TRP C 56 -7.43 8.10 -12.49
N VAL C 57 -8.74 7.87 -12.45
CA VAL C 57 -9.39 7.04 -13.45
C VAL C 57 -10.15 7.91 -14.43
N ARG C 58 -9.83 7.77 -15.71
CA ARG C 58 -10.47 8.56 -16.77
C ARG C 58 -10.69 7.79 -18.05
N ALA C 59 -11.66 8.26 -18.83
CA ALA C 59 -11.97 7.66 -20.12
C ALA C 59 -11.15 8.51 -21.09
N GLY C 60 -10.68 7.89 -22.17
CA GLY C 60 -9.90 8.64 -23.12
C GLY C 60 -9.85 7.90 -24.44
N SER C 61 -8.85 8.21 -25.24
CA SER C 61 -8.68 7.56 -26.53
C SER C 61 -7.36 6.82 -26.55
N TYR C 62 -7.09 6.13 -27.64
CA TYR C 62 -5.85 5.40 -27.77
C TYR C 62 -4.67 6.33 -27.54
N GLY C 63 -4.81 7.58 -27.98
CA GLY C 63 -3.75 8.55 -27.80
C GLY C 63 -3.44 8.76 -26.33
N ASP C 64 -4.44 8.59 -25.48
CA ASP C 64 -4.24 8.80 -24.05
C ASP C 64 -3.52 7.62 -23.39
N LEU C 65 -3.34 6.52 -24.16
CA LEU C 65 -2.61 5.37 -23.65
C LEU C 65 -1.10 5.59 -23.70
N GLU C 66 -0.72 6.83 -24.08
CA GLU C 66 0.71 7.13 -24.15
C GLU C 66 1.38 6.96 -22.78
N GLY C 67 2.40 6.08 -22.75
CA GLY C 67 3.14 5.89 -21.50
C GLY C 67 2.59 4.70 -20.69
N ALA C 68 1.44 4.15 -21.06
CA ALA C 68 0.93 3.00 -20.31
C ALA C 68 1.94 1.84 -20.32
N ARG C 69 2.31 1.41 -19.11
CA ARG C 69 3.23 0.29 -19.00
C ARG C 69 2.53 -1.05 -19.24
N ALA C 70 1.20 -1.02 -19.05
CA ALA C 70 0.41 -2.20 -19.35
C ALA C 70 -1.00 -1.83 -19.79
N VAL C 71 -1.52 -2.50 -20.82
CA VAL C 71 -2.86 -2.23 -21.32
C VAL C 71 -3.67 -3.53 -21.32
N VAL C 72 -4.83 -3.49 -20.68
CA VAL C 72 -5.70 -4.65 -20.59
C VAL C 72 -6.68 -4.66 -21.76
N LEU C 73 -6.67 -5.75 -22.52
CA LEU C 73 -7.56 -5.89 -23.66
C LEU C 73 -8.80 -6.66 -23.23
N ALA C 74 -9.90 -5.94 -22.99
CA ALA C 74 -11.15 -6.55 -22.56
C ALA C 74 -12.26 -6.14 -23.51
N ALA C 75 -11.90 -5.95 -24.77
CA ALA C 75 -12.87 -5.57 -25.79
C ALA C 75 -13.37 -6.83 -26.48
N GLY C 76 -14.66 -6.85 -26.79
CA GLY C 76 -15.24 -8.00 -27.45
C GLY C 76 -16.71 -7.78 -27.77
N VAL C 77 -17.30 -8.74 -28.47
CA VAL C 77 -18.70 -8.63 -28.84
C VAL C 77 -19.51 -9.77 -28.20
N ALA C 78 -20.82 -9.58 -28.12
CA ALA C 78 -21.71 -10.58 -27.57
C ALA C 78 -22.17 -11.43 -28.75
N GLN C 79 -22.21 -12.75 -28.56
CA GLN C 79 -22.63 -13.65 -29.62
C GLN C 79 -24.04 -13.31 -30.10
N ARG C 80 -24.31 -13.64 -31.36
CA ARG C 80 -25.63 -13.42 -31.94
C ARG C 80 -26.35 -14.75 -31.80
N PRO C 81 -27.58 -14.74 -31.28
CA PRO C 81 -28.32 -16.00 -31.12
C PRO C 81 -28.47 -16.73 -32.44
N GLY C 82 -27.81 -17.86 -32.59
CA GLY C 82 -27.93 -18.61 -33.82
C GLY C 82 -26.67 -18.72 -34.65
N GLU C 83 -25.65 -17.91 -34.36
CA GLU C 83 -24.40 -17.97 -35.11
C GLU C 83 -23.52 -19.06 -34.48
N THR C 84 -22.59 -19.60 -35.26
CA THR C 84 -21.72 -20.65 -34.76
C THR C 84 -20.65 -20.05 -33.86
N ARG C 85 -19.99 -20.90 -33.06
CA ARG C 85 -18.94 -20.42 -32.18
C ARG C 85 -17.79 -19.83 -33.00
N LEU C 86 -17.41 -20.53 -34.08
CA LEU C 86 -16.31 -20.08 -34.94
C LEU C 86 -16.61 -18.68 -35.48
N GLN C 87 -17.89 -18.41 -35.74
CA GLN C 87 -18.30 -17.11 -36.24
C GLN C 87 -18.06 -16.06 -35.15
N LEU C 88 -18.45 -16.39 -33.92
CA LEU C 88 -18.28 -15.42 -32.88
C LEU C 88 -16.79 -15.21 -32.60
N LEU C 89 -16.00 -16.28 -32.57
CA LEU C 89 -14.56 -16.16 -32.42
C LEU C 89 -13.95 -15.30 -33.53
N ASP C 90 -14.49 -15.41 -34.73
CA ASP C 90 -13.97 -14.64 -35.86
C ASP C 90 -14.26 -13.15 -35.68
N ARG C 91 -15.43 -12.83 -35.13
CA ARG C 91 -15.80 -11.44 -34.89
C ARG C 91 -14.89 -10.84 -33.80
N ASN C 92 -14.58 -11.62 -32.77
CA ASN C 92 -13.71 -11.11 -31.72
C ASN C 92 -12.30 -10.89 -32.26
N ALA C 93 -11.84 -11.78 -33.12
CA ALA C 93 -10.53 -11.64 -33.70
C ALA C 93 -10.48 -10.32 -34.48
N GLN C 94 -11.57 -9.99 -35.17
CA GLN C 94 -11.66 -8.75 -35.94
C GLN C 94 -11.48 -7.56 -35.01
N VAL C 95 -12.19 -7.58 -33.90
CA VAL C 95 -12.10 -6.50 -32.91
C VAL C 95 -10.63 -6.28 -32.52
N PHE C 96 -9.93 -7.38 -32.26
CA PHE C 96 -8.52 -7.31 -31.88
C PHE C 96 -7.68 -6.75 -33.04
N ALA C 97 -8.07 -7.10 -34.27
CA ALA C 97 -7.37 -6.62 -35.46
C ALA C 97 -7.35 -5.09 -35.47
N GLN C 98 -8.39 -4.47 -34.93
CA GLN C 98 -8.47 -3.02 -34.87
C GLN C 98 -7.78 -2.52 -33.62
N VAL C 99 -8.07 -3.15 -32.48
CA VAL C 99 -7.50 -2.72 -31.20
C VAL C 99 -5.97 -2.85 -31.06
N VAL C 100 -5.42 -4.04 -31.23
CA VAL C 100 -3.99 -4.23 -31.07
C VAL C 100 -3.08 -3.20 -31.77
N PRO C 101 -3.19 -3.03 -33.10
CA PRO C 101 -2.30 -2.04 -33.70
C PRO C 101 -2.44 -0.62 -33.16
N ARG C 102 -3.66 -0.23 -32.79
CA ARG C 102 -3.88 1.10 -32.25
C ARG C 102 -3.31 1.26 -30.83
N VAL C 103 -3.34 0.18 -30.04
CA VAL C 103 -2.80 0.22 -28.69
C VAL C 103 -1.30 0.40 -28.78
N LEU C 104 -0.66 -0.40 -29.62
CA LEU C 104 0.79 -0.34 -29.80
C LEU C 104 1.30 0.94 -30.46
N GLU C 105 0.48 1.54 -31.32
CA GLU C 105 0.86 2.78 -31.98
C GLU C 105 1.10 3.83 -30.89
N ALA C 106 0.21 3.83 -29.90
CA ALA C 106 0.29 4.78 -28.78
C ALA C 106 1.22 4.36 -27.65
N ALA C 107 1.24 3.06 -27.32
CA ALA C 107 2.08 2.53 -26.25
C ALA C 107 2.87 1.35 -26.76
N PRO C 108 3.92 1.61 -27.54
CA PRO C 108 4.81 0.60 -28.14
C PRO C 108 5.52 -0.28 -27.12
N GLU C 109 5.68 0.22 -25.90
CA GLU C 109 6.38 -0.53 -24.87
C GLU C 109 5.44 -1.17 -23.85
N ALA C 110 4.14 -1.01 -24.08
CA ALA C 110 3.16 -1.58 -23.17
C ALA C 110 3.14 -3.10 -23.25
N VAL C 111 2.83 -3.73 -22.11
CA VAL C 111 2.68 -5.17 -22.04
C VAL C 111 1.17 -5.33 -22.19
N LEU C 112 0.75 -6.26 -23.03
CA LEU C 112 -0.69 -6.48 -23.27
C LEU C 112 -1.27 -7.58 -22.41
N LEU C 113 -2.36 -7.25 -21.73
CA LEU C 113 -3.05 -8.20 -20.86
C LEU C 113 -4.40 -8.59 -21.45
N VAL C 114 -4.45 -9.74 -22.10
CA VAL C 114 -5.70 -10.23 -22.68
C VAL C 114 -6.62 -10.85 -21.62
N ALA C 115 -7.87 -10.35 -21.61
CA ALA C 115 -8.83 -10.85 -20.64
C ALA C 115 -10.12 -11.35 -21.32
N THR C 116 -10.19 -11.10 -22.64
CA THR C 116 -11.39 -11.48 -23.39
C THR C 116 -11.48 -12.99 -23.64
N ASN C 117 -12.69 -13.54 -23.40
CA ASN C 117 -12.88 -14.99 -23.55
C ASN C 117 -13.28 -15.37 -24.97
N PRO C 118 -12.80 -16.53 -25.49
CA PRO C 118 -11.90 -17.47 -24.80
C PRO C 118 -10.48 -16.91 -24.77
N VAL C 119 -10.03 -16.54 -23.56
CA VAL C 119 -8.72 -15.93 -23.34
C VAL C 119 -7.50 -16.59 -24.00
N ASP C 120 -7.49 -17.91 -24.08
CA ASP C 120 -6.34 -18.59 -24.70
C ASP C 120 -6.30 -18.34 -26.21
N VAL C 121 -7.47 -18.36 -26.84
CA VAL C 121 -7.54 -18.11 -28.27
C VAL C 121 -7.18 -16.66 -28.54
N MSE C 122 -7.78 -15.76 -27.79
CA MSE C 122 -7.53 -14.33 -27.97
C MSE C 122 -6.09 -13.94 -27.68
O MSE C 122 -5.58 -12.95 -28.23
CB MSE C 122 -8.49 -13.52 -27.10
CG MSE C 122 -9.96 -13.78 -27.42
SE MSE C 122 -10.38 -13.63 -29.34
CE MSE C 122 -10.31 -11.71 -29.47
N THR C 123 -5.42 -14.70 -26.82
CA THR C 123 -4.03 -14.42 -26.50
C THR C 123 -3.20 -14.78 -27.72
N GLN C 124 -3.54 -15.90 -28.34
CA GLN C 124 -2.87 -16.36 -29.56
C GLN C 124 -3.10 -15.29 -30.64
N VAL C 125 -4.33 -14.82 -30.71
CA VAL C 125 -4.71 -13.79 -31.69
C VAL C 125 -3.91 -12.51 -31.45
N ALA C 126 -3.98 -12.01 -30.23
CA ALA C 126 -3.26 -10.78 -29.86
C ALA C 126 -1.78 -10.93 -30.15
N TYR C 127 -1.23 -12.10 -29.87
CA TYR C 127 0.19 -12.32 -30.11
C TYR C 127 0.57 -12.15 -31.58
N ARG C 128 -0.01 -12.95 -32.46
CA ARG C 128 0.32 -12.88 -33.88
C ARG C 128 0.07 -11.49 -34.49
N LEU C 129 -0.95 -10.81 -33.99
CA LEU C 129 -1.31 -9.48 -34.48
C LEU C 129 -0.36 -8.38 -34.03
N SER C 130 0.27 -8.56 -32.87
CA SER C 130 1.15 -7.54 -32.29
C SER C 130 2.54 -7.41 -32.88
N GLY C 131 3.10 -8.51 -33.37
CA GLY C 131 4.44 -8.46 -33.91
C GLY C 131 5.49 -8.27 -32.81
N LEU C 132 5.07 -8.40 -31.56
CA LEU C 132 5.97 -8.25 -30.42
C LEU C 132 6.53 -9.62 -30.02
N PRO C 133 7.55 -9.62 -29.14
CA PRO C 133 8.09 -10.91 -28.70
C PRO C 133 7.03 -11.59 -27.81
N PRO C 134 7.04 -12.93 -27.76
CA PRO C 134 6.12 -13.79 -27.00
C PRO C 134 5.70 -13.36 -25.58
N GLY C 135 6.67 -13.03 -24.73
CA GLY C 135 6.35 -12.65 -23.37
C GLY C 135 5.62 -11.33 -23.17
N ARG C 136 5.54 -10.53 -24.24
CA ARG C 136 4.87 -9.23 -24.18
C ARG C 136 3.35 -9.30 -24.22
N VAL C 137 2.81 -10.48 -24.58
CA VAL C 137 1.36 -10.68 -24.68
C VAL C 137 0.94 -11.74 -23.67
N VAL C 138 0.21 -11.32 -22.64
CA VAL C 138 -0.19 -12.22 -21.57
C VAL C 138 -1.68 -12.27 -21.32
N GLY C 139 -2.23 -13.49 -21.30
CA GLY C 139 -3.64 -13.67 -21.04
C GLY C 139 -3.84 -14.09 -19.59
N SER C 140 -4.91 -13.60 -18.97
CA SER C 140 -5.19 -13.91 -17.56
C SER C 140 -5.15 -15.41 -17.31
N GLY C 141 -5.48 -16.19 -18.34
CA GLY C 141 -5.46 -17.65 -18.24
C GLY C 141 -6.20 -18.29 -17.10
N THR C 142 -5.52 -19.15 -16.36
CA THR C 142 -6.13 -19.87 -15.24
C THR C 142 -5.89 -19.32 -13.84
N ILE C 143 -5.24 -18.17 -13.71
CA ILE C 143 -4.95 -17.63 -12.39
C ILE C 143 -6.09 -17.70 -11.36
N LEU C 144 -7.32 -17.51 -11.83
CA LEU C 144 -8.47 -17.54 -10.93
C LEU C 144 -8.75 -18.95 -10.46
N ASP C 145 -8.46 -19.92 -11.33
CA ASP C 145 -8.71 -21.31 -11.00
C ASP C 145 -7.57 -21.87 -10.15
N THR C 146 -6.36 -21.45 -10.45
CA THR C 146 -5.22 -21.90 -9.69
C THR C 146 -5.39 -21.41 -8.24
N ALA C 147 -5.83 -20.17 -8.08
CA ALA C 147 -6.03 -19.60 -6.75
C ALA C 147 -7.18 -20.31 -6.04
N ARG C 148 -8.25 -20.61 -6.76
CA ARG C 148 -9.35 -21.29 -6.11
C ARG C 148 -8.91 -22.67 -5.67
N PHE C 149 -8.08 -23.32 -6.49
CA PHE C 149 -7.56 -24.65 -6.17
C PHE C 149 -6.82 -24.61 -4.85
N ARG C 150 -5.93 -23.64 -4.70
CA ARG C 150 -5.17 -23.46 -3.48
C ARG C 150 -6.07 -23.10 -2.30
N ALA C 151 -7.10 -22.29 -2.54
CA ALA C 151 -7.98 -21.93 -1.45
C ALA C 151 -8.70 -23.18 -0.96
N LEU C 152 -9.16 -23.98 -1.90
CA LEU C 152 -9.86 -25.18 -1.46
C LEU C 152 -8.91 -26.10 -0.72
N LEU C 153 -7.71 -26.35 -1.25
CA LEU C 153 -6.72 -27.17 -0.56
C LEU C 153 -6.37 -26.59 0.82
N ALA C 154 -6.37 -25.26 0.91
CA ALA C 154 -6.03 -24.60 2.16
C ALA C 154 -7.09 -24.88 3.23
N GLU C 155 -8.34 -24.71 2.85
CA GLU C 155 -9.46 -24.92 3.74
C GLU C 155 -9.47 -26.37 4.19
N TYR C 156 -9.26 -27.26 3.24
CA TYR C 156 -9.26 -28.70 3.47
C TYR C 156 -8.17 -29.15 4.45
N LEU C 157 -6.98 -28.58 4.28
CA LEU C 157 -5.83 -28.92 5.09
C LEU C 157 -5.64 -28.03 6.29
N ARG C 158 -6.54 -27.08 6.49
CA ARG C 158 -6.42 -26.16 7.62
C ARG C 158 -5.04 -25.50 7.65
N VAL C 159 -4.64 -24.92 6.52
CA VAL C 159 -3.34 -24.26 6.42
C VAL C 159 -3.51 -22.99 5.60
N ALA C 160 -2.63 -22.03 5.78
CA ALA C 160 -2.70 -20.78 5.03
C ALA C 160 -2.41 -21.02 3.53
N PRO C 161 -3.21 -20.41 2.65
CA PRO C 161 -3.07 -20.52 1.18
C PRO C 161 -1.65 -20.30 0.67
N GLN C 162 -0.98 -19.31 1.24
CA GLN C 162 0.38 -18.96 0.83
C GLN C 162 1.36 -20.14 0.90
N SER C 163 0.98 -21.18 1.64
CA SER C 163 1.86 -22.35 1.77
C SER C 163 1.57 -23.41 0.72
N VAL C 164 0.44 -23.28 0.05
CA VAL C 164 0.06 -24.25 -0.97
C VAL C 164 0.57 -23.88 -2.36
N HIS C 165 1.38 -24.75 -2.95
CA HIS C 165 1.87 -24.53 -4.28
C HIS C 165 1.29 -25.60 -5.17
N ALA C 166 0.11 -25.29 -5.71
CA ALA C 166 -0.62 -26.18 -6.60
C ALA C 166 -1.02 -25.38 -7.84
N TYR C 167 -1.11 -26.05 -8.98
CA TYR C 167 -1.44 -25.38 -10.24
C TYR C 167 -2.61 -25.95 -11.06
N VAL C 168 -3.18 -25.09 -11.89
CA VAL C 168 -4.11 -25.32 -12.99
C VAL C 168 -3.46 -24.91 -14.30
N LEU C 169 -3.24 -25.91 -15.18
CA LEU C 169 -2.64 -25.61 -16.47
C LEU C 169 -3.63 -25.96 -17.61
N GLY C 170 -3.18 -25.68 -18.84
CA GLY C 170 -4.03 -25.94 -19.99
C GLY C 170 -4.85 -24.70 -20.37
N GLU C 171 -6.00 -25.12 -20.89
CA GLU C 171 -7.04 -24.21 -21.37
C GLU C 171 -7.87 -23.65 -20.23
N HIS C 172 -8.06 -22.33 -20.19
CA HIS C 172 -8.90 -21.76 -19.15
C HIS C 172 -10.30 -22.19 -19.51
N GLY C 173 -10.67 -23.39 -19.10
CA GLY C 173 -11.98 -23.88 -19.42
C GLY C 173 -12.11 -25.35 -19.07
N ASP C 174 -13.15 -25.98 -19.61
CA ASP C 174 -13.43 -27.38 -19.33
C ASP C 174 -12.28 -28.37 -19.40
N SER C 175 -11.30 -28.15 -20.27
CA SER C 175 -10.21 -29.11 -20.36
C SER C 175 -8.99 -28.79 -19.49
N GLU C 176 -9.13 -27.83 -18.57
CA GLU C 176 -8.02 -27.43 -17.72
C GLU C 176 -7.54 -28.58 -16.82
N VAL C 177 -6.24 -28.58 -16.54
CA VAL C 177 -5.64 -29.63 -15.75
C VAL C 177 -5.24 -29.24 -14.33
N LEU C 178 -5.82 -29.92 -13.34
CA LEU C 178 -5.46 -29.69 -11.95
C LEU C 178 -4.29 -30.63 -11.69
N VAL C 179 -3.14 -30.06 -11.41
CA VAL C 179 -1.94 -30.83 -11.17
C VAL C 179 -1.89 -31.36 -9.73
N TRP C 180 -2.58 -32.46 -9.48
CA TRP C 180 -2.59 -33.05 -8.15
C TRP C 180 -1.29 -33.73 -7.79
N SER C 181 -0.73 -34.46 -8.76
CA SER C 181 0.48 -35.24 -8.56
C SER C 181 1.62 -34.56 -7.85
N SER C 182 2.02 -33.38 -8.32
CA SER C 182 3.14 -32.68 -7.71
C SER C 182 2.79 -31.50 -6.81
N ALA C 183 1.51 -31.40 -6.45
CA ALA C 183 1.07 -30.32 -5.56
C ALA C 183 1.88 -30.36 -4.26
N GLN C 184 2.30 -29.19 -3.78
CA GLN C 184 3.08 -29.13 -2.55
C GLN C 184 2.60 -28.12 -1.53
N VAL C 185 2.68 -28.52 -0.26
CA VAL C 185 2.26 -27.67 0.84
C VAL C 185 3.43 -27.55 1.82
N GLY C 186 3.89 -26.33 2.03
CA GLY C 186 5.01 -26.12 2.92
C GLY C 186 6.23 -26.83 2.39
N GLY C 187 6.27 -27.02 1.07
CA GLY C 187 7.39 -27.68 0.44
C GLY C 187 7.39 -29.19 0.64
N VAL C 188 6.25 -29.72 1.06
CA VAL C 188 6.08 -31.15 1.31
C VAL C 188 4.98 -31.71 0.39
N PRO C 189 5.11 -32.98 -0.04
CA PRO C 189 4.11 -33.59 -0.92
C PRO C 189 2.73 -33.47 -0.31
N LEU C 190 1.76 -33.07 -1.13
CA LEU C 190 0.39 -32.89 -0.67
C LEU C 190 -0.18 -34.01 0.21
N LEU C 191 -0.11 -35.25 -0.24
CA LEU C 191 -0.65 -36.35 0.56
C LEU C 191 0.05 -36.47 1.90
N GLU C 192 1.32 -36.10 1.94
CA GLU C 192 2.12 -36.13 3.15
C GLU C 192 1.52 -35.13 4.15
N PHE C 193 1.36 -33.89 3.68
CA PHE C 193 0.82 -32.83 4.50
C PHE C 193 -0.57 -33.19 4.99
N ALA C 194 -1.38 -33.74 4.10
CA ALA C 194 -2.75 -34.12 4.42
C ALA C 194 -2.82 -35.13 5.57
N GLU C 195 -1.96 -36.14 5.53
CA GLU C 195 -1.96 -37.14 6.60
C GLU C 195 -1.71 -36.47 7.95
N ALA C 196 -0.71 -35.60 7.99
CA ALA C 196 -0.33 -34.91 9.23
C ALA C 196 -1.50 -34.09 9.78
N ARG C 197 -2.35 -33.61 8.84
CA ARG C 197 -3.51 -32.83 9.26
C ARG C 197 -4.71 -33.71 9.58
N GLY C 198 -4.49 -35.04 9.52
CA GLY C 198 -5.58 -35.97 9.81
C GLY C 198 -6.54 -36.10 8.63
N ARG C 199 -6.02 -35.96 7.41
CA ARG C 199 -6.85 -36.00 6.21
C ARG C 199 -6.40 -37.06 5.23
N ALA C 200 -7.37 -37.57 4.48
CA ALA C 200 -7.11 -38.57 3.47
C ALA C 200 -7.86 -38.12 2.22
N LEU C 201 -7.11 -37.69 1.21
CA LEU C 201 -7.71 -37.24 -0.04
C LEU C 201 -8.42 -38.36 -0.78
N SER C 202 -9.67 -38.60 -0.41
CA SER C 202 -10.45 -39.65 -1.05
C SER C 202 -10.90 -39.25 -2.46
N PRO C 203 -11.37 -40.22 -3.24
CA PRO C 203 -11.81 -39.87 -4.59
C PRO C 203 -12.92 -38.83 -4.49
N GLU C 204 -13.80 -38.99 -3.51
CA GLU C 204 -14.89 -38.05 -3.29
C GLU C 204 -14.34 -36.66 -3.03
N ASP C 205 -13.33 -36.57 -2.18
CA ASP C 205 -12.72 -35.29 -1.82
C ASP C 205 -12.12 -34.61 -3.04
N ARG C 206 -11.46 -35.39 -3.90
CA ARG C 206 -10.86 -34.84 -5.11
C ARG C 206 -11.94 -34.31 -6.06
N ALA C 207 -13.01 -35.07 -6.21
CA ALA C 207 -14.12 -34.68 -7.09
C ALA C 207 -14.81 -33.40 -6.58
N ARG C 208 -14.94 -33.28 -5.27
CA ARG C 208 -15.58 -32.11 -4.67
C ARG C 208 -14.77 -30.88 -5.04
N ILE C 209 -13.47 -30.96 -4.80
CA ILE C 209 -12.57 -29.85 -5.06
C ILE C 209 -12.46 -29.59 -6.56
N ASP C 210 -12.49 -30.65 -7.36
CA ASP C 210 -12.40 -30.49 -8.80
C ASP C 210 -13.62 -29.68 -9.27
N GLU C 211 -14.80 -30.02 -8.75
CA GLU C 211 -16.00 -29.30 -9.13
C GLU C 211 -15.95 -27.85 -8.67
N GLY C 212 -15.40 -27.62 -7.48
CA GLY C 212 -15.33 -26.27 -6.98
C GLY C 212 -14.47 -25.36 -7.84
N VAL C 213 -13.50 -25.94 -8.54
CA VAL C 213 -12.62 -25.17 -9.40
C VAL C 213 -13.10 -25.10 -10.84
N ARG C 214 -13.35 -26.27 -11.42
CA ARG C 214 -13.75 -26.40 -12.82
C ARG C 214 -15.11 -25.80 -13.21
N ARG C 215 -16.10 -25.94 -12.33
CA ARG C 215 -17.43 -25.43 -12.62
C ARG C 215 -17.79 -24.10 -11.98
N ALA C 216 -16.81 -23.40 -11.42
CA ALA C 216 -17.07 -22.11 -10.78
C ALA C 216 -17.64 -21.08 -11.78
N ALA C 217 -16.90 -20.83 -12.85
CA ALA C 217 -17.36 -19.88 -13.87
C ALA C 217 -18.75 -20.29 -14.37
N TYR C 218 -18.95 -21.58 -14.57
CA TYR C 218 -20.23 -22.09 -15.03
C TYR C 218 -21.35 -21.67 -14.08
N ARG C 219 -21.16 -21.93 -12.78
CA ARG C 219 -22.15 -21.58 -11.77
C ARG C 219 -22.45 -20.08 -11.74
N ILE C 220 -21.42 -19.27 -11.91
CA ILE C 220 -21.58 -17.82 -11.87
C ILE C 220 -22.39 -17.34 -13.07
N ILE C 221 -21.96 -17.74 -14.27
CA ILE C 221 -22.66 -17.38 -15.52
C ILE C 221 -24.13 -17.75 -15.39
N GLU C 222 -24.39 -18.94 -14.86
CA GLU C 222 -25.75 -19.44 -14.70
C GLU C 222 -26.55 -18.63 -13.70
N GLY C 223 -25.87 -17.99 -12.75
CA GLY C 223 -26.58 -17.22 -11.76
C GLY C 223 -26.71 -15.72 -12.05
N LYS C 224 -25.71 -15.14 -12.70
CA LYS C 224 -25.73 -13.70 -13.01
C LYS C 224 -25.45 -13.35 -14.48
N GLY C 225 -25.25 -14.37 -15.32
CA GLY C 225 -25.02 -14.11 -16.73
C GLY C 225 -23.59 -13.88 -17.18
N ALA C 226 -22.72 -13.50 -16.27
CA ALA C 226 -21.33 -13.27 -16.63
C ALA C 226 -20.43 -13.19 -15.39
N THR C 227 -19.12 -13.27 -15.59
CA THR C 227 -18.18 -13.17 -14.49
C THR C 227 -17.37 -11.92 -14.75
N TYR C 228 -17.02 -11.20 -13.70
CA TYR C 228 -16.20 -10.00 -13.85
C TYR C 228 -15.47 -9.60 -12.57
N TYR C 229 -16.14 -9.72 -11.42
CA TYR C 229 -15.50 -9.35 -10.16
C TYR C 229 -14.19 -10.09 -9.90
N GLY C 230 -14.23 -11.42 -10.02
CA GLY C 230 -13.03 -12.20 -9.78
C GLY C 230 -11.87 -11.87 -10.70
N ILE C 231 -12.16 -11.78 -12.00
CA ILE C 231 -11.11 -11.49 -12.97
C ILE C 231 -10.62 -10.04 -12.85
N GLY C 232 -11.51 -9.14 -12.44
CA GLY C 232 -11.11 -7.75 -12.28
C GLY C 232 -9.95 -7.65 -11.29
N ALA C 233 -10.09 -8.35 -10.18
CA ALA C 233 -9.06 -8.37 -9.13
C ALA C 233 -7.84 -9.17 -9.57
N GLY C 234 -8.06 -10.28 -10.25
CA GLY C 234 -6.96 -11.11 -10.72
C GLY C 234 -6.12 -10.34 -11.72
N LEU C 235 -6.81 -9.58 -12.57
CA LEU C 235 -6.15 -8.75 -13.57
C LEU C 235 -5.33 -7.69 -12.85
N ALA C 236 -5.95 -7.08 -11.84
CA ALA C 236 -5.29 -6.02 -11.07
C ALA C 236 -4.01 -6.54 -10.44
N ARG C 237 -4.01 -7.80 -10.03
CA ARG C 237 -2.82 -8.38 -9.43
C ARG C 237 -1.77 -8.53 -10.52
N LEU C 238 -2.19 -8.96 -11.71
CA LEU C 238 -1.26 -9.11 -12.83
C LEU C 238 -0.63 -7.77 -13.18
N VAL C 239 -1.43 -6.71 -13.19
CA VAL C 239 -0.91 -5.38 -13.49
C VAL C 239 0.18 -5.01 -12.47
N ARG C 240 -0.13 -5.22 -11.19
CA ARG C 240 0.82 -4.92 -10.12
C ARG C 240 2.14 -5.67 -10.31
N ALA C 241 2.05 -6.94 -10.69
CA ALA C 241 3.24 -7.74 -10.92
C ALA C 241 4.08 -7.11 -12.03
N ILE C 242 3.39 -6.53 -13.01
CA ILE C 242 4.06 -5.88 -14.14
C ILE C 242 4.62 -4.51 -13.74
N LEU C 243 3.81 -3.74 -13.03
CA LEU C 243 4.19 -2.40 -12.60
C LEU C 243 5.39 -2.40 -11.65
N THR C 244 5.50 -3.43 -10.82
CA THR C 244 6.60 -3.50 -9.86
C THR C 244 7.69 -4.49 -10.25
N ASP C 245 7.65 -4.99 -11.49
CA ASP C 245 8.63 -5.97 -11.97
C ASP C 245 8.87 -7.06 -10.93
N GLU C 246 7.77 -7.54 -10.36
CA GLU C 246 7.77 -8.56 -9.34
C GLU C 246 8.49 -9.89 -9.64
N LYS C 247 8.41 -10.37 -10.87
CA LYS C 247 9.02 -11.65 -11.24
C LYS C 247 8.26 -12.74 -10.49
N GLY C 248 6.97 -12.51 -10.25
CA GLY C 248 6.15 -13.50 -9.57
C GLY C 248 5.74 -14.62 -10.52
N VAL C 249 5.30 -15.74 -9.97
CA VAL C 249 4.88 -16.89 -10.76
C VAL C 249 3.37 -16.95 -10.82
N TYR C 250 2.82 -16.96 -12.03
CA TYR C 250 1.39 -17.02 -12.21
C TYR C 250 1.07 -17.99 -13.33
N THR C 251 -0.07 -18.65 -13.25
CA THR C 251 -0.45 -19.56 -14.31
C THR C 251 -1.24 -18.75 -15.32
N VAL C 252 -0.52 -18.04 -16.17
CA VAL C 252 -1.13 -17.21 -17.19
C VAL C 252 -0.84 -17.76 -18.58
N SER C 253 -1.73 -17.41 -19.51
CA SER C 253 -1.62 -17.86 -20.88
C SER C 253 -0.69 -16.96 -21.70
N ALA C 254 0.09 -17.59 -22.55
CA ALA C 254 1.03 -16.88 -23.42
C ALA C 254 1.43 -17.82 -24.54
N PHE C 255 1.85 -17.26 -25.66
CA PHE C 255 2.24 -18.06 -26.82
C PHE C 255 3.35 -19.01 -26.44
N THR C 256 3.15 -20.30 -26.66
CA THR C 256 4.14 -21.30 -26.31
C THR C 256 4.69 -21.99 -27.55
N PRO C 257 6.02 -22.05 -27.68
CA PRO C 257 6.61 -22.71 -28.86
C PRO C 257 6.23 -24.17 -28.98
N GLU C 258 6.29 -24.91 -27.88
CA GLU C 258 5.95 -26.32 -27.91
C GLU C 258 5.48 -26.82 -26.54
N VAL C 259 4.38 -27.57 -26.54
CA VAL C 259 3.86 -28.10 -25.30
C VAL C 259 3.29 -29.48 -25.56
N GLU C 260 4.02 -30.49 -25.10
CA GLU C 260 3.60 -31.88 -25.26
C GLU C 260 3.35 -32.25 -26.73
N GLY C 261 4.28 -31.86 -27.60
CA GLY C 261 4.05 -32.22 -29.00
C GLY C 261 3.39 -31.09 -29.81
N VAL C 262 2.46 -30.36 -29.17
CA VAL C 262 1.69 -29.34 -29.88
C VAL C 262 2.48 -28.04 -30.02
N LEU C 263 2.70 -27.64 -31.30
CA LEU C 263 3.50 -26.45 -31.57
C LEU C 263 2.67 -25.17 -31.61
N GLU C 264 3.35 -24.06 -31.32
CA GLU C 264 2.77 -22.71 -31.37
C GLU C 264 1.32 -22.60 -30.92
N VAL C 265 1.11 -22.47 -29.62
CA VAL C 265 -0.23 -22.36 -29.08
C VAL C 265 -0.18 -21.63 -27.73
N SER C 266 -1.26 -20.94 -27.40
CA SER C 266 -1.32 -20.21 -26.15
C SER C 266 -2.20 -20.91 -25.13
N LEU C 267 -1.63 -21.15 -23.95
CA LEU C 267 -2.36 -21.79 -22.86
C LEU C 267 -1.64 -21.42 -21.56
N SER C 268 -2.20 -21.79 -20.43
CA SER C 268 -1.58 -21.43 -19.17
C SER C 268 -0.55 -22.41 -18.63
N LEU C 269 0.60 -21.85 -18.26
CA LEU C 269 1.71 -22.57 -17.63
C LEU C 269 2.20 -21.63 -16.53
N PRO C 270 2.89 -22.16 -15.51
CA PRO C 270 3.39 -21.29 -14.43
C PRO C 270 4.42 -20.37 -15.05
N ARG C 271 4.19 -19.07 -15.01
CA ARG C 271 5.15 -18.16 -15.64
C ARG C 271 5.60 -17.02 -14.77
N ILE C 272 6.84 -16.61 -14.97
CA ILE C 272 7.47 -15.52 -14.23
C ILE C 272 7.09 -14.21 -14.93
N LEU C 273 6.34 -13.36 -14.23
CA LEU C 273 5.85 -12.11 -14.78
C LEU C 273 6.52 -10.84 -14.25
N GLY C 274 7.16 -10.10 -15.15
CA GLY C 274 7.83 -8.87 -14.78
C GLY C 274 7.38 -7.67 -15.62
N ALA C 275 8.23 -6.63 -15.62
CA ALA C 275 7.90 -5.39 -16.32
C ALA C 275 7.81 -5.60 -17.84
N GLY C 276 8.72 -6.46 -18.34
CA GLY C 276 8.71 -6.76 -19.78
C GLY C 276 7.72 -7.87 -20.12
N GLY C 277 6.93 -8.27 -19.11
CA GLY C 277 5.94 -9.32 -19.34
C GLY C 277 6.42 -10.67 -18.82
N VAL C 278 5.90 -11.77 -19.41
CA VAL C 278 6.40 -13.09 -19.04
C VAL C 278 7.88 -13.24 -19.42
N GLU C 279 8.65 -13.60 -18.39
CA GLU C 279 10.09 -13.67 -18.46
C GLU C 279 10.66 -15.09 -18.37
N GLY C 280 9.80 -16.08 -18.16
CA GLY C 280 10.30 -17.43 -18.06
C GLY C 280 9.20 -18.41 -17.70
N THR C 281 9.52 -19.69 -17.79
CA THR C 281 8.54 -20.73 -17.50
C THR C 281 9.01 -21.74 -16.45
N VAL C 282 8.12 -22.08 -15.53
CA VAL C 282 8.44 -23.03 -14.48
C VAL C 282 7.75 -24.32 -14.88
N TYR C 283 8.52 -25.41 -14.99
CA TYR C 283 7.95 -26.69 -15.39
C TYR C 283 7.72 -27.68 -14.25
N PRO C 284 6.51 -27.68 -13.68
CA PRO C 284 6.19 -28.60 -12.59
C PRO C 284 6.17 -30.03 -13.08
N SER C 285 6.41 -30.97 -12.18
CA SER C 285 6.38 -32.39 -12.53
C SER C 285 4.94 -32.79 -12.81
N LEU C 286 4.74 -33.47 -13.94
CA LEU C 286 3.40 -33.93 -14.35
C LEU C 286 3.35 -35.44 -14.47
N SER C 287 2.25 -36.03 -14.06
CA SER C 287 2.09 -37.48 -14.15
C SER C 287 1.64 -37.83 -15.58
N PRO C 288 1.90 -39.08 -16.02
CA PRO C 288 1.48 -39.47 -17.37
C PRO C 288 0.07 -38.99 -17.71
N GLU C 289 -0.91 -39.29 -16.85
CA GLU C 289 -2.27 -38.86 -17.09
C GLU C 289 -2.38 -37.35 -17.18
N GLU C 290 -1.65 -36.63 -16.34
CA GLU C 290 -1.73 -35.19 -16.39
C GLU C 290 -1.14 -34.63 -17.68
N ARG C 291 -0.09 -35.27 -18.19
CA ARG C 291 0.52 -34.82 -19.42
C ARG C 291 -0.39 -35.04 -20.63
N GLU C 292 -1.07 -36.17 -20.69
CA GLU C 292 -1.95 -36.38 -21.82
C GLU C 292 -3.16 -35.46 -21.73
N ALA C 293 -3.60 -35.13 -20.52
CA ALA C 293 -4.73 -34.22 -20.36
C ALA C 293 -4.31 -32.81 -20.82
N LEU C 294 -3.04 -32.49 -20.59
CA LEU C 294 -2.51 -31.20 -20.97
C LEU C 294 -2.24 -31.16 -22.46
N ARG C 295 -1.90 -32.32 -23.03
CA ARG C 295 -1.63 -32.42 -24.45
C ARG C 295 -2.98 -32.32 -25.15
N ARG C 296 -3.93 -33.07 -24.63
CA ARG C 296 -5.30 -33.07 -25.15
C ARG C 296 -5.87 -31.65 -25.13
N SER C 297 -5.54 -30.91 -24.08
CA SER C 297 -6.01 -29.55 -23.91
C SER C 297 -5.37 -28.60 -24.93
N ALA C 298 -4.07 -28.76 -25.16
CA ALA C 298 -3.34 -27.92 -26.11
C ALA C 298 -3.82 -28.13 -27.54
N GLU C 299 -4.26 -29.34 -27.85
CA GLU C 299 -4.75 -29.63 -29.18
C GLU C 299 -6.10 -29.00 -29.38
N ILE C 300 -6.90 -28.96 -28.32
CA ILE C 300 -8.21 -28.33 -28.40
C ILE C 300 -8.01 -26.87 -28.82
N LEU C 301 -6.98 -26.23 -28.26
CA LEU C 301 -6.68 -24.84 -28.55
C LEU C 301 -5.96 -24.64 -29.88
N LYS C 302 -5.07 -25.57 -30.25
CA LYS C 302 -4.36 -25.48 -31.51
C LYS C 302 -5.36 -25.64 -32.64
N GLU C 303 -6.35 -26.50 -32.42
CA GLU C 303 -7.38 -26.74 -33.42
C GLU C 303 -8.15 -25.45 -33.68
N ALA C 304 -8.53 -24.78 -32.60
CA ALA C 304 -9.28 -23.54 -32.68
C ALA C 304 -8.44 -22.48 -33.38
N ALA C 305 -7.15 -22.47 -33.09
CA ALA C 305 -6.25 -21.50 -33.69
C ALA C 305 -6.12 -21.73 -35.20
N PHE C 306 -6.05 -23.00 -35.62
CA PHE C 306 -5.93 -23.31 -37.04
C PHE C 306 -7.21 -22.84 -37.75
N ALA C 307 -8.35 -23.27 -37.24
CA ALA C 307 -9.65 -22.92 -37.81
C ALA C 307 -9.85 -21.41 -37.97
N LEU C 308 -9.25 -20.65 -37.06
CA LEU C 308 -9.40 -19.21 -37.07
C LEU C 308 -8.34 -18.51 -37.91
N GLY C 309 -7.23 -19.20 -38.17
CA GLY C 309 -6.17 -18.61 -38.95
C GLY C 309 -5.06 -17.98 -38.11
N PHE C 310 -4.82 -18.53 -36.92
CA PHE C 310 -3.77 -18.01 -36.05
C PHE C 310 -2.88 -19.13 -35.51
N MSE D 1 -15.87 -9.82 12.41
CA MSE D 1 -17.21 -9.16 12.41
C MSE D 1 -17.90 -9.35 11.07
O MSE D 1 -17.26 -9.28 10.02
CB MSE D 1 -17.05 -7.67 12.69
CG MSE D 1 -16.33 -7.38 13.99
SE MSE D 1 -15.65 -5.57 14.05
CE MSE D 1 -14.10 -5.79 12.89
N LYS D 2 -19.20 -9.59 11.10
CA LYS D 2 -19.93 -9.78 9.87
C LYS D 2 -20.85 -8.61 9.52
N VAL D 3 -21.00 -8.40 8.23
CA VAL D 3 -21.83 -7.34 7.69
C VAL D 3 -22.77 -8.03 6.70
N GLY D 4 -24.02 -7.57 6.67
CA GLY D 4 -24.97 -8.17 5.75
C GLY D 4 -25.42 -7.22 4.66
N ILE D 5 -25.79 -7.78 3.52
CA ILE D 5 -26.28 -7.00 2.39
C ILE D 5 -27.52 -7.70 1.83
N VAL D 6 -28.66 -7.03 1.93
CA VAL D 6 -29.92 -7.57 1.41
C VAL D 6 -30.19 -6.87 0.09
N GLY D 7 -30.28 -7.66 -0.97
CA GLY D 7 -30.50 -7.13 -2.30
C GLY D 7 -29.21 -7.33 -3.08
N SER D 8 -29.18 -8.32 -3.96
CA SER D 8 -27.99 -8.62 -4.74
C SER D 8 -27.93 -8.00 -6.12
N GLY D 9 -28.47 -6.78 -6.26
CA GLY D 9 -28.43 -6.11 -7.54
C GLY D 9 -27.01 -5.62 -7.76
N MSE D 10 -26.83 -4.61 -8.59
CA MSE D 10 -25.48 -4.10 -8.82
C MSE D 10 -24.92 -3.34 -7.61
O MSE D 10 -23.71 -3.40 -7.35
CB MSE D 10 -25.46 -3.22 -10.06
CG MSE D 10 -25.68 -3.98 -11.37
SE MSE D 10 -24.46 -5.51 -11.59
CE MSE D 10 -22.78 -4.52 -11.60
N VAL D 11 -25.79 -2.64 -6.89
CA VAL D 11 -25.36 -1.85 -5.74
C VAL D 11 -24.85 -2.74 -4.62
N GLY D 12 -25.71 -3.64 -4.15
CA GLY D 12 -25.32 -4.56 -3.09
C GLY D 12 -24.07 -5.35 -3.44
N SER D 13 -24.03 -5.91 -4.64
CA SER D 13 -22.88 -6.70 -5.06
C SER D 13 -21.60 -5.87 -5.12
N ALA D 14 -21.71 -4.61 -5.56
CA ALA D 14 -20.55 -3.74 -5.65
C ALA D 14 -20.10 -3.37 -4.25
N THR D 15 -21.05 -3.31 -3.34
CA THR D 15 -20.75 -2.99 -1.95
C THR D 15 -19.95 -4.16 -1.40
N ALA D 16 -20.45 -5.37 -1.64
CA ALA D 16 -19.78 -6.57 -1.17
C ALA D 16 -18.35 -6.61 -1.72
N TYR D 17 -18.24 -6.32 -3.00
CA TYR D 17 -16.95 -6.31 -3.69
C TYR D 17 -15.98 -5.33 -3.05
N ALA D 18 -16.45 -4.12 -2.76
CA ALA D 18 -15.61 -3.10 -2.13
C ALA D 18 -15.17 -3.52 -0.72
N LEU D 19 -16.09 -4.12 0.03
CA LEU D 19 -15.77 -4.57 1.38
C LEU D 19 -14.70 -5.65 1.30
N ALA D 20 -14.77 -6.47 0.27
CA ALA D 20 -13.80 -7.55 0.10
C ALA D 20 -12.44 -7.02 -0.35
N LEU D 21 -12.44 -6.04 -1.25
CA LEU D 21 -11.20 -5.48 -1.75
C LEU D 21 -10.48 -4.61 -0.73
N LEU D 22 -11.25 -3.91 0.11
CA LEU D 22 -10.68 -3.04 1.11
C LEU D 22 -10.42 -3.78 2.42
N GLY D 23 -10.82 -5.05 2.46
CA GLY D 23 -10.64 -5.88 3.64
C GLY D 23 -11.31 -5.34 4.89
N VAL D 24 -12.50 -4.77 4.71
CA VAL D 24 -13.24 -4.17 5.81
C VAL D 24 -13.78 -5.15 6.86
N ALA D 25 -14.44 -6.20 6.42
CA ALA D 25 -15.00 -7.19 7.34
C ALA D 25 -14.45 -8.59 7.09
N ARG D 26 -14.70 -9.48 8.04
CA ARG D 26 -14.24 -10.87 7.93
C ARG D 26 -15.27 -11.68 7.18
N GLU D 27 -16.54 -11.32 7.33
CA GLU D 27 -17.62 -12.04 6.68
C GLU D 27 -18.64 -11.08 6.08
N VAL D 28 -18.95 -11.29 4.81
CA VAL D 28 -19.93 -10.49 4.10
C VAL D 28 -20.97 -11.47 3.60
N VAL D 29 -22.22 -11.28 4.00
CA VAL D 29 -23.28 -12.18 3.59
C VAL D 29 -24.31 -11.47 2.69
N LEU D 30 -24.51 -12.04 1.50
CA LEU D 30 -25.43 -11.53 0.50
C LEU D 30 -26.78 -12.23 0.57
N VAL D 31 -27.84 -11.45 0.70
CA VAL D 31 -29.19 -12.00 0.79
C VAL D 31 -30.10 -11.45 -0.30
N ASP D 32 -30.77 -12.37 -1.01
CA ASP D 32 -31.69 -11.99 -2.07
C ASP D 32 -32.62 -13.16 -2.33
N LEU D 33 -33.86 -12.88 -2.69
CA LEU D 33 -34.80 -13.94 -2.97
C LEU D 33 -34.32 -14.76 -4.16
N ASP D 34 -33.61 -14.11 -5.09
CA ASP D 34 -33.07 -14.81 -6.24
C ASP D 34 -31.76 -15.38 -5.73
N ARG D 35 -31.87 -16.43 -4.94
CA ARG D 35 -30.72 -17.09 -4.34
C ARG D 35 -29.59 -17.41 -5.30
N LYS D 36 -29.93 -17.79 -6.53
CA LYS D 36 -28.88 -18.10 -7.49
C LYS D 36 -28.08 -16.87 -7.86
N LEU D 37 -28.73 -15.71 -7.84
CA LEU D 37 -28.05 -14.46 -8.16
C LEU D 37 -27.07 -14.10 -7.03
N ALA D 38 -27.49 -14.29 -5.80
CA ALA D 38 -26.65 -14.00 -4.63
C ALA D 38 -25.45 -14.94 -4.64
N GLN D 39 -25.74 -16.23 -4.77
CA GLN D 39 -24.69 -17.25 -4.81
C GLN D 39 -23.68 -16.96 -5.91
N ALA D 40 -24.17 -16.52 -7.06
CA ALA D 40 -23.34 -16.20 -8.23
C ALA D 40 -22.42 -15.03 -7.96
N HIS D 41 -22.99 -13.96 -7.40
CA HIS D 41 -22.24 -12.76 -7.03
C HIS D 41 -21.16 -13.09 -6.00
N ALA D 42 -21.55 -13.86 -4.99
CA ALA D 42 -20.64 -14.21 -3.91
C ALA D 42 -19.46 -15.07 -4.41
N GLU D 43 -19.75 -16.03 -5.28
CA GLU D 43 -18.69 -16.87 -5.79
C GLU D 43 -17.77 -16.10 -6.75
N ASP D 44 -18.31 -15.09 -7.43
CA ASP D 44 -17.49 -14.31 -8.35
C ASP D 44 -16.55 -13.45 -7.52
N ILE D 45 -17.08 -12.93 -6.41
CA ILE D 45 -16.28 -12.10 -5.52
C ILE D 45 -15.27 -12.96 -4.74
N LEU D 46 -15.62 -14.21 -4.43
CA LEU D 46 -14.68 -15.07 -3.73
C LEU D 46 -13.46 -15.33 -4.62
N HIS D 47 -13.68 -15.35 -5.93
CA HIS D 47 -12.61 -15.53 -6.91
C HIS D 47 -11.55 -14.43 -6.75
N ALA D 48 -12.02 -13.26 -6.30
CA ALA D 48 -11.15 -12.11 -6.17
C ALA D 48 -10.37 -12.05 -4.86
N THR D 49 -10.92 -12.61 -3.79
CA THR D 49 -10.27 -12.55 -2.47
C THR D 49 -8.82 -13.02 -2.40
N PRO D 50 -8.44 -14.05 -3.17
CA PRO D 50 -7.03 -14.46 -3.08
C PRO D 50 -6.09 -13.37 -3.57
N PHE D 51 -6.61 -12.41 -4.32
CA PHE D 51 -5.77 -11.33 -4.85
C PHE D 51 -5.96 -10.03 -4.10
N ALA D 52 -6.60 -10.11 -2.94
CA ALA D 52 -6.83 -8.93 -2.11
C ALA D 52 -6.79 -9.28 -0.61
N HIS D 53 -7.95 -9.46 -0.01
CA HIS D 53 -8.01 -9.79 1.42
C HIS D 53 -8.87 -11.00 1.72
N PRO D 54 -8.47 -11.78 2.73
CA PRO D 54 -9.17 -12.98 3.17
C PRO D 54 -10.52 -12.61 3.75
N VAL D 55 -11.53 -12.51 2.89
CA VAL D 55 -12.86 -12.16 3.35
C VAL D 55 -13.76 -13.30 2.93
N TRP D 56 -14.64 -13.72 3.82
CA TRP D 56 -15.56 -14.80 3.51
C TRP D 56 -16.86 -14.21 3.03
N VAL D 57 -17.02 -14.19 1.72
CA VAL D 57 -18.21 -13.67 1.10
C VAL D 57 -19.10 -14.85 0.76
N ARG D 58 -20.36 -14.79 1.17
CA ARG D 58 -21.27 -15.88 0.88
C ARG D 58 -22.70 -15.42 0.76
N ALA D 59 -23.54 -16.29 0.22
CA ALA D 59 -24.95 -15.98 0.05
C ALA D 59 -25.69 -16.65 1.22
N GLY D 60 -26.74 -15.99 1.69
CA GLY D 60 -27.50 -16.57 2.78
C GLY D 60 -28.90 -16.01 2.89
N SER D 61 -29.65 -16.55 3.85
CA SER D 61 -31.01 -16.12 4.10
C SER D 61 -30.93 -15.08 5.21
N TYR D 62 -32.06 -14.53 5.59
CA TYR D 62 -32.08 -13.54 6.66
C TYR D 62 -31.47 -14.19 7.90
N GLY D 63 -31.78 -15.48 8.09
CA GLY D 63 -31.26 -16.20 9.23
C GLY D 63 -29.74 -16.11 9.36
N ASP D 64 -29.06 -16.06 8.22
CA ASP D 64 -27.60 -15.99 8.25
C ASP D 64 -27.05 -14.61 8.57
N LEU D 65 -27.92 -13.67 8.94
CA LEU D 65 -27.48 -12.33 9.27
C LEU D 65 -27.19 -12.17 10.77
N GLU D 66 -27.30 -13.25 11.53
CA GLU D 66 -27.05 -13.20 12.97
C GLU D 66 -25.65 -12.73 13.31
N GLY D 67 -25.57 -11.73 14.17
CA GLY D 67 -24.27 -11.20 14.59
C GLY D 67 -23.76 -10.08 13.70
N ALA D 68 -24.46 -9.84 12.60
CA ALA D 68 -24.06 -8.75 11.74
C ALA D 68 -24.14 -7.43 12.50
N ARG D 69 -23.00 -6.71 12.51
CA ARG D 69 -23.00 -5.43 13.19
C ARG D 69 -23.69 -4.37 12.33
N ALA D 70 -23.59 -4.60 11.01
CA ALA D 70 -24.24 -3.69 10.06
C ALA D 70 -24.91 -4.48 8.93
N VAL D 71 -26.01 -3.95 8.43
CA VAL D 71 -26.73 -4.59 7.35
C VAL D 71 -27.12 -3.51 6.34
N VAL D 72 -26.65 -3.67 5.11
CA VAL D 72 -26.98 -2.70 4.06
C VAL D 72 -28.28 -3.08 3.36
N LEU D 73 -29.16 -2.11 3.19
CA LEU D 73 -30.44 -2.36 2.51
C LEU D 73 -30.39 -1.74 1.11
N ALA D 74 -30.27 -2.60 0.10
CA ALA D 74 -30.21 -2.16 -1.29
C ALA D 74 -31.13 -3.00 -2.16
N ALA D 75 -32.42 -3.01 -1.83
CA ALA D 75 -33.37 -3.79 -2.61
C ALA D 75 -34.21 -2.90 -3.53
N GLY D 76 -35.21 -3.53 -4.17
CA GLY D 76 -36.14 -2.76 -5.00
C GLY D 76 -35.51 -2.29 -6.31
N VAL D 77 -36.26 -1.41 -7.01
CA VAL D 77 -35.77 -0.86 -8.27
C VAL D 77 -35.46 0.65 -8.13
N ALA D 78 -34.58 1.14 -9.03
CA ALA D 78 -34.23 2.55 -8.98
C ALA D 78 -33.59 3.01 -10.29
N ARG D 85 -41.03 8.62 -9.10
CA ARG D 85 -42.38 8.22 -9.47
C ARG D 85 -43.08 7.77 -8.20
N LEU D 86 -44.11 8.52 -7.84
CA LEU D 86 -44.66 8.28 -6.52
C LEU D 86 -45.07 6.82 -6.31
N GLN D 87 -45.41 6.15 -7.44
CA GLN D 87 -45.91 4.78 -7.33
C GLN D 87 -44.81 3.78 -6.98
N LEU D 88 -43.63 3.99 -7.61
CA LEU D 88 -42.49 3.10 -7.35
C LEU D 88 -42.12 3.09 -5.87
N LEU D 89 -42.04 4.30 -5.29
CA LEU D 89 -41.70 4.41 -3.89
C LEU D 89 -42.62 3.55 -3.01
N ASP D 90 -43.90 3.56 -3.36
CA ASP D 90 -44.90 2.82 -2.61
C ASP D 90 -44.55 1.34 -2.70
N ARG D 91 -44.05 0.93 -3.85
CA ARG D 91 -43.68 -0.45 -4.08
C ARG D 91 -42.40 -0.83 -3.33
N ASN D 92 -41.39 0.03 -3.39
CA ASN D 92 -40.15 -0.22 -2.67
C ASN D 92 -40.44 -0.19 -1.18
N ALA D 93 -41.30 0.74 -0.78
CA ALA D 93 -41.69 0.89 0.61
C ALA D 93 -42.31 -0.40 1.12
N GLN D 94 -42.96 -1.14 0.23
CA GLN D 94 -43.58 -2.39 0.63
C GLN D 94 -42.53 -3.49 0.70
N VAL D 95 -41.47 -3.35 -0.07
CA VAL D 95 -40.39 -4.32 -0.06
C VAL D 95 -39.72 -4.21 1.32
N PHE D 96 -39.46 -2.97 1.71
CA PHE D 96 -38.85 -2.70 3.00
C PHE D 96 -39.71 -3.23 4.12
N ALA D 97 -41.02 -3.02 4.02
CA ALA D 97 -41.94 -3.49 5.04
C ALA D 97 -41.73 -4.97 5.31
N GLN D 98 -41.23 -5.67 4.30
CA GLN D 98 -40.98 -7.10 4.42
C GLN D 98 -39.58 -7.40 4.94
N VAL D 99 -38.60 -6.66 4.44
CA VAL D 99 -37.20 -6.85 4.80
C VAL D 99 -36.77 -6.40 6.19
N VAL D 100 -37.06 -5.15 6.53
CA VAL D 100 -36.67 -4.60 7.83
C VAL D 100 -36.97 -5.54 9.00
N PRO D 101 -38.25 -5.89 9.21
CA PRO D 101 -38.53 -6.79 10.32
C PRO D 101 -37.75 -8.10 10.21
N ARG D 102 -37.70 -8.66 9.00
CA ARG D 102 -36.98 -9.90 8.76
C ARG D 102 -35.52 -9.76 9.19
N VAL D 103 -34.92 -8.62 8.85
CA VAL D 103 -33.52 -8.35 9.18
C VAL D 103 -33.30 -8.20 10.68
N LEU D 104 -34.02 -7.25 11.28
CA LEU D 104 -33.89 -7.00 12.71
C LEU D 104 -34.24 -8.23 13.54
N GLU D 105 -34.96 -9.16 12.93
CA GLU D 105 -35.36 -10.39 13.61
C GLU D 105 -34.17 -11.31 13.81
N ALA D 106 -33.21 -11.26 12.90
CA ALA D 106 -32.03 -12.11 12.97
C ALA D 106 -30.82 -11.34 13.50
N ALA D 107 -30.79 -10.04 13.22
CA ALA D 107 -29.68 -9.19 13.65
C ALA D 107 -30.25 -7.99 14.40
N PRO D 108 -30.69 -8.20 15.66
CA PRO D 108 -31.26 -7.17 16.51
C PRO D 108 -30.36 -5.96 16.79
N GLU D 109 -29.09 -6.20 17.05
CA GLU D 109 -28.15 -5.11 17.33
C GLU D 109 -27.50 -4.52 16.10
N ALA D 110 -27.96 -4.92 14.92
CA ALA D 110 -27.37 -4.42 13.68
C ALA D 110 -27.78 -2.99 13.39
N VAL D 111 -26.90 -2.27 12.72
CA VAL D 111 -27.17 -0.89 12.33
C VAL D 111 -27.61 -1.00 10.86
N LEU D 112 -28.73 -0.36 10.52
CA LEU D 112 -29.25 -0.42 9.17
C LEU D 112 -28.73 0.69 8.25
N LEU D 113 -28.11 0.27 7.15
CA LEU D 113 -27.56 1.20 6.16
C LEU D 113 -28.43 1.18 4.92
N VAL D 114 -29.21 2.23 4.73
CA VAL D 114 -30.10 2.30 3.57
C VAL D 114 -29.39 2.84 2.33
N ALA D 115 -29.52 2.13 1.22
CA ALA D 115 -28.89 2.56 -0.01
C ALA D 115 -29.93 2.81 -1.09
N THR D 116 -31.07 2.13 -0.97
CA THR D 116 -32.16 2.25 -1.94
C THR D 116 -32.69 3.67 -2.14
N ASN D 117 -32.80 4.07 -3.40
CA ASN D 117 -33.29 5.39 -3.79
C ASN D 117 -34.82 5.42 -3.86
N PRO D 118 -35.42 6.56 -3.48
CA PRO D 118 -34.75 7.78 -2.99
C PRO D 118 -34.28 7.51 -1.55
N VAL D 119 -32.97 7.53 -1.36
CA VAL D 119 -32.38 7.23 -0.07
C VAL D 119 -32.99 7.97 1.14
N ASP D 120 -33.22 9.27 1.02
CA ASP D 120 -33.79 10.04 2.12
C ASP D 120 -35.17 9.54 2.53
N VAL D 121 -36.08 9.40 1.56
CA VAL D 121 -37.42 8.92 1.88
C VAL D 121 -37.40 7.48 2.36
N MSE D 122 -36.58 6.65 1.73
CA MSE D 122 -36.49 5.24 2.13
C MSE D 122 -35.92 5.11 3.53
O MSE D 122 -36.28 4.22 4.29
CB MSE D 122 -35.61 4.47 1.13
CG MSE D 122 -36.25 4.30 -0.25
SE MSE D 122 -38.03 3.51 -0.16
CE MSE D 122 -37.62 1.78 0.62
N THR D 123 -35.01 6.03 3.88
CA THR D 123 -34.41 6.01 5.20
C THR D 123 -35.51 6.21 6.25
N GLN D 124 -36.35 7.22 6.06
CA GLN D 124 -37.41 7.44 7.03
C GLN D 124 -38.30 6.22 7.13
N VAL D 125 -38.64 5.65 5.98
CA VAL D 125 -39.49 4.47 5.94
C VAL D 125 -38.84 3.38 6.79
N ALA D 126 -37.56 3.12 6.55
CA ALA D 126 -36.83 2.11 7.29
C ALA D 126 -36.79 2.45 8.78
N TYR D 127 -36.79 3.74 9.11
CA TYR D 127 -36.78 4.15 10.50
C TYR D 127 -38.09 3.80 11.19
N ARG D 128 -39.20 4.25 10.62
CA ARG D 128 -40.51 4.01 11.21
C ARG D 128 -40.86 2.52 11.29
N LEU D 129 -40.27 1.73 10.40
CA LEU D 129 -40.52 0.29 10.37
C LEU D 129 -39.67 -0.47 11.37
N SER D 130 -38.45 0.02 11.59
CA SER D 130 -37.51 -0.62 12.51
C SER D 130 -37.95 -0.59 13.97
N GLY D 131 -38.42 0.57 14.40
CA GLY D 131 -38.83 0.73 15.78
C GLY D 131 -37.60 0.77 16.66
N LEU D 132 -36.53 1.33 16.13
CA LEU D 132 -35.25 1.46 16.83
C LEU D 132 -34.91 2.93 17.03
N PRO D 133 -33.96 3.23 17.93
CA PRO D 133 -33.60 4.65 18.12
C PRO D 133 -33.17 5.27 16.80
N PRO D 134 -33.65 6.49 16.50
CA PRO D 134 -33.39 7.28 15.30
C PRO D 134 -32.00 7.16 14.67
N GLY D 135 -31.00 6.93 15.52
CA GLY D 135 -29.64 6.84 15.03
C GLY D 135 -29.15 5.50 14.52
N ARG D 136 -29.92 4.44 14.71
CA ARG D 136 -29.51 3.12 14.25
C ARG D 136 -29.94 2.78 12.82
N VAL D 137 -30.45 3.78 12.13
CA VAL D 137 -30.88 3.63 10.75
C VAL D 137 -30.23 4.79 10.05
N VAL D 138 -29.29 4.48 9.17
CA VAL D 138 -28.54 5.51 8.45
C VAL D 138 -28.60 5.23 6.95
N GLY D 139 -28.67 6.30 6.16
CA GLY D 139 -28.71 6.17 4.73
C GLY D 139 -27.48 6.82 4.15
N SER D 140 -27.01 6.31 3.02
CA SER D 140 -25.82 6.86 2.39
C SER D 140 -25.94 8.37 2.22
N GLY D 141 -27.15 8.84 1.97
CA GLY D 141 -27.36 10.27 1.81
C GLY D 141 -26.49 10.91 0.76
N THR D 142 -25.72 11.93 1.15
CA THR D 142 -24.89 12.66 0.19
C THR D 142 -23.37 12.46 0.30
N ILE D 143 -22.92 11.38 0.93
CA ILE D 143 -21.48 11.16 1.05
C ILE D 143 -20.72 11.25 -0.27
N LEU D 144 -21.24 10.62 -1.31
CA LEU D 144 -20.60 10.66 -2.62
C LEU D 144 -20.51 12.07 -3.18
N ASP D 145 -21.53 12.87 -2.93
CA ASP D 145 -21.56 14.24 -3.40
C ASP D 145 -20.62 15.11 -2.57
N THR D 146 -20.74 15.01 -1.25
CA THR D 146 -19.87 15.76 -0.36
C THR D 146 -18.43 15.51 -0.79
N ALA D 147 -18.09 14.25 -1.04
CA ALA D 147 -16.75 13.86 -1.44
C ALA D 147 -16.37 14.43 -2.80
N ARG D 148 -17.33 14.46 -3.71
CA ARG D 148 -17.06 15.00 -5.04
C ARG D 148 -16.80 16.48 -4.93
N PHE D 149 -17.60 17.13 -4.08
CA PHE D 149 -17.48 18.58 -3.85
C PHE D 149 -16.05 18.92 -3.38
N ARG D 150 -15.57 18.20 -2.37
CA ARG D 150 -14.22 18.43 -1.85
C ARG D 150 -13.19 18.07 -2.91
N ALA D 151 -13.46 17.01 -3.66
CA ALA D 151 -12.53 16.58 -4.69
C ALA D 151 -12.34 17.65 -5.74
N LEU D 152 -13.45 18.23 -6.19
CA LEU D 152 -13.42 19.26 -7.23
C LEU D 152 -12.78 20.55 -6.71
N LEU D 153 -13.10 20.92 -5.47
CA LEU D 153 -12.52 22.13 -4.89
C LEU D 153 -11.01 21.95 -4.79
N ALA D 154 -10.60 20.81 -4.25
CA ALA D 154 -9.19 20.49 -4.07
C ALA D 154 -8.46 20.59 -5.39
N GLU D 155 -9.09 20.07 -6.44
CA GLU D 155 -8.51 20.08 -7.77
C GLU D 155 -8.22 21.50 -8.23
N TYR D 156 -9.20 22.38 -8.06
CA TYR D 156 -9.06 23.76 -8.48
C TYR D 156 -7.98 24.47 -7.69
N LEU D 157 -7.98 24.22 -6.38
CA LEU D 157 -7.01 24.85 -5.46
C LEU D 157 -5.64 24.18 -5.48
N ARG D 158 -5.57 22.99 -6.06
CA ARG D 158 -4.31 22.24 -6.12
C ARG D 158 -3.83 21.88 -4.71
N VAL D 159 -4.71 21.30 -3.91
CA VAL D 159 -4.39 20.88 -2.55
C VAL D 159 -5.04 19.53 -2.32
N ALA D 160 -4.61 18.82 -1.28
CA ALA D 160 -5.16 17.51 -0.98
C ALA D 160 -6.60 17.61 -0.47
N PRO D 161 -7.47 16.72 -0.97
CA PRO D 161 -8.89 16.67 -0.59
C PRO D 161 -9.11 16.54 0.91
N GLN D 162 -8.05 16.18 1.62
CA GLN D 162 -8.13 16.01 3.06
C GLN D 162 -8.17 17.36 3.76
N SER D 163 -7.67 18.38 3.05
CA SER D 163 -7.61 19.74 3.56
C SER D 163 -8.95 20.47 3.45
N VAL D 164 -9.80 20.01 2.55
CA VAL D 164 -11.09 20.65 2.32
C VAL D 164 -12.21 20.03 3.14
N HIS D 165 -12.82 20.82 4.00
CA HIS D 165 -13.93 20.34 4.83
C HIS D 165 -15.24 20.93 4.34
N ALA D 166 -15.56 20.69 3.08
CA ALA D 166 -16.78 21.18 2.45
C ALA D 166 -17.91 20.16 2.60
N TYR D 167 -19.15 20.64 2.53
CA TYR D 167 -20.30 19.75 2.65
C TYR D 167 -21.31 19.92 1.52
N VAL D 168 -22.27 19.01 1.50
CA VAL D 168 -23.40 18.97 0.56
C VAL D 168 -24.45 18.41 1.48
N LEU D 169 -25.52 19.16 1.72
CA LEU D 169 -26.54 18.69 2.65
C LEU D 169 -27.94 18.60 2.07
N GLY D 170 -28.84 18.05 2.87
CA GLY D 170 -30.22 17.93 2.47
C GLY D 170 -30.58 16.68 1.70
N GLU D 171 -31.43 16.85 0.69
CA GLU D 171 -31.88 15.75 -0.13
C GLU D 171 -30.85 15.31 -1.17
N HIS D 172 -30.57 14.02 -1.19
CA HIS D 172 -29.67 13.48 -2.20
C HIS D 172 -30.37 13.54 -3.56
N GLY D 173 -29.93 14.50 -4.38
CA GLY D 173 -30.59 14.67 -5.67
C GLY D 173 -30.45 16.08 -6.20
N ASP D 174 -31.55 16.62 -6.73
CA ASP D 174 -31.48 17.99 -7.23
C ASP D 174 -31.71 19.03 -6.13
N SER D 175 -32.44 18.62 -5.07
CA SER D 175 -32.59 19.51 -3.93
C SER D 175 -31.26 19.60 -3.15
N GLU D 176 -30.17 19.21 -3.84
CA GLU D 176 -28.85 19.25 -3.17
C GLU D 176 -28.48 20.66 -2.75
N VAL D 177 -27.74 20.76 -1.62
CA VAL D 177 -27.26 22.07 -1.17
C VAL D 177 -25.74 22.07 -0.95
N LEU D 178 -25.03 22.69 -1.90
CA LEU D 178 -23.60 22.88 -1.72
C LEU D 178 -23.41 24.07 -0.80
N VAL D 179 -22.81 23.82 0.36
CA VAL D 179 -22.55 24.85 1.36
C VAL D 179 -21.22 25.55 1.12
N TRP D 180 -21.23 26.56 0.26
CA TRP D 180 -20.02 27.31 -0.06
C TRP D 180 -19.63 28.32 1.01
N SER D 181 -20.58 28.73 1.84
CA SER D 181 -20.29 29.72 2.86
C SER D 181 -19.27 29.23 3.89
N SER D 182 -19.63 28.19 4.62
CA SER D 182 -18.77 27.63 5.65
C SER D 182 -17.67 26.68 5.17
N ALA D 183 -17.52 26.56 3.85
CA ALA D 183 -16.49 25.69 3.27
C ALA D 183 -15.10 26.15 3.71
N GLN D 184 -14.31 25.21 4.22
CA GLN D 184 -12.97 25.56 4.68
C GLN D 184 -11.87 24.65 4.16
N VAL D 185 -10.68 25.23 3.98
CA VAL D 185 -9.52 24.50 3.51
C VAL D 185 -8.39 24.75 4.51
N GLY D 186 -8.11 23.74 5.34
CA GLY D 186 -7.07 23.89 6.33
C GLY D 186 -7.52 24.85 7.41
N GLY D 187 -8.79 24.72 7.82
CA GLY D 187 -9.33 25.58 8.86
C GLY D 187 -9.70 26.98 8.39
N VAL D 188 -9.04 27.44 7.34
CA VAL D 188 -9.29 28.77 6.78
C VAL D 188 -10.45 28.77 5.79
N PRO D 189 -11.26 29.84 5.79
CA PRO D 189 -12.41 29.94 4.87
C PRO D 189 -11.96 29.75 3.43
N LEU D 190 -12.71 28.92 2.71
CA LEU D 190 -12.42 28.60 1.32
C LEU D 190 -12.29 29.76 0.35
N LEU D 191 -13.35 30.57 0.26
CA LEU D 191 -13.35 31.68 -0.69
C LEU D 191 -12.14 32.61 -0.52
N GLU D 192 -11.83 32.94 0.75
CA GLU D 192 -10.73 33.86 1.01
C GLU D 192 -9.37 33.19 0.78
N PHE D 193 -9.19 32.04 1.43
CA PHE D 193 -7.93 31.30 1.26
C PHE D 193 -7.58 31.19 -0.22
N ALA D 194 -8.63 31.02 -1.04
CA ALA D 194 -8.39 30.83 -2.48
C ALA D 194 -7.99 32.14 -3.15
N GLU D 195 -8.51 33.26 -2.60
CA GLU D 195 -8.20 34.56 -3.17
C GLU D 195 -6.71 34.69 -3.50
N ALA D 196 -5.89 33.94 -2.74
CA ALA D 196 -4.45 33.98 -2.98
C ALA D 196 -3.88 32.59 -3.27
N ARG D 199 -4.87 31.06 -8.37
CA ARG D 199 -6.15 31.52 -8.87
C ARG D 199 -7.18 31.67 -7.75
N ALA D 200 -8.26 32.40 -8.05
CA ALA D 200 -9.37 32.73 -7.15
C ALA D 200 -10.71 32.24 -7.70
N LEU D 201 -11.57 31.77 -6.79
CA LEU D 201 -12.85 31.22 -7.21
C LEU D 201 -13.65 32.21 -8.07
N SER D 202 -14.02 31.73 -9.28
CA SER D 202 -14.79 32.58 -10.18
C SER D 202 -16.28 32.22 -10.16
N PRO D 203 -17.09 33.18 -10.61
CA PRO D 203 -18.54 33.00 -10.66
C PRO D 203 -18.87 31.74 -11.46
N GLU D 204 -18.12 31.60 -12.57
CA GLU D 204 -18.35 30.51 -13.49
C GLU D 204 -17.66 29.22 -13.03
N ASP D 205 -16.62 29.40 -12.18
CA ASP D 205 -15.98 28.24 -11.59
C ASP D 205 -16.93 27.52 -10.61
N ARG D 206 -17.61 28.32 -9.80
CA ARG D 206 -18.54 27.79 -8.82
C ARG D 206 -19.67 27.04 -9.52
N ALA D 207 -20.10 27.57 -10.66
CA ALA D 207 -21.17 26.95 -11.42
C ALA D 207 -20.68 25.69 -12.12
N ARG D 208 -19.43 25.71 -12.56
CA ARG D 208 -18.82 24.58 -13.23
C ARG D 208 -18.68 23.42 -12.24
N ILE D 209 -18.24 23.75 -11.03
CA ILE D 209 -18.05 22.76 -9.98
C ILE D 209 -19.40 22.22 -9.52
N ASP D 210 -20.38 23.12 -9.42
CA ASP D 210 -21.71 22.73 -8.98
C ASP D 210 -22.30 21.65 -9.88
N GLU D 211 -22.02 21.73 -11.18
CA GLU D 211 -22.55 20.75 -12.11
C GLU D 211 -21.83 19.41 -12.06
N GLY D 212 -20.52 19.45 -11.81
CA GLY D 212 -19.76 18.21 -11.73
C GLY D 212 -20.25 17.38 -10.56
N VAL D 213 -20.72 18.07 -9.53
CA VAL D 213 -21.23 17.45 -8.33
C VAL D 213 -22.71 17.12 -8.41
N ARG D 214 -23.51 18.08 -8.87
CA ARG D 214 -24.96 17.93 -8.97
C ARG D 214 -25.50 17.01 -10.07
N ARG D 215 -24.90 17.08 -11.26
CA ARG D 215 -25.37 16.27 -12.38
C ARG D 215 -24.58 14.97 -12.57
N ALA D 216 -23.57 14.76 -11.74
CA ALA D 216 -22.76 13.55 -11.83
C ALA D 216 -23.59 12.29 -12.10
N ALA D 217 -24.63 12.17 -11.27
CA ALA D 217 -25.44 10.97 -11.39
C ALA D 217 -26.08 10.92 -12.79
N TYR D 218 -26.76 12.00 -13.17
CA TYR D 218 -27.39 12.09 -14.49
C TYR D 218 -26.45 11.65 -15.60
N ARG D 219 -25.23 12.20 -15.60
CA ARG D 219 -24.26 11.86 -16.62
C ARG D 219 -23.91 10.37 -16.61
N ILE D 220 -23.82 9.77 -15.43
CA ILE D 220 -23.48 8.36 -15.31
C ILE D 220 -24.57 7.43 -15.81
N ILE D 221 -25.81 7.71 -15.43
CA ILE D 221 -26.96 6.90 -15.84
C ILE D 221 -27.20 6.91 -17.35
N GLU D 222 -26.88 8.01 -18.02
CA GLU D 222 -27.12 8.10 -19.45
C GLU D 222 -26.17 7.28 -20.31
N GLY D 223 -24.91 7.21 -19.91
CA GLY D 223 -23.96 6.45 -20.69
C GLY D 223 -23.69 5.06 -20.15
N LYS D 224 -24.35 4.71 -19.05
CA LYS D 224 -24.13 3.40 -18.44
C LYS D 224 -25.43 2.74 -18.01
N GLY D 225 -26.41 3.56 -17.67
CA GLY D 225 -27.70 3.01 -17.25
C GLY D 225 -27.89 2.88 -15.76
N ALA D 226 -26.81 2.97 -14.99
CA ALA D 226 -26.89 2.82 -13.53
C ALA D 226 -25.58 3.10 -12.82
N THR D 227 -25.67 3.51 -11.56
CA THR D 227 -24.49 3.77 -10.74
C THR D 227 -24.42 2.70 -9.67
N TYR D 228 -23.21 2.25 -9.34
CA TYR D 228 -23.04 1.26 -8.29
C TYR D 228 -21.64 1.28 -7.71
N TYR D 229 -20.64 1.60 -8.52
CA TYR D 229 -19.26 1.63 -8.04
C TYR D 229 -18.98 2.64 -6.94
N GLY D 230 -19.36 3.88 -7.17
CA GLY D 230 -19.13 4.91 -6.18
C GLY D 230 -19.82 4.61 -4.87
N ILE D 231 -21.12 4.34 -4.95
CA ILE D 231 -21.90 4.05 -3.76
C ILE D 231 -21.37 2.79 -3.08
N GLY D 232 -20.88 1.82 -3.86
CA GLY D 232 -20.36 0.60 -3.28
C GLY D 232 -19.23 0.87 -2.29
N ALA D 233 -18.29 1.73 -2.69
CA ALA D 233 -17.15 2.06 -1.84
C ALA D 233 -17.59 2.98 -0.70
N GLY D 234 -18.41 3.97 -1.02
CA GLY D 234 -18.89 4.88 0.00
C GLY D 234 -19.61 4.10 1.07
N LEU D 235 -20.28 3.04 0.66
CA LEU D 235 -21.01 2.20 1.59
C LEU D 235 -20.04 1.37 2.42
N ALA D 236 -18.96 0.91 1.78
CA ALA D 236 -17.95 0.12 2.48
C ALA D 236 -17.25 1.00 3.53
N ARG D 237 -17.09 2.29 3.23
CA ARG D 237 -16.45 3.21 4.18
C ARG D 237 -17.32 3.42 5.41
N LEU D 238 -18.61 3.66 5.19
CA LEU D 238 -19.54 3.86 6.31
C LEU D 238 -19.61 2.58 7.12
N VAL D 239 -19.63 1.44 6.45
CA VAL D 239 -19.66 0.16 7.13
C VAL D 239 -18.46 0.07 8.07
N ARG D 240 -17.31 0.48 7.55
CA ARG D 240 -16.06 0.46 8.31
C ARG D 240 -16.11 1.40 9.51
N ALA D 241 -16.75 2.55 9.32
CA ALA D 241 -16.88 3.53 10.41
C ALA D 241 -17.69 2.90 11.53
N ILE D 242 -18.72 2.15 11.15
CA ILE D 242 -19.58 1.50 12.12
C ILE D 242 -18.86 0.35 12.82
N LEU D 243 -18.12 -0.43 12.04
CA LEU D 243 -17.39 -1.58 12.54
C LEU D 243 -16.22 -1.24 13.47
N THR D 244 -15.53 -0.15 13.20
CA THR D 244 -14.39 0.25 14.03
C THR D 244 -14.75 1.33 15.06
N ASP D 245 -16.04 1.61 15.20
CA ASP D 245 -16.48 2.64 16.15
C ASP D 245 -15.62 3.88 15.94
N GLU D 246 -15.54 4.30 14.69
CA GLU D 246 -14.73 5.44 14.29
C GLU D 246 -15.15 6.81 14.83
N LYS D 247 -16.46 7.02 15.00
CA LYS D 247 -16.98 8.31 15.46
C LYS D 247 -16.59 9.35 14.41
N GLY D 248 -16.58 8.92 13.15
CA GLY D 248 -16.22 9.82 12.07
C GLY D 248 -17.38 10.69 11.61
N VAL D 249 -17.07 11.78 10.92
CA VAL D 249 -18.09 12.69 10.43
C VAL D 249 -18.39 12.53 8.93
N TYR D 250 -19.59 12.05 8.65
CA TYR D 250 -20.05 11.82 7.28
C TYR D 250 -21.42 12.48 7.08
N THR D 251 -21.63 13.07 5.92
CA THR D 251 -22.94 13.67 5.66
C THR D 251 -23.87 12.58 5.19
N VAL D 252 -24.40 11.80 6.13
CA VAL D 252 -25.30 10.72 5.81
C VAL D 252 -26.71 11.14 6.20
N SER D 253 -27.70 10.42 5.67
CA SER D 253 -29.08 10.73 5.95
C SER D 253 -29.61 9.94 7.15
N ALA D 254 -30.31 10.63 8.03
CA ALA D 254 -30.87 10.01 9.22
C ALA D 254 -32.10 10.79 9.66
N PHE D 255 -32.97 10.14 10.42
CA PHE D 255 -34.18 10.80 10.89
C PHE D 255 -33.86 12.00 11.78
N THR D 256 -34.24 13.18 11.32
CA THR D 256 -33.99 14.41 12.04
C THR D 256 -35.30 14.94 12.63
N PRO D 257 -35.32 15.23 13.94
CA PRO D 257 -36.53 15.74 14.61
C PRO D 257 -36.95 17.16 14.19
N GLU D 258 -35.99 17.99 13.83
CA GLU D 258 -36.29 19.36 13.44
C GLU D 258 -35.15 19.92 12.62
N VAL D 259 -35.46 20.41 11.42
CA VAL D 259 -34.46 20.99 10.56
C VAL D 259 -35.01 22.19 9.79
N GLU D 260 -34.57 23.37 10.20
CA GLU D 260 -34.94 24.66 9.65
C GLU D 260 -36.45 24.82 9.51
N GLY D 261 -37.17 24.33 10.56
CA GLY D 261 -38.62 24.51 10.59
C GLY D 261 -39.37 23.19 10.54
N VAL D 262 -38.99 22.36 9.53
CA VAL D 262 -39.69 21.09 9.29
C VAL D 262 -39.41 20.06 10.40
N LEU D 263 -40.45 19.28 10.73
CA LEU D 263 -40.30 18.28 11.78
C LEU D 263 -40.28 16.86 11.21
N GLU D 264 -39.74 15.96 12.02
CA GLU D 264 -39.66 14.54 11.71
C GLU D 264 -39.47 14.24 10.22
N VAL D 265 -38.27 14.55 9.72
CA VAL D 265 -37.91 14.33 8.33
C VAL D 265 -36.48 13.78 8.22
N SER D 266 -36.23 12.95 7.21
CA SER D 266 -34.90 12.38 7.01
C SER D 266 -34.18 13.03 5.85
N LEU D 267 -32.97 13.52 6.11
CA LEU D 267 -32.16 14.16 5.08
C LEU D 267 -30.72 14.10 5.56
N SER D 268 -29.78 14.55 4.73
CA SER D 268 -28.37 14.50 5.09
C SER D 268 -27.80 15.69 5.83
N LEU D 269 -27.12 15.38 6.94
CA LEU D 269 -26.46 16.38 7.78
C LEU D 269 -25.16 15.75 8.28
N PRO D 270 -24.16 16.59 8.59
CA PRO D 270 -22.91 16.03 9.08
C PRO D 270 -23.20 15.32 10.40
N ARG D 271 -22.95 14.01 10.45
CA ARG D 271 -23.19 13.27 11.67
C ARG D 271 -21.98 12.45 12.09
N ILE D 272 -21.92 12.13 13.38
CA ILE D 272 -20.84 11.35 13.92
C ILE D 272 -21.27 9.90 13.85
N LEU D 273 -20.59 9.11 13.03
CA LEU D 273 -20.93 7.71 12.85
C LEU D 273 -20.03 6.73 13.62
N GLY D 274 -20.66 5.88 14.42
CA GLY D 274 -19.93 4.90 15.20
C GLY D 274 -20.60 3.53 15.23
N ALA D 275 -20.20 2.71 16.19
CA ALA D 275 -20.74 1.36 16.31
C ALA D 275 -22.25 1.29 16.53
N GLY D 276 -22.85 2.35 17.03
CA GLY D 276 -24.28 2.34 17.26
C GLY D 276 -25.06 3.21 16.29
N GLY D 277 -24.42 3.53 15.17
CA GLY D 277 -25.07 4.37 14.17
C GLY D 277 -24.70 5.83 14.39
N VAL D 278 -25.51 6.75 13.87
CA VAL D 278 -25.22 8.16 14.06
C VAL D 278 -25.30 8.40 15.55
N GLU D 279 -24.28 9.09 16.05
CA GLU D 279 -24.12 9.35 17.46
C GLU D 279 -24.22 10.84 17.81
N GLY D 280 -24.20 11.68 16.78
CA GLY D 280 -24.28 13.11 17.00
C GLY D 280 -24.38 13.85 15.69
N THR D 281 -24.73 15.14 15.77
CA THR D 281 -24.87 15.96 14.57
C THR D 281 -24.01 17.21 14.67
N VAL D 282 -23.43 17.63 13.54
CA VAL D 282 -22.60 18.82 13.51
C VAL D 282 -23.22 19.89 12.62
N TYR D 283 -23.68 20.97 13.24
CA TYR D 283 -24.34 22.04 12.53
C TYR D 283 -23.44 23.15 11.98
N PRO D 284 -23.14 23.11 10.68
CA PRO D 284 -22.28 24.12 10.08
C PRO D 284 -23.09 25.42 9.90
N SER D 285 -22.43 26.53 9.62
CA SER D 285 -23.13 27.79 9.44
C SER D 285 -23.47 28.03 7.97
N LEU D 286 -24.77 28.09 7.70
CA LEU D 286 -25.28 28.30 6.34
C LEU D 286 -25.70 29.76 6.12
N SER D 287 -25.50 30.24 4.90
CA SER D 287 -25.90 31.61 4.56
C SER D 287 -27.42 31.60 4.48
N PRO D 288 -28.05 32.79 4.50
CA PRO D 288 -29.51 32.87 4.43
C PRO D 288 -30.12 32.02 3.31
N GLU D 289 -29.51 32.05 2.13
CA GLU D 289 -30.00 31.28 0.99
C GLU D 289 -29.92 29.78 1.26
N GLU D 290 -28.70 29.31 1.58
CA GLU D 290 -28.49 27.90 1.86
C GLU D 290 -29.53 27.41 2.86
N ARG D 291 -29.79 28.24 3.87
CA ARG D 291 -30.78 27.93 4.90
C ARG D 291 -32.10 27.66 4.21
N GLU D 292 -32.51 28.60 3.34
CA GLU D 292 -33.76 28.47 2.61
C GLU D 292 -33.77 27.19 1.79
N ALA D 293 -32.74 27.02 0.96
CA ALA D 293 -32.62 25.84 0.10
C ALA D 293 -32.80 24.57 0.94
N LEU D 294 -32.09 24.50 2.06
CA LEU D 294 -32.18 23.34 2.94
C LEU D 294 -33.59 23.18 3.51
N ARG D 295 -34.23 24.30 3.82
CA ARG D 295 -35.59 24.27 4.37
C ARG D 295 -36.58 23.81 3.31
N ARG D 296 -36.49 24.41 2.13
CA ARG D 296 -37.36 24.08 1.00
C ARG D 296 -37.26 22.59 0.74
N SER D 297 -36.03 22.14 0.50
CA SER D 297 -35.74 20.73 0.24
C SER D 297 -36.26 19.85 1.38
N ALA D 298 -36.08 20.32 2.61
CA ALA D 298 -36.51 19.58 3.78
C ALA D 298 -37.99 19.26 3.72
N GLU D 299 -38.76 20.11 3.06
CA GLU D 299 -40.20 19.90 2.95
C GLU D 299 -40.54 18.92 1.85
N ILE D 300 -39.90 19.07 0.70
CA ILE D 300 -40.12 18.18 -0.43
C ILE D 300 -40.09 16.75 0.10
N LEU D 301 -39.16 16.49 1.01
CA LEU D 301 -39.02 15.16 1.60
C LEU D 301 -40.11 14.90 2.64
N LYS D 302 -40.43 15.92 3.43
CA LYS D 302 -41.46 15.79 4.45
C LYS D 302 -42.80 15.42 3.84
N GLU D 303 -43.19 16.15 2.80
CA GLU D 303 -44.45 15.90 2.10
C GLU D 303 -44.45 14.55 1.40
N ALA D 304 -43.35 14.25 0.71
CA ALA D 304 -43.22 13.00 -0.02
C ALA D 304 -43.41 11.84 0.95
N ALA D 305 -42.79 11.95 2.13
CA ALA D 305 -42.89 10.92 3.14
C ALA D 305 -44.31 10.93 3.71
N PHE D 306 -44.91 12.12 3.73
CA PHE D 306 -46.27 12.28 4.24
C PHE D 306 -47.24 11.52 3.34
N ALA D 307 -47.21 11.87 2.05
CA ALA D 307 -48.08 11.25 1.06
C ALA D 307 -47.92 9.74 1.02
N LEU D 308 -46.74 9.26 1.39
CA LEU D 308 -46.47 7.83 1.36
C LEU D 308 -47.03 7.14 2.62
N GLY D 309 -47.36 7.97 3.62
CA GLY D 309 -47.93 7.42 4.85
C GLY D 309 -46.87 7.17 5.91
N PHE D 310 -45.76 7.93 5.80
CA PHE D 310 -44.70 7.82 6.80
C PHE D 310 -44.30 9.18 7.36
N MSE E 1 10.40 4.57 -6.39
CA MSE E 1 11.26 5.78 -6.22
C MSE E 1 12.18 5.62 -5.02
O MSE E 1 11.90 4.81 -4.13
CB MSE E 1 10.38 7.01 -6.03
CG MSE E 1 9.33 7.14 -7.10
SE MSE E 1 7.92 8.30 -6.53
CE MSE E 1 6.88 7.04 -5.48
N LYS E 2 13.27 6.38 -4.99
CA LYS E 2 14.22 6.28 -3.89
C LYS E 2 14.30 7.49 -2.97
N VAL E 3 14.55 7.19 -1.69
CA VAL E 3 14.66 8.19 -0.66
C VAL E 3 16.02 8.01 -0.02
N GLY E 4 16.69 9.13 0.26
CA GLY E 4 17.98 9.05 0.91
C GLY E 4 17.88 9.45 2.38
N ILE E 5 18.83 8.98 3.17
CA ILE E 5 18.89 9.31 4.58
C ILE E 5 20.36 9.44 4.97
N VAL E 6 20.78 10.68 5.24
CA VAL E 6 22.16 10.93 5.67
C VAL E 6 22.09 11.04 7.19
N GLY E 7 22.72 10.07 7.86
CA GLY E 7 22.70 10.05 9.30
C GLY E 7 21.98 8.78 9.68
N SER E 8 22.74 7.71 9.92
CA SER E 8 22.18 6.42 10.29
C SER E 8 22.13 6.22 11.80
N GLY E 9 21.71 7.26 12.51
CA GLY E 9 21.60 7.17 13.95
C GLY E 9 20.23 6.61 14.28
N MSE E 10 19.75 6.85 15.50
CA MSE E 10 18.44 6.35 15.88
C MSE E 10 17.33 6.95 15.02
O MSE E 10 16.44 6.24 14.56
CB MSE E 10 18.18 6.64 17.36
CG MSE E 10 19.11 5.87 18.29
SE MSE E 10 19.15 3.96 17.91
CE MSE E 10 17.32 3.54 18.38
N VAL E 11 17.39 8.26 14.80
CA VAL E 11 16.38 8.94 14.00
C VAL E 11 16.41 8.49 12.56
N GLY E 12 17.59 8.54 11.95
CA GLY E 12 17.70 8.14 10.56
C GLY E 12 17.24 6.72 10.34
N SER E 13 17.68 5.82 11.20
CA SER E 13 17.32 4.41 11.08
C SER E 13 15.82 4.19 11.32
N ALA E 14 15.30 4.78 12.39
CA ALA E 14 13.88 4.63 12.67
C ALA E 14 13.08 5.12 11.48
N THR E 15 13.59 6.13 10.77
CA THR E 15 12.90 6.67 9.60
C THR E 15 12.91 5.63 8.48
N ALA E 16 14.05 4.98 8.27
CA ALA E 16 14.17 3.97 7.22
C ALA E 16 13.25 2.79 7.58
N TYR E 17 13.26 2.42 8.86
CA TYR E 17 12.42 1.31 9.33
C TYR E 17 10.95 1.62 9.09
N ALA E 18 10.54 2.84 9.39
CA ALA E 18 9.16 3.25 9.20
C ALA E 18 8.86 3.27 7.71
N LEU E 19 9.79 3.82 6.93
CA LEU E 19 9.61 3.89 5.49
C LEU E 19 9.39 2.49 4.95
N ALA E 20 10.17 1.54 5.44
CA ALA E 20 10.09 0.15 5.01
C ALA E 20 8.77 -0.48 5.40
N LEU E 21 8.49 -0.54 6.69
CA LEU E 21 7.26 -1.17 7.17
C LEU E 21 5.98 -0.60 6.54
N LEU E 22 6.00 0.68 6.17
CA LEU E 22 4.85 1.33 5.58
C LEU E 22 4.83 1.26 4.06
N GLY E 23 5.93 0.81 3.46
CA GLY E 23 6.00 0.71 2.02
C GLY E 23 5.86 2.03 1.27
N VAL E 24 6.52 3.07 1.79
CA VAL E 24 6.46 4.38 1.16
C VAL E 24 7.30 4.52 -0.10
N ALA E 25 8.48 3.89 -0.12
CA ALA E 25 9.37 3.95 -1.28
C ALA E 25 9.98 2.59 -1.58
N ARG E 26 10.45 2.42 -2.80
CA ARG E 26 11.06 1.16 -3.24
C ARG E 26 12.52 1.04 -2.81
N GLU E 27 13.19 2.17 -2.76
CA GLU E 27 14.59 2.19 -2.38
C GLU E 27 14.89 3.23 -1.30
N VAL E 28 15.59 2.80 -0.27
CA VAL E 28 15.97 3.67 0.83
C VAL E 28 17.48 3.51 1.05
N VAL E 29 18.22 4.59 0.85
CA VAL E 29 19.67 4.55 1.02
C VAL E 29 20.16 5.32 2.26
N LEU E 30 20.87 4.61 3.12
CA LEU E 30 21.41 5.17 4.36
C LEU E 30 22.86 5.56 4.18
N VAL E 31 23.15 6.82 4.47
CA VAL E 31 24.50 7.35 4.34
C VAL E 31 25.01 7.83 5.69
N ASP E 32 26.19 7.35 6.08
CA ASP E 32 26.74 7.77 7.34
C ASP E 32 28.25 7.80 7.36
N LEU E 33 28.78 8.80 8.07
CA LEU E 33 30.22 8.89 8.10
C LEU E 33 30.82 7.63 8.68
N ASP E 34 30.08 6.92 9.54
CA ASP E 34 30.49 5.61 10.03
C ASP E 34 29.77 4.65 9.10
N ARG E 35 30.47 4.17 8.08
CA ARG E 35 29.87 3.28 7.09
C ARG E 35 29.38 1.97 7.67
N LYS E 36 30.18 1.39 8.55
CA LYS E 36 29.85 0.12 9.20
C LYS E 36 28.51 0.22 9.92
N LEU E 37 28.25 1.37 10.53
CA LEU E 37 26.98 1.58 11.24
C LEU E 37 25.81 1.58 10.26
N ALA E 38 25.94 2.35 9.18
CA ALA E 38 24.88 2.44 8.19
C ALA E 38 24.58 1.05 7.63
N GLN E 39 25.62 0.30 7.28
CA GLN E 39 25.46 -1.05 6.75
C GLN E 39 24.65 -1.91 7.72
N ALA E 40 24.97 -1.81 9.01
CA ALA E 40 24.30 -2.59 10.03
C ALA E 40 22.80 -2.36 10.13
N HIS E 41 22.38 -1.10 10.22
CA HIS E 41 20.93 -0.81 10.30
C HIS E 41 20.24 -1.28 9.03
N ALA E 42 20.88 -1.01 7.90
CA ALA E 42 20.33 -1.37 6.61
C ALA E 42 20.05 -2.86 6.58
N GLU E 43 21.04 -3.65 6.98
CA GLU E 43 20.89 -5.09 6.97
C GLU E 43 19.87 -5.56 8.00
N ASP E 44 19.90 -4.94 9.18
CA ASP E 44 18.95 -5.29 10.23
C ASP E 44 17.55 -4.96 9.74
N ILE E 45 17.41 -3.82 9.06
CA ILE E 45 16.10 -3.42 8.53
C ILE E 45 15.71 -4.29 7.33
N LEU E 46 16.69 -4.69 6.52
CA LEU E 46 16.42 -5.55 5.37
C LEU E 46 15.85 -6.88 5.87
N HIS E 47 16.23 -7.30 7.06
CA HIS E 47 15.70 -8.56 7.58
C HIS E 47 14.23 -8.43 7.91
N ALA E 48 13.76 -7.20 8.06
CA ALA E 48 12.36 -6.98 8.39
C ALA E 48 11.45 -6.88 7.16
N THR E 49 12.02 -6.53 6.00
CA THR E 49 11.20 -6.39 4.79
C THR E 49 10.41 -7.62 4.37
N PRO E 50 10.95 -8.83 4.54
CA PRO E 50 10.16 -10.00 4.14
C PRO E 50 8.81 -10.06 4.86
N PHE E 51 8.73 -9.39 6.01
CA PHE E 51 7.50 -9.42 6.81
C PHE E 51 6.63 -8.18 6.61
N ALA E 52 6.97 -7.36 5.63
CA ALA E 52 6.19 -6.17 5.35
C ALA E 52 6.12 -5.92 3.85
N HIS E 53 6.87 -4.94 3.35
CA HIS E 53 6.86 -4.65 1.93
C HIS E 53 8.21 -4.81 1.26
N PRO E 54 8.19 -5.13 -0.05
CA PRO E 54 9.39 -5.32 -0.85
C PRO E 54 10.09 -3.97 -1.00
N VAL E 55 10.92 -3.62 -0.04
CA VAL E 55 11.63 -2.35 -0.09
C VAL E 55 13.10 -2.68 -0.09
N TRP E 56 13.86 -2.01 -0.94
CA TRP E 56 15.28 -2.25 -1.00
C TRP E 56 15.99 -1.21 -0.13
N VAL E 57 16.32 -1.61 1.09
CA VAL E 57 17.02 -0.73 2.02
C VAL E 57 18.49 -1.09 2.03
N ARG E 58 19.34 -0.10 1.79
CA ARG E 58 20.77 -0.33 1.78
C ARG E 58 21.55 0.90 2.18
N ALA E 59 22.82 0.70 2.54
CA ALA E 59 23.69 1.80 2.92
C ALA E 59 24.49 2.14 1.66
N GLY E 60 24.92 3.39 1.54
CA GLY E 60 25.69 3.77 0.37
C GLY E 60 26.44 5.06 0.58
N SER E 61 27.06 5.52 -0.49
CA SER E 61 27.82 6.77 -0.47
C SER E 61 26.87 7.83 -1.02
N TYR E 62 27.30 9.08 -1.02
CA TYR E 62 26.48 10.16 -1.53
C TYR E 62 26.13 9.89 -2.98
N GLY E 63 27.07 9.28 -3.69
CA GLY E 63 26.84 8.97 -5.09
C GLY E 63 25.65 8.04 -5.24
N ASP E 64 25.44 7.16 -4.26
CA ASP E 64 24.32 6.24 -4.30
C ASP E 64 22.97 6.93 -4.08
N LEU E 65 23.00 8.25 -3.88
CA LEU E 65 21.77 9.00 -3.69
C LEU E 65 21.22 9.51 -5.01
N GLU E 66 21.95 9.26 -6.11
CA GLU E 66 21.51 9.69 -7.43
C GLU E 66 20.07 9.26 -7.65
N GLY E 67 19.24 10.21 -8.09
CA GLY E 67 17.85 9.90 -8.34
C GLY E 67 16.91 10.02 -7.15
N ALA E 68 17.46 10.25 -5.96
CA ALA E 68 16.61 10.38 -4.78
C ALA E 68 15.67 11.56 -4.96
N ARG E 69 14.40 11.38 -4.60
CA ARG E 69 13.44 12.46 -4.76
C ARG E 69 13.34 13.29 -3.49
N ALA E 70 13.68 12.66 -2.37
CA ALA E 70 13.69 13.31 -1.07
C ALA E 70 14.89 12.74 -0.32
N VAL E 71 15.50 13.57 0.53
CA VAL E 71 16.64 13.14 1.32
C VAL E 71 16.52 13.71 2.71
N VAL E 72 16.46 12.82 3.70
CA VAL E 72 16.35 13.21 5.09
C VAL E 72 17.73 13.48 5.66
N LEU E 73 17.89 14.65 6.25
CA LEU E 73 19.16 15.02 6.86
C LEU E 73 18.98 14.75 8.36
N ALA E 74 19.61 13.67 8.83
CA ALA E 74 19.50 13.29 10.23
C ALA E 74 20.90 13.06 10.77
N ALA E 75 21.86 13.80 10.23
CA ALA E 75 23.24 13.72 10.65
C ALA E 75 23.42 14.67 11.82
N GLY E 76 24.43 14.44 12.63
CA GLY E 76 24.62 15.30 13.77
C GLY E 76 25.60 14.72 14.77
N VAL E 77 26.06 15.56 15.68
CA VAL E 77 27.03 15.10 16.66
C VAL E 77 26.41 15.09 18.06
N ALA E 78 26.99 14.27 18.92
CA ALA E 78 26.51 14.18 20.30
C ALA E 78 27.24 15.25 21.12
N GLN E 79 26.49 16.01 21.92
CA GLN E 79 27.11 17.06 22.71
C GLN E 79 28.22 16.55 23.64
N ARG E 80 29.17 17.43 23.90
CA ARG E 80 30.29 17.13 24.78
C ARG E 80 29.93 17.69 26.14
N PRO E 81 29.87 16.84 27.17
CA PRO E 81 29.52 17.30 28.51
C PRO E 81 30.44 18.44 28.95
N GLY E 82 29.88 19.64 29.07
CA GLY E 82 30.69 20.78 29.46
C GLY E 82 30.81 21.87 28.41
N GLU E 83 30.46 21.55 27.16
CA GLU E 83 30.53 22.57 26.10
C GLU E 83 29.23 23.36 26.11
N THR E 84 29.31 24.60 25.64
CA THR E 84 28.12 25.45 25.59
C THR E 84 27.18 24.97 24.50
N ARG E 85 25.93 25.45 24.57
CA ARG E 85 24.90 25.14 23.59
C ARG E 85 25.36 25.64 22.22
N LEU E 86 25.77 26.90 22.17
CA LEU E 86 26.23 27.51 20.92
C LEU E 86 27.34 26.69 20.27
N GLN E 87 28.24 26.12 21.08
CA GLN E 87 29.34 25.33 20.53
C GLN E 87 28.85 24.00 19.94
N LEU E 88 27.75 23.48 20.48
CA LEU E 88 27.20 22.26 19.97
C LEU E 88 26.56 22.56 18.64
N LEU E 89 25.65 23.53 18.65
CA LEU E 89 24.97 23.97 17.44
C LEU E 89 25.96 24.26 16.30
N ASP E 90 27.07 24.92 16.63
CA ASP E 90 28.06 25.23 15.60
C ASP E 90 28.64 23.95 15.01
N ARG E 91 28.90 22.98 15.88
CA ARG E 91 29.46 21.72 15.43
C ARG E 91 28.47 21.03 14.50
N ASN E 92 27.18 21.17 14.80
CA ASN E 92 26.15 20.58 13.96
C ASN E 92 26.08 21.28 12.61
N ALA E 93 26.19 22.61 12.61
CA ALA E 93 26.14 23.38 11.37
C ALA E 93 27.34 23.01 10.54
N GLN E 94 28.44 22.72 11.22
CA GLN E 94 29.67 22.34 10.54
C GLN E 94 29.41 21.04 9.79
N VAL E 95 28.62 20.15 10.39
CA VAL E 95 28.26 18.87 9.77
C VAL E 95 27.43 19.08 8.51
N PHE E 96 26.40 19.93 8.60
CA PHE E 96 25.55 20.22 7.46
C PHE E 96 26.34 20.84 6.32
N ALA E 97 27.35 21.66 6.66
CA ALA E 97 28.17 22.31 5.65
C ALA E 97 28.86 21.27 4.77
N GLN E 98 29.10 20.09 5.32
CA GLN E 98 29.73 19.03 4.56
C GLN E 98 28.65 18.21 3.87
N VAL E 99 27.55 17.98 4.58
CA VAL E 99 26.45 17.18 4.06
C VAL E 99 25.68 17.80 2.89
N VAL E 100 25.00 18.91 3.14
CA VAL E 100 24.20 19.57 2.12
C VAL E 100 24.82 19.64 0.71
N PRO E 101 26.05 20.18 0.59
CA PRO E 101 26.64 20.23 -0.75
C PRO E 101 26.86 18.86 -1.40
N ARG E 102 27.25 17.87 -0.60
CA ARG E 102 27.47 16.54 -1.15
C ARG E 102 26.17 15.90 -1.57
N VAL E 103 25.10 16.15 -0.83
CA VAL E 103 23.80 15.59 -1.17
C VAL E 103 23.30 16.21 -2.47
N LEU E 104 23.30 17.54 -2.54
CA LEU E 104 22.82 18.24 -3.72
C LEU E 104 23.68 17.97 -4.95
N GLU E 105 24.95 17.62 -4.73
CA GLU E 105 25.82 17.30 -5.85
C GLU E 105 25.37 16.00 -6.50
N ALA E 106 24.84 15.09 -5.68
CA ALA E 106 24.39 13.80 -6.17
C ALA E 106 22.90 13.77 -6.55
N ALA E 107 22.07 14.50 -5.81
CA ALA E 107 20.64 14.54 -6.07
C ALA E 107 20.15 15.99 -6.12
N PRO E 108 20.56 16.74 -7.15
CA PRO E 108 20.22 18.14 -7.39
C PRO E 108 18.76 18.52 -7.18
N GLU E 109 17.85 17.64 -7.58
CA GLU E 109 16.43 17.94 -7.46
C GLU E 109 15.74 17.35 -6.26
N ALA E 110 16.50 16.76 -5.36
CA ALA E 110 15.91 16.16 -4.16
C ALA E 110 15.37 17.23 -3.21
N VAL E 111 14.25 16.93 -2.56
CA VAL E 111 13.70 17.84 -1.57
C VAL E 111 14.47 17.48 -0.28
N LEU E 112 14.96 18.49 0.42
CA LEU E 112 15.72 18.23 1.65
C LEU E 112 14.83 18.22 2.87
N LEU E 113 14.87 17.10 3.60
CA LEU E 113 14.08 16.96 4.81
C LEU E 113 14.97 16.97 6.05
N VAL E 114 14.94 18.07 6.78
CA VAL E 114 15.74 18.22 7.99
C VAL E 114 15.06 17.61 9.22
N ALA E 115 15.81 16.70 9.89
CA ALA E 115 15.26 16.07 11.10
C ALA E 115 16.08 16.43 12.35
N THR E 116 17.35 16.83 12.10
CA THR E 116 18.29 17.09 13.19
C THR E 116 17.82 18.21 14.14
N ASN E 117 17.78 17.88 15.44
CA ASN E 117 17.34 18.85 16.44
C ASN E 117 18.48 19.79 16.85
N PRO E 118 18.20 21.09 17.04
CA PRO E 118 16.86 21.68 16.91
C PRO E 118 16.50 21.88 15.42
N VAL E 119 15.41 21.27 14.99
CA VAL E 119 14.98 21.35 13.60
C VAL E 119 14.86 22.74 13.00
N ASP E 120 14.15 23.63 13.68
CA ASP E 120 13.97 24.99 13.19
C ASP E 120 15.30 25.65 12.85
N VAL E 121 16.25 25.51 13.76
CA VAL E 121 17.58 26.07 13.57
C VAL E 121 18.30 25.37 12.42
N MSE E 122 18.39 24.05 12.49
CA MSE E 122 19.07 23.29 11.43
C MSE E 122 18.43 23.47 10.07
O MSE E 122 19.10 23.41 9.04
CB MSE E 122 19.14 21.81 11.81
CG MSE E 122 19.90 21.53 13.10
SE MSE E 122 21.67 22.36 13.12
CE MSE E 122 22.43 21.50 11.57
N THR E 123 17.11 23.67 10.06
CA THR E 123 16.40 23.88 8.81
C THR E 123 16.92 25.18 8.20
N GLN E 124 17.01 26.23 9.02
CA GLN E 124 17.51 27.49 8.51
C GLN E 124 18.91 27.30 7.98
N VAL E 125 19.72 26.54 8.70
CA VAL E 125 21.09 26.29 8.27
C VAL E 125 21.09 25.60 6.90
N ALA E 126 20.33 24.52 6.77
CA ALA E 126 20.26 23.78 5.52
C ALA E 126 19.90 24.70 4.36
N TYR E 127 18.92 25.58 4.59
CA TYR E 127 18.49 26.52 3.57
C TYR E 127 19.66 27.35 3.04
N ARG E 128 20.11 28.31 3.84
CA ARG E 128 21.18 29.20 3.44
C ARG E 128 22.37 28.46 2.85
N LEU E 129 22.52 27.19 3.20
CA LEU E 129 23.63 26.35 2.76
C LEU E 129 23.36 25.79 1.36
N SER E 130 22.09 25.38 1.16
CA SER E 130 21.74 24.61 -0.03
C SER E 130 21.69 25.46 -1.30
N GLY E 131 21.38 26.75 -1.12
CA GLY E 131 21.30 27.63 -2.29
C GLY E 131 20.07 27.31 -3.15
N LEU E 132 19.18 26.48 -2.57
CA LEU E 132 17.93 26.18 -3.27
C LEU E 132 16.81 27.12 -2.86
N PRO E 133 15.74 27.12 -3.67
CA PRO E 133 14.53 27.87 -3.33
C PRO E 133 14.02 27.52 -1.92
N PRO E 134 13.37 28.49 -1.25
CA PRO E 134 12.87 28.30 0.12
C PRO E 134 12.11 26.99 0.34
N GLY E 135 11.13 26.74 -0.50
CA GLY E 135 10.29 25.55 -0.39
C GLY E 135 10.94 24.18 -0.52
N ARG E 136 12.18 24.11 -1.00
CA ARG E 136 12.83 22.82 -1.15
C ARG E 136 13.63 22.32 0.04
N VAL E 137 13.56 23.04 1.15
CA VAL E 137 14.25 22.64 2.37
C VAL E 137 13.17 22.66 3.44
N VAL E 138 12.77 21.47 3.91
CA VAL E 138 11.73 21.38 4.91
C VAL E 138 12.18 20.64 6.16
N GLY E 139 11.74 21.11 7.32
CA GLY E 139 12.09 20.48 8.57
C GLY E 139 10.85 19.85 9.15
N SER E 140 11.01 18.72 9.85
CA SER E 140 9.87 18.03 10.44
C SER E 140 9.01 18.97 11.27
N GLY E 141 9.65 19.95 11.88
CA GLY E 141 8.92 20.93 12.68
C GLY E 141 8.07 20.39 13.81
N THR E 142 6.83 20.86 13.87
CA THR E 142 5.90 20.48 14.93
C THR E 142 4.83 19.44 14.56
N ILE E 143 4.98 18.78 13.41
CA ILE E 143 3.97 17.80 12.99
C ILE E 143 3.59 16.84 14.09
N LEU E 144 4.59 16.29 14.78
CA LEU E 144 4.33 15.36 15.87
C LEU E 144 3.48 15.99 16.95
N ASP E 145 3.73 17.26 17.25
CA ASP E 145 2.99 17.94 18.29
C ASP E 145 1.58 18.29 17.83
N THR E 146 1.44 18.63 16.55
CA THR E 146 0.14 18.95 15.99
C THR E 146 -0.75 17.70 15.95
N ALA E 147 -0.16 16.54 15.67
CA ALA E 147 -0.96 15.30 15.62
C ALA E 147 -1.37 14.90 17.02
N ARG E 148 -0.48 15.13 17.98
CA ARG E 148 -0.79 14.81 19.37
C ARG E 148 -1.90 15.74 19.85
N PHE E 149 -1.83 17.00 19.44
CA PHE E 149 -2.82 17.99 19.82
C PHE E 149 -4.20 17.52 19.36
N ARG E 150 -4.33 17.17 18.08
CA ARG E 150 -5.60 16.70 17.55
C ARG E 150 -5.99 15.38 18.19
N ALA E 151 -5.01 14.53 18.45
CA ALA E 151 -5.33 13.24 19.07
C ALA E 151 -5.96 13.50 20.43
N LEU E 152 -5.37 14.40 21.21
CA LEU E 152 -5.93 14.66 22.52
C LEU E 152 -7.31 15.32 22.43
N LEU E 153 -7.46 16.33 21.60
CA LEU E 153 -8.78 16.97 21.42
C LEU E 153 -9.82 15.93 21.04
N ALA E 154 -9.45 15.06 20.09
CA ALA E 154 -10.34 14.01 19.60
C ALA E 154 -10.84 13.13 20.72
N GLU E 155 -9.91 12.58 21.51
CA GLU E 155 -10.24 11.72 22.63
C GLU E 155 -11.17 12.43 23.59
N TYR E 156 -10.97 13.74 23.74
CA TYR E 156 -11.81 14.52 24.64
C TYR E 156 -13.23 14.59 24.09
N LEU E 157 -13.37 15.19 22.91
CA LEU E 157 -14.66 15.35 22.25
C LEU E 157 -15.34 14.04 21.85
N ARG E 158 -14.62 12.94 21.94
CA ARG E 158 -15.15 11.63 21.58
C ARG E 158 -15.53 11.60 20.09
N VAL E 159 -14.64 12.14 19.26
CA VAL E 159 -14.85 12.18 17.83
C VAL E 159 -13.59 11.62 17.17
N ALA E 160 -13.57 11.54 15.85
CA ALA E 160 -12.40 11.00 15.17
C ALA E 160 -11.35 12.05 14.86
N PRO E 161 -10.07 11.71 15.03
CA PRO E 161 -8.95 12.60 14.78
C PRO E 161 -8.96 13.31 13.42
N GLN E 162 -9.53 12.67 12.41
CA GLN E 162 -9.58 13.28 11.08
C GLN E 162 -10.50 14.48 11.04
N SER E 163 -11.51 14.47 11.91
CA SER E 163 -12.49 15.54 11.96
C SER E 163 -11.99 16.78 12.70
N VAL E 164 -10.88 16.64 13.41
CA VAL E 164 -10.31 17.76 14.16
C VAL E 164 -9.17 18.44 13.42
N HIS E 165 -9.33 19.73 13.13
CA HIS E 165 -8.29 20.50 12.47
C HIS E 165 -7.78 21.57 13.40
N ALA E 166 -6.73 21.23 14.15
CA ALA E 166 -6.12 22.16 15.10
C ALA E 166 -4.62 22.21 14.78
N TYR E 167 -3.99 23.32 15.10
CA TYR E 167 -2.57 23.50 14.81
C TYR E 167 -1.71 23.81 16.02
N VAL E 168 -0.40 23.59 15.85
CA VAL E 168 0.62 23.87 16.86
C VAL E 168 1.71 24.50 16.02
N LEU E 169 1.96 25.79 16.22
CA LEU E 169 2.97 26.47 15.41
C LEU E 169 4.18 27.01 16.16
N GLY E 170 5.10 27.56 15.40
CA GLY E 170 6.29 28.14 15.99
C GLY E 170 7.49 27.25 16.05
N GLU E 171 8.20 27.36 17.17
CA GLU E 171 9.41 26.59 17.40
C GLU E 171 9.06 25.17 17.83
N HIS E 172 9.83 24.19 17.36
CA HIS E 172 9.56 22.83 17.82
C HIS E 172 10.31 22.78 19.13
N GLY E 173 9.66 23.25 20.18
CA GLY E 173 10.31 23.27 21.48
C GLY E 173 9.37 23.76 22.55
N ASP E 174 9.92 24.44 23.54
CA ASP E 174 9.15 24.95 24.66
C ASP E 174 8.23 26.10 24.32
N SER E 175 8.63 26.93 23.37
CA SER E 175 7.81 28.07 23.00
C SER E 175 6.80 27.81 21.87
N GLU E 176 6.48 26.54 21.60
CA GLU E 176 5.55 26.25 20.55
C GLU E 176 4.15 26.71 20.94
N VAL E 177 3.36 27.09 19.94
CA VAL E 177 2.03 27.62 20.20
C VAL E 177 0.88 26.70 19.80
N LEU E 178 -0.02 26.44 20.74
CA LEU E 178 -1.19 25.61 20.49
C LEU E 178 -2.32 26.57 20.15
N VAL E 179 -2.73 26.60 18.88
CA VAL E 179 -3.79 27.50 18.44
C VAL E 179 -5.17 27.00 18.83
N TRP E 180 -5.66 27.41 19.99
CA TRP E 180 -6.98 26.99 20.45
C TRP E 180 -8.09 27.81 19.79
N SER E 181 -7.83 29.10 19.60
CA SER E 181 -8.82 30.01 19.02
C SER E 181 -9.50 29.47 17.78
N SER E 182 -8.74 29.32 16.69
CA SER E 182 -9.29 28.86 15.42
C SER E 182 -9.31 27.35 15.19
N ALA E 183 -9.35 26.56 16.26
CA ALA E 183 -9.39 25.11 16.13
C ALA E 183 -10.82 24.74 15.80
N GLN E 184 -11.00 23.71 14.97
CA GLN E 184 -12.34 23.29 14.56
C GLN E 184 -12.56 21.77 14.61
N VAL E 185 -13.83 21.40 14.57
CA VAL E 185 -14.23 19.99 14.58
C VAL E 185 -15.37 19.88 13.57
N GLY E 186 -15.03 19.41 12.38
CA GLY E 186 -16.03 19.30 11.33
C GLY E 186 -16.28 20.65 10.72
N GLY E 187 -15.23 21.47 10.65
CA GLY E 187 -15.37 22.80 10.07
C GLY E 187 -16.07 23.78 10.99
N VAL E 188 -16.41 23.34 12.20
CA VAL E 188 -17.08 24.18 13.18
C VAL E 188 -16.16 24.47 14.38
N PRO E 189 -16.16 25.72 14.88
CA PRO E 189 -15.34 26.15 16.02
C PRO E 189 -15.38 25.17 17.21
N LEU E 190 -14.18 24.66 17.56
CA LEU E 190 -14.02 23.62 18.59
C LEU E 190 -14.54 24.03 19.97
N LEU E 191 -14.01 25.18 20.47
CA LEU E 191 -14.40 25.60 21.81
C LEU E 191 -15.92 25.59 21.99
N GLU E 192 -16.61 26.11 20.97
CA GLU E 192 -18.06 26.15 21.02
C GLU E 192 -18.68 24.76 20.90
N PHE E 193 -18.09 23.95 19.99
CA PHE E 193 -18.58 22.59 19.75
C PHE E 193 -18.77 21.82 21.07
N ALA E 194 -17.70 21.86 21.88
CA ALA E 194 -17.74 21.15 23.16
C ALA E 194 -19.03 21.44 23.93
N GLU E 195 -19.49 22.70 23.80
CA GLU E 195 -20.73 23.08 24.48
C GLU E 195 -21.94 22.36 23.89
N SER E 202 -13.07 22.73 30.17
CA SER E 202 -12.67 23.61 31.26
C SER E 202 -11.28 24.20 31.03
N PRO E 203 -11.00 25.30 31.74
CA PRO E 203 -9.69 25.95 31.66
C PRO E 203 -8.60 25.01 32.16
N GLU E 204 -9.01 24.03 32.99
CA GLU E 204 -8.07 23.03 33.46
C GLU E 204 -7.84 21.95 32.40
N ASP E 205 -8.93 21.66 31.66
CA ASP E 205 -8.81 20.70 30.56
C ASP E 205 -7.74 21.12 29.57
N ARG E 206 -7.76 22.41 29.22
CA ARG E 206 -6.80 22.96 28.28
C ARG E 206 -5.38 22.82 28.82
N ALA E 207 -5.21 23.05 30.12
CA ALA E 207 -3.90 22.92 30.74
C ALA E 207 -3.40 21.50 30.59
N ARG E 208 -4.28 20.54 30.87
CA ARG E 208 -3.96 19.12 30.78
C ARG E 208 -3.43 18.80 29.39
N ILE E 209 -4.21 19.16 28.36
CA ILE E 209 -3.82 18.90 26.99
C ILE E 209 -2.55 19.67 26.61
N ASP E 210 -2.43 20.89 27.10
CA ASP E 210 -1.25 21.71 26.79
C ASP E 210 0.00 20.96 27.25
N GLU E 211 -0.12 20.26 28.37
CA GLU E 211 1.00 19.51 28.91
C GLU E 211 1.22 18.20 28.15
N GLY E 212 0.14 17.53 27.80
CA GLY E 212 0.27 16.28 27.07
C GLY E 212 1.00 16.49 25.75
N VAL E 213 0.84 17.69 25.18
CA VAL E 213 1.49 18.03 23.92
C VAL E 213 2.90 18.57 24.08
N ARG E 214 3.02 19.65 24.86
CA ARG E 214 4.29 20.34 25.09
C ARG E 214 5.38 19.57 25.84
N ARG E 215 5.02 18.71 26.79
CA ARG E 215 6.03 17.97 27.55
C ARG E 215 6.27 16.54 27.05
N ALA E 216 5.74 16.20 25.89
CA ALA E 216 5.90 14.86 25.34
C ALA E 216 7.36 14.49 25.11
N ALA E 217 8.04 15.25 24.26
CA ALA E 217 9.44 14.97 23.99
C ALA E 217 10.24 14.91 25.30
N TYR E 218 10.00 15.90 26.17
CA TYR E 218 10.69 15.96 27.46
C TYR E 218 10.53 14.64 28.22
N ARG E 219 9.29 14.20 28.39
CA ARG E 219 9.03 12.95 29.10
C ARG E 219 9.71 11.75 28.45
N ILE E 220 9.76 11.72 27.12
CA ILE E 220 10.39 10.62 26.41
C ILE E 220 11.89 10.65 26.65
N ILE E 221 12.49 11.83 26.46
CA ILE E 221 13.92 12.03 26.68
C ILE E 221 14.29 11.60 28.08
N GLU E 222 13.46 11.99 29.04
CA GLU E 222 13.68 11.69 30.44
C GLU E 222 13.78 10.20 30.69
N GLY E 223 12.90 9.42 30.07
CA GLY E 223 12.90 7.99 30.27
C GLY E 223 13.66 7.11 29.29
N LYS E 224 14.00 7.66 28.12
CA LYS E 224 14.72 6.92 27.07
C LYS E 224 16.02 7.60 26.71
N GLY E 225 16.12 8.88 27.02
CA GLY E 225 17.30 9.64 26.69
C GLY E 225 17.26 10.27 25.31
N ALA E 226 16.26 9.89 24.52
CA ALA E 226 16.12 10.41 23.16
C ALA E 226 14.80 9.99 22.56
N THR E 227 14.39 10.63 21.48
CA THR E 227 13.14 10.28 20.79
C THR E 227 13.50 9.89 19.36
N TYR E 228 12.77 8.94 18.80
CA TYR E 228 13.02 8.55 17.42
C TYR E 228 11.86 7.81 16.76
N TYR E 229 11.14 6.99 17.51
CA TYR E 229 10.02 6.28 16.92
C TYR E 229 8.97 7.23 16.35
N GLY E 230 8.48 8.16 17.16
CA GLY E 230 7.49 9.12 16.70
C GLY E 230 7.92 9.88 15.45
N ILE E 231 9.09 10.48 15.48
CA ILE E 231 9.58 11.24 14.33
C ILE E 231 9.88 10.33 13.13
N GLY E 232 10.14 9.04 13.40
CA GLY E 232 10.42 8.12 12.31
C GLY E 232 9.20 8.02 11.40
N ALA E 233 8.03 7.86 12.01
CA ALA E 233 6.78 7.75 11.27
C ALA E 233 6.34 9.09 10.67
N GLY E 234 6.55 10.18 11.41
CA GLY E 234 6.17 11.50 10.93
C GLY E 234 6.96 11.84 9.69
N LEU E 235 8.24 11.51 9.73
CA LEU E 235 9.14 11.74 8.61
C LEU E 235 8.69 10.90 7.42
N ALA E 236 8.36 9.64 7.67
CA ALA E 236 7.93 8.75 6.59
C ALA E 236 6.71 9.32 5.88
N ARG E 237 5.83 9.94 6.65
CA ARG E 237 4.61 10.54 6.11
C ARG E 237 4.97 11.69 5.18
N LEU E 238 5.83 12.57 5.66
CA LEU E 238 6.26 13.71 4.88
C LEU E 238 6.92 13.29 3.58
N VAL E 239 7.68 12.20 3.63
CA VAL E 239 8.34 11.69 2.44
C VAL E 239 7.31 11.20 1.42
N ARG E 240 6.25 10.56 1.93
CA ARG E 240 5.21 10.07 1.07
C ARG E 240 4.46 11.22 0.42
N ALA E 241 4.23 12.28 1.18
CA ALA E 241 3.54 13.45 0.66
C ALA E 241 4.35 14.03 -0.48
N ILE E 242 5.67 13.91 -0.38
CA ILE E 242 6.56 14.43 -1.41
C ILE E 242 6.59 13.52 -2.64
N LEU E 243 6.72 12.22 -2.39
CA LEU E 243 6.79 11.23 -3.46
C LEU E 243 5.50 11.10 -4.25
N THR E 244 4.39 11.46 -3.62
CA THR E 244 3.10 11.38 -4.29
C THR E 244 2.56 12.76 -4.65
N ASP E 245 3.38 13.79 -4.51
CA ASP E 245 2.96 15.15 -4.81
C ASP E 245 1.60 15.41 -4.17
N GLU E 246 1.39 14.85 -2.99
CA GLU E 246 0.14 14.98 -2.25
C GLU E 246 -0.44 16.39 -2.14
N LYS E 247 0.42 17.37 -1.91
CA LYS E 247 -0.02 18.75 -1.75
C LYS E 247 -0.91 18.88 -0.53
N GLY E 248 -0.63 18.05 0.47
CA GLY E 248 -1.39 18.08 1.71
C GLY E 248 -0.83 19.14 2.64
N VAL E 249 -1.58 19.49 3.68
CA VAL E 249 -1.13 20.51 4.63
C VAL E 249 -0.50 19.96 5.88
N TYR E 250 0.77 20.31 6.11
CA TYR E 250 1.48 19.87 7.30
C TYR E 250 2.16 21.04 7.98
N THR E 251 2.12 21.06 9.31
CA THR E 251 2.78 22.13 10.04
C THR E 251 4.23 21.71 10.12
N VAL E 252 5.00 22.10 9.12
CA VAL E 252 6.41 21.76 9.04
C VAL E 252 7.24 23.05 8.94
N SER E 253 8.50 22.97 9.32
CA SER E 253 9.39 24.12 9.32
C SER E 253 10.07 24.42 7.99
N ALA E 254 10.12 25.71 7.66
CA ALA E 254 10.74 26.17 6.42
C ALA E 254 11.06 27.65 6.55
N PHE E 255 12.05 28.09 5.80
CA PHE E 255 12.44 29.48 5.84
C PHE E 255 11.24 30.35 5.49
N THR E 256 10.91 31.26 6.41
CA THR E 256 9.79 32.16 6.23
C THR E 256 10.32 33.59 6.07
N PRO E 257 9.98 34.26 4.97
CA PRO E 257 10.42 35.64 4.72
C PRO E 257 10.12 36.58 5.88
N GLU E 258 8.87 36.57 6.34
CA GLU E 258 8.46 37.42 7.45
C GLU E 258 7.35 36.73 8.23
N VAL E 259 7.46 36.77 9.56
CA VAL E 259 6.46 36.15 10.40
C VAL E 259 6.24 36.98 11.65
N GLU E 260 5.06 37.59 11.74
CA GLU E 260 4.68 38.43 12.86
C GLU E 260 5.73 39.48 13.21
N GLY E 261 6.40 40.04 12.21
CA GLY E 261 7.40 40.98 12.67
C GLY E 261 8.82 40.52 12.33
N VAL E 262 9.18 39.33 12.85
CA VAL E 262 10.52 38.80 12.60
C VAL E 262 10.73 38.47 11.12
N LEU E 263 11.97 38.75 10.65
CA LEU E 263 12.28 38.45 9.26
C LEU E 263 13.27 37.28 9.14
N GLU E 264 13.16 36.63 7.99
CA GLU E 264 14.05 35.53 7.61
C GLU E 264 14.35 34.49 8.68
N VAL E 265 13.32 33.79 9.13
CA VAL E 265 13.47 32.75 10.13
C VAL E 265 12.64 31.51 9.79
N SER E 266 13.12 30.33 10.18
CA SER E 266 12.40 29.08 9.93
C SER E 266 11.66 28.64 11.19
N LEU E 267 10.38 28.33 11.03
CA LEU E 267 9.55 27.88 12.13
C LEU E 267 8.39 27.10 11.52
N SER E 268 7.58 26.48 12.34
CA SER E 268 6.46 25.69 11.84
C SER E 268 5.20 26.50 11.58
N LEU E 269 4.68 26.35 10.36
CA LEU E 269 3.45 27.01 9.92
C LEU E 269 2.76 26.05 8.97
N PRO E 270 1.42 26.07 8.93
CA PRO E 270 0.67 25.17 8.04
C PRO E 270 1.17 25.34 6.61
N ARG E 271 1.80 24.32 6.05
CA ARG E 271 2.31 24.42 4.70
C ARG E 271 1.82 23.29 3.79
N ILE E 272 1.63 23.64 2.52
CA ILE E 272 1.18 22.69 1.50
C ILE E 272 2.41 21.95 1.01
N LEU E 273 2.45 20.63 1.20
CA LEU E 273 3.63 19.87 0.79
C LEU E 273 3.48 19.00 -0.46
N GLY E 274 4.41 19.17 -1.42
CA GLY E 274 4.36 18.41 -2.64
C GLY E 274 5.71 17.94 -3.14
N ALA E 275 5.76 17.50 -4.41
CA ALA E 275 7.00 17.00 -5.02
C ALA E 275 8.10 18.04 -5.08
N GLY E 276 7.74 19.31 -5.02
CA GLY E 276 8.75 20.36 -5.07
C GLY E 276 9.10 20.90 -3.69
N GLY E 277 8.45 20.35 -2.66
CA GLY E 277 8.69 20.80 -1.31
C GLY E 277 7.47 21.57 -0.84
N VAL E 278 7.69 22.60 -0.04
CA VAL E 278 6.59 23.43 0.44
C VAL E 278 6.18 24.31 -0.73
N GLU E 279 4.90 24.23 -1.06
CA GLU E 279 4.33 24.92 -2.20
C GLU E 279 3.47 26.13 -1.86
N GLY E 280 3.16 26.30 -0.59
CA GLY E 280 2.33 27.42 -0.16
C GLY E 280 2.15 27.42 1.33
N THR E 281 1.54 28.48 1.85
CA THR E 281 1.34 28.61 3.29
C THR E 281 -0.07 29.03 3.62
N VAL E 282 -0.66 28.34 4.58
CA VAL E 282 -2.01 28.64 5.00
C VAL E 282 -1.96 29.36 6.34
N TYR E 283 -2.29 30.64 6.33
CA TYR E 283 -2.26 31.46 7.53
C TYR E 283 -3.58 31.38 8.26
N PRO E 284 -3.60 30.75 9.43
CA PRO E 284 -4.84 30.65 10.19
C PRO E 284 -5.10 31.85 11.08
N SER E 285 -6.30 31.91 11.64
CA SER E 285 -6.69 32.99 12.52
C SER E 285 -6.09 32.77 13.90
N LEU E 286 -5.37 33.77 14.40
CA LEU E 286 -4.73 33.70 15.70
C LEU E 286 -5.26 34.77 16.64
N SER E 287 -5.53 34.40 17.89
CA SER E 287 -6.01 35.36 18.88
C SER E 287 -4.81 36.23 19.24
N PRO E 288 -5.06 37.43 19.78
CA PRO E 288 -3.94 38.31 20.14
C PRO E 288 -2.91 37.61 21.05
N GLU E 289 -3.41 36.75 21.94
CA GLU E 289 -2.54 36.03 22.85
C GLU E 289 -1.69 34.98 22.13
N GLU E 290 -2.15 34.53 20.96
CA GLU E 290 -1.41 33.54 20.18
C GLU E 290 -0.40 34.18 19.25
N ARG E 291 -0.74 35.37 18.75
CA ARG E 291 0.15 36.11 17.85
C ARG E 291 1.39 36.54 18.62
N GLU E 292 1.20 36.87 19.89
CA GLU E 292 2.29 37.31 20.76
C GLU E 292 3.27 36.16 20.99
N ALA E 293 2.72 35.00 21.35
CA ALA E 293 3.52 33.83 21.61
C ALA E 293 4.28 33.43 20.35
N LEU E 294 3.61 33.55 19.20
CA LEU E 294 4.25 33.21 17.93
C LEU E 294 5.37 34.18 17.60
N ARG E 295 5.13 35.46 17.77
CA ARG E 295 6.15 36.48 17.50
C ARG E 295 7.31 36.25 18.45
N ARG E 296 6.97 36.03 19.72
CA ARG E 296 7.96 35.79 20.76
C ARG E 296 8.77 34.52 20.42
N SER E 297 8.10 33.54 19.84
CA SER E 297 8.77 32.29 19.47
C SER E 297 9.71 32.49 18.29
N ALA E 298 9.27 33.30 17.33
CA ALA E 298 10.07 33.56 16.15
C ALA E 298 11.30 34.39 16.48
N GLU E 299 11.21 35.20 17.53
CA GLU E 299 12.36 36.02 17.92
C GLU E 299 13.43 35.14 18.52
N ILE E 300 13.01 34.18 19.34
CA ILE E 300 13.96 33.26 19.97
C ILE E 300 14.76 32.56 18.88
N LEU E 301 14.05 32.08 17.86
CA LEU E 301 14.69 31.39 16.74
C LEU E 301 15.56 32.32 15.91
N LYS E 302 15.13 33.57 15.77
CA LYS E 302 15.88 34.55 15.00
C LYS E 302 17.23 34.81 15.68
N GLU E 303 17.21 34.91 17.00
CA GLU E 303 18.43 35.18 17.75
C GLU E 303 19.44 34.05 17.58
N ALA E 304 18.99 32.81 17.82
CA ALA E 304 19.84 31.64 17.68
C ALA E 304 20.49 31.67 16.29
N ALA E 305 19.70 32.07 15.30
CA ALA E 305 20.18 32.14 13.93
C ALA E 305 21.34 33.12 13.79
N PHE E 306 21.16 34.34 14.28
CA PHE E 306 22.22 35.35 14.22
C PHE E 306 23.45 34.87 14.97
N ALA E 307 23.23 34.37 16.19
CA ALA E 307 24.31 33.89 17.01
C ALA E 307 25.12 32.81 16.29
N LEU E 308 24.44 32.06 15.42
CA LEU E 308 25.10 30.98 14.70
C LEU E 308 25.64 31.41 13.34
N GLY E 309 25.05 32.45 12.76
CA GLY E 309 25.51 32.93 11.47
C GLY E 309 24.65 32.50 10.29
N PHE E 310 23.34 32.44 10.51
CA PHE E 310 22.41 32.03 9.47
C PHE E 310 21.12 32.85 9.60
N MSE F 1 -7.96 -6.56 19.42
CA MSE F 1 -7.24 -7.53 20.30
C MSE F 1 -5.97 -6.93 20.89
O MSE F 1 -5.29 -6.14 20.24
CB MSE F 1 -6.89 -8.78 19.49
CG MSE F 1 -8.10 -9.44 18.88
SE MSE F 1 -7.64 -10.60 17.41
CE MSE F 1 -7.20 -9.25 16.08
N LYS F 2 -5.65 -7.31 22.12
CA LYS F 2 -4.46 -6.78 22.74
C LYS F 2 -3.32 -7.80 22.83
N VAL F 3 -2.11 -7.29 22.70
CA VAL F 3 -0.91 -8.11 22.76
C VAL F 3 0.03 -7.52 23.81
N GLY F 4 0.72 -8.39 24.55
CA GLY F 4 1.63 -7.92 25.56
C GLY F 4 3.08 -8.12 25.20
N ILE F 5 3.93 -7.27 25.78
CA ILE F 5 5.37 -7.34 25.55
C ILE F 5 6.05 -7.11 26.89
N VAL F 6 6.81 -8.11 27.35
CA VAL F 6 7.53 -7.99 28.61
C VAL F 6 9.00 -7.75 28.31
N GLY F 7 9.49 -6.57 28.68
CA GLY F 7 10.87 -6.21 28.43
C GLY F 7 10.87 -5.05 27.45
N SER F 8 11.17 -3.85 27.92
CA SER F 8 11.18 -2.66 27.08
C SER F 8 12.54 -2.26 26.57
N GLY F 9 13.36 -3.24 26.21
CA GLY F 9 14.66 -2.90 25.66
C GLY F 9 14.46 -2.58 24.19
N MSE F 10 15.51 -2.72 23.39
CA MSE F 10 15.38 -2.45 21.96
C MSE F 10 14.43 -3.42 21.25
O MSE F 10 13.56 -2.99 20.49
CB MSE F 10 16.76 -2.43 21.31
CG MSE F 10 17.63 -1.26 21.74
SE MSE F 10 16.70 0.48 21.66
CE MSE F 10 16.22 0.53 19.78
N VAL F 11 14.61 -4.72 21.47
CA VAL F 11 13.79 -5.75 20.84
C VAL F 11 12.30 -5.57 21.17
N GLY F 12 12.01 -5.39 22.45
CA GLY F 12 10.63 -5.23 22.85
C GLY F 12 9.99 -3.96 22.30
N SER F 13 10.72 -2.86 22.30
CA SER F 13 10.14 -1.63 21.79
C SER F 13 9.98 -1.71 20.28
N ALA F 14 11.01 -2.23 19.60
CA ALA F 14 10.96 -2.37 18.14
C ALA F 14 9.76 -3.19 17.75
N THR F 15 9.50 -4.25 18.51
CA THR F 15 8.35 -5.09 18.24
C THR F 15 7.06 -4.28 18.37
N ALA F 16 6.95 -3.50 19.43
CA ALA F 16 5.75 -2.69 19.62
C ALA F 16 5.62 -1.72 18.45
N TYR F 17 6.74 -1.16 18.00
CA TYR F 17 6.72 -0.21 16.91
C TYR F 17 6.31 -0.86 15.60
N ALA F 18 6.74 -2.11 15.39
CA ALA F 18 6.36 -2.84 14.18
C ALA F 18 4.87 -3.10 14.23
N LEU F 19 4.39 -3.61 15.36
CA LEU F 19 2.97 -3.91 15.54
C LEU F 19 2.13 -2.67 15.24
N ALA F 20 2.59 -1.53 15.74
CA ALA F 20 1.88 -0.28 15.53
C ALA F 20 1.88 0.14 14.06
N LEU F 21 3.04 0.13 13.43
CA LEU F 21 3.16 0.54 12.03
C LEU F 21 2.40 -0.37 11.06
N LEU F 22 2.19 -1.63 11.44
CA LEU F 22 1.49 -2.56 10.58
C LEU F 22 0.02 -2.69 10.98
N GLY F 23 -0.33 -2.15 12.14
CA GLY F 23 -1.71 -2.21 12.59
C GLY F 23 -2.16 -3.63 12.89
N VAL F 24 -1.32 -4.39 13.57
CA VAL F 24 -1.63 -5.77 13.90
C VAL F 24 -2.69 -5.88 14.99
N ALA F 25 -2.43 -5.27 16.14
CA ALA F 25 -3.40 -5.31 17.22
C ALA F 25 -3.98 -3.93 17.50
N ARG F 26 -5.12 -3.91 18.21
CA ARG F 26 -5.72 -2.64 18.59
C ARG F 26 -5.03 -2.06 19.83
N GLU F 27 -4.44 -2.96 20.64
CA GLU F 27 -3.82 -2.52 21.88
C GLU F 27 -2.54 -3.29 22.20
N VAL F 28 -1.44 -2.52 22.34
CA VAL F 28 -0.16 -3.12 22.72
C VAL F 28 0.32 -2.61 24.09
N VAL F 29 0.59 -3.57 25.00
CA VAL F 29 0.99 -3.16 26.36
C VAL F 29 2.44 -3.54 26.68
N LEU F 30 3.25 -2.50 26.93
CA LEU F 30 4.66 -2.74 27.27
C LEU F 30 4.86 -2.86 28.79
N VAL F 31 5.48 -3.98 29.20
CA VAL F 31 5.76 -4.18 30.63
C VAL F 31 7.26 -4.25 30.91
N ASP F 32 7.70 -3.52 31.93
CA ASP F 32 9.10 -3.49 32.33
C ASP F 32 9.19 -2.93 33.74
N LEU F 33 10.09 -3.49 34.55
CA LEU F 33 10.29 -3.03 35.92
C LEU F 33 10.63 -1.54 35.85
N ASP F 34 11.43 -1.19 34.86
CA ASP F 34 11.81 0.21 34.66
C ASP F 34 10.61 0.90 34.01
N ARG F 35 9.61 1.19 34.84
CA ARG F 35 8.37 1.82 34.38
C ARG F 35 8.58 3.04 33.48
N LYS F 36 9.58 3.85 33.81
CA LYS F 36 9.87 5.05 33.05
C LYS F 36 10.32 4.73 31.63
N LEU F 37 11.06 3.64 31.47
CA LEU F 37 11.54 3.23 30.16
C LEU F 37 10.37 2.78 29.28
N ALA F 38 9.50 1.96 29.85
CA ALA F 38 8.35 1.47 29.13
C ALA F 38 7.51 2.65 28.67
N GLN F 39 7.15 3.52 29.61
CA GLN F 39 6.32 4.69 29.32
C GLN F 39 6.91 5.59 28.26
N ALA F 40 8.24 5.70 28.26
CA ALA F 40 8.91 6.56 27.29
C ALA F 40 8.87 5.94 25.91
N HIS F 41 8.93 4.62 25.85
CA HIS F 41 8.86 3.91 24.59
C HIS F 41 7.45 3.99 24.04
N ALA F 42 6.49 3.83 24.95
CA ALA F 42 5.08 3.85 24.58
C ALA F 42 4.67 5.22 24.06
N GLU F 43 5.21 6.27 24.66
CA GLU F 43 4.84 7.60 24.21
C GLU F 43 5.55 7.97 22.92
N ASP F 44 6.74 7.43 22.73
CA ASP F 44 7.48 7.71 21.51
C ASP F 44 6.72 7.08 20.34
N ILE F 45 6.23 5.86 20.57
CA ILE F 45 5.47 5.15 19.55
C ILE F 45 4.09 5.79 19.35
N LEU F 46 3.45 6.18 20.44
CA LEU F 46 2.15 6.83 20.35
C LEU F 46 2.26 8.08 19.48
N HIS F 47 3.47 8.64 19.39
CA HIS F 47 3.73 9.83 18.57
C HIS F 47 3.65 9.46 17.08
N ALA F 48 3.87 8.18 16.80
CA ALA F 48 3.89 7.67 15.43
C ALA F 48 2.53 7.25 14.89
N THR F 49 1.69 6.69 15.75
CA THR F 49 0.38 6.20 15.35
C THR F 49 -0.50 7.14 14.50
N PRO F 50 -0.42 8.46 14.72
CA PRO F 50 -1.27 9.30 13.87
C PRO F 50 -0.85 9.25 12.41
N PHE F 51 0.36 8.75 12.16
CA PHE F 51 0.93 8.64 10.83
C PHE F 51 0.97 7.21 10.30
N ALA F 52 0.18 6.34 10.92
CA ALA F 52 0.11 4.94 10.52
C ALA F 52 -1.26 4.41 10.88
N HIS F 53 -1.34 3.52 11.87
CA HIS F 53 -2.60 2.91 12.26
C HIS F 53 -3.03 3.31 13.68
N PRO F 54 -4.33 3.36 13.94
CA PRO F 54 -4.88 3.69 15.26
C PRO F 54 -4.56 2.51 16.17
N VAL F 55 -3.47 2.60 16.90
CA VAL F 55 -3.11 1.54 17.81
C VAL F 55 -2.84 2.13 19.16
N TRP F 56 -3.53 1.66 20.18
CA TRP F 56 -3.32 2.17 21.52
C TRP F 56 -2.13 1.45 22.13
N VAL F 57 -1.00 2.16 22.20
CA VAL F 57 0.22 1.62 22.76
C VAL F 57 0.48 2.29 24.11
N ARG F 58 0.47 1.51 25.17
CA ARG F 58 0.70 2.06 26.49
C ARG F 58 1.60 1.14 27.31
N ALA F 59 2.10 1.66 28.42
CA ALA F 59 2.96 0.87 29.29
C ALA F 59 2.06 0.37 30.40
N GLY F 60 2.53 -0.64 31.11
CA GLY F 60 1.72 -1.19 32.19
C GLY F 60 2.44 -2.26 32.98
N SER F 61 1.71 -2.85 33.91
CA SER F 61 2.22 -3.90 34.77
C SER F 61 1.61 -5.23 34.32
N TYR F 62 2.06 -6.32 34.93
CA TYR F 62 1.56 -7.64 34.57
C TYR F 62 0.05 -7.70 34.59
N GLY F 63 -0.58 -6.94 35.49
CA GLY F 63 -2.02 -6.95 35.59
C GLY F 63 -2.69 -6.39 34.34
N ASP F 64 -1.97 -5.56 33.61
CA ASP F 64 -2.50 -4.96 32.40
C ASP F 64 -2.50 -5.92 31.22
N LEU F 65 -1.86 -7.08 31.39
CA LEU F 65 -1.79 -8.08 30.34
C LEU F 65 -3.07 -8.88 30.21
N GLU F 66 -4.05 -8.54 31.04
CA GLU F 66 -5.35 -9.21 31.05
C GLU F 66 -6.02 -9.27 29.68
N GLY F 67 -6.29 -10.49 29.20
CA GLY F 67 -6.93 -10.63 27.91
C GLY F 67 -6.02 -10.74 26.69
N ALA F 68 -4.74 -10.42 26.85
CA ALA F 68 -3.85 -10.49 25.69
C ALA F 68 -3.89 -11.89 25.06
N ARG F 69 -4.09 -11.91 23.72
CA ARG F 69 -4.10 -13.20 23.02
C ARG F 69 -2.67 -13.74 22.87
N ALA F 70 -1.70 -12.80 22.95
CA ALA F 70 -0.30 -13.18 22.83
C ALA F 70 0.58 -12.23 23.64
N VAL F 71 1.68 -12.76 24.17
CA VAL F 71 2.60 -11.95 24.95
C VAL F 71 4.03 -12.30 24.55
N VAL F 72 4.77 -11.29 24.12
CA VAL F 72 6.14 -11.49 23.71
C VAL F 72 7.05 -11.36 24.94
N LEU F 73 7.97 -12.31 25.12
CA LEU F 73 8.91 -12.26 26.24
C LEU F 73 10.29 -11.87 25.73
N ALA F 74 10.62 -10.59 25.89
CA ALA F 74 11.89 -10.06 25.44
C ALA F 74 12.61 -9.41 26.62
N ALA F 75 12.79 -10.19 27.68
CA ALA F 75 13.44 -9.69 28.89
C ALA F 75 14.87 -10.20 29.00
N GLY F 76 15.61 -9.66 29.97
CA GLY F 76 16.97 -10.10 30.19
C GLY F 76 18.00 -9.46 29.27
N VAL F 77 19.25 -9.86 29.47
CA VAL F 77 20.35 -9.36 28.67
C VAL F 77 20.50 -10.24 27.43
N ALA F 78 20.80 -9.61 26.29
CA ALA F 78 20.96 -10.34 25.05
C ALA F 78 22.39 -10.83 24.86
N GLN F 79 22.55 -12.03 24.30
CA GLN F 79 23.87 -12.57 24.03
C GLN F 79 24.29 -12.12 22.64
N ARG F 80 25.58 -11.94 22.45
CA ARG F 80 26.09 -11.47 21.17
C ARG F 80 26.46 -12.55 20.13
N PRO F 81 27.65 -13.15 20.20
CA PRO F 81 27.92 -14.15 19.17
C PRO F 81 27.76 -15.59 19.66
N GLY F 82 28.60 -16.47 19.11
CA GLY F 82 28.57 -17.87 19.48
C GLY F 82 29.34 -18.10 20.76
N GLU F 83 28.60 -18.31 21.84
CA GLU F 83 29.20 -18.55 23.15
C GLU F 83 28.18 -19.16 24.09
N THR F 84 27.16 -18.38 24.40
CA THR F 84 26.12 -18.80 25.31
C THR F 84 26.75 -18.89 26.70
N ARG F 85 26.94 -17.73 27.33
CA ARG F 85 27.52 -17.68 28.65
C ARG F 85 26.56 -18.48 29.53
N LEU F 86 26.98 -19.68 29.91
CA LEU F 86 26.14 -20.54 30.74
C LEU F 86 25.66 -19.84 32.01
N GLN F 87 26.52 -18.99 32.58
CA GLN F 87 26.14 -18.26 33.79
C GLN F 87 25.02 -17.28 33.46
N LEU F 88 25.18 -16.56 32.36
CA LEU F 88 24.23 -15.57 31.88
C LEU F 88 22.95 -16.29 31.40
N LEU F 89 23.17 -17.44 30.76
CA LEU F 89 22.08 -18.32 30.38
C LEU F 89 21.22 -18.72 31.59
N ASP F 90 21.91 -18.91 32.73
CA ASP F 90 21.20 -19.27 33.96
C ASP F 90 20.51 -18.06 34.60
N ARG F 91 21.04 -16.87 34.36
CA ARG F 91 20.44 -15.65 34.89
C ARG F 91 19.16 -15.28 34.13
N ASN F 92 19.27 -15.30 32.79
CA ASN F 92 18.09 -15.09 31.97
C ASN F 92 17.01 -16.11 32.33
N ALA F 93 17.45 -17.35 32.55
CA ALA F 93 16.54 -18.40 32.96
C ALA F 93 15.86 -18.03 34.29
N GLN F 94 16.61 -17.41 35.20
CA GLN F 94 16.05 -17.01 36.49
C GLN F 94 15.05 -15.86 36.31
N VAL F 95 15.29 -15.01 35.32
CA VAL F 95 14.40 -13.90 35.02
C VAL F 95 13.06 -14.48 34.57
N PHE F 96 13.13 -15.46 33.67
CA PHE F 96 11.94 -16.12 33.14
C PHE F 96 11.16 -16.78 34.25
N ALA F 97 11.86 -17.44 35.17
CA ALA F 97 11.20 -18.11 36.29
C ALA F 97 10.33 -17.10 37.04
N GLN F 98 10.68 -15.82 36.91
CA GLN F 98 9.92 -14.74 37.54
C GLN F 98 8.80 -14.25 36.63
N VAL F 99 9.16 -13.93 35.38
CA VAL F 99 8.20 -13.41 34.41
C VAL F 99 7.11 -14.37 33.94
N VAL F 100 7.48 -15.56 33.49
CA VAL F 100 6.49 -16.50 33.00
C VAL F 100 5.25 -16.63 33.88
N PRO F 101 5.41 -17.10 35.13
CA PRO F 101 4.25 -17.24 36.01
C PRO F 101 3.40 -15.97 36.20
N ARG F 102 4.05 -14.81 36.21
CA ARG F 102 3.33 -13.55 36.38
C ARG F 102 2.46 -13.29 35.15
N VAL F 103 2.99 -13.60 33.97
CA VAL F 103 2.26 -13.41 32.72
C VAL F 103 1.01 -14.27 32.67
N LEU F 104 1.18 -15.57 32.93
CA LEU F 104 0.07 -16.52 32.88
C LEU F 104 -1.01 -16.31 33.94
N GLU F 105 -0.66 -15.61 35.02
CA GLU F 105 -1.63 -15.31 36.07
C GLU F 105 -2.56 -14.24 35.51
N ALA F 106 -2.01 -13.31 34.74
CA ALA F 106 -2.78 -12.24 34.17
C ALA F 106 -3.50 -12.65 32.88
N ALA F 107 -2.77 -13.31 31.98
CA ALA F 107 -3.34 -13.76 30.71
C ALA F 107 -3.11 -15.26 30.56
N PRO F 108 -3.96 -16.07 31.23
CA PRO F 108 -3.89 -17.54 31.24
C PRO F 108 -4.02 -18.18 29.86
N GLU F 109 -4.77 -17.55 28.97
CA GLU F 109 -4.99 -18.11 27.65
C GLU F 109 -4.13 -17.49 26.57
N ALA F 110 -3.06 -16.80 26.96
CA ALA F 110 -2.19 -16.17 25.99
C ALA F 110 -1.13 -17.13 25.45
N VAL F 111 -0.77 -16.95 24.19
CA VAL F 111 0.28 -17.76 23.59
C VAL F 111 1.57 -16.99 23.91
N LEU F 112 2.59 -17.68 24.38
CA LEU F 112 3.85 -17.01 24.72
C LEU F 112 4.84 -17.03 23.57
N LEU F 113 5.35 -15.85 23.24
CA LEU F 113 6.32 -15.67 22.17
C LEU F 113 7.67 -15.30 22.78
N VAL F 114 8.59 -16.25 22.75
CA VAL F 114 9.92 -16.04 23.33
C VAL F 114 10.90 -15.40 22.34
N ALA F 115 11.41 -14.21 22.72
CA ALA F 115 12.34 -13.51 21.85
C ALA F 115 13.77 -13.51 22.43
N THR F 116 13.84 -13.63 23.77
CA THR F 116 15.11 -13.57 24.48
C THR F 116 16.09 -14.67 24.01
N ASN F 117 17.38 -14.28 23.87
CA ASN F 117 18.41 -15.23 23.39
C ASN F 117 19.21 -15.86 24.54
N PRO F 118 19.72 -17.09 24.35
CA PRO F 118 19.56 -17.87 23.12
C PRO F 118 18.17 -18.46 23.06
N VAL F 119 17.35 -17.92 22.14
CA VAL F 119 15.96 -18.32 21.94
C VAL F 119 15.56 -19.79 22.09
N ASP F 120 16.38 -20.71 21.57
CA ASP F 120 16.06 -22.13 21.65
C ASP F 120 16.07 -22.63 23.08
N VAL F 121 17.13 -22.30 23.80
CA VAL F 121 17.22 -22.70 25.19
C VAL F 121 16.13 -21.99 25.99
N MSE F 122 15.95 -20.70 25.75
CA MSE F 122 14.95 -19.95 26.49
C MSE F 122 13.55 -20.45 26.22
O MSE F 122 12.69 -20.41 27.12
CB MSE F 122 15.05 -18.45 26.20
CG MSE F 122 16.35 -17.80 26.72
SE MSE F 122 16.74 -18.13 28.65
CE MSE F 122 15.35 -17.01 29.41
N THR F 123 13.28 -20.93 25.01
CA THR F 123 11.96 -21.43 24.70
C THR F 123 11.70 -22.70 25.53
N GLN F 124 12.73 -23.55 25.65
CA GLN F 124 12.60 -24.77 26.43
C GLN F 124 12.34 -24.39 27.89
N VAL F 125 13.02 -23.35 28.34
CA VAL F 125 12.87 -22.86 29.70
C VAL F 125 11.48 -22.30 29.90
N ALA F 126 11.04 -21.46 28.97
CA ALA F 126 9.71 -20.87 29.08
C ALA F 126 8.67 -21.98 29.09
N TYR F 127 8.91 -23.02 28.31
CA TYR F 127 7.97 -24.12 28.24
C TYR F 127 7.84 -24.88 29.55
N ARG F 128 8.96 -25.37 30.09
CA ARG F 128 8.90 -26.13 31.34
C ARG F 128 8.31 -25.31 32.50
N LEU F 129 8.58 -24.01 32.48
CA LEU F 129 8.09 -23.09 33.51
C LEU F 129 6.58 -22.83 33.42
N SER F 130 6.06 -22.79 32.19
CA SER F 130 4.65 -22.47 31.95
C SER F 130 3.62 -23.55 32.29
N GLY F 131 4.03 -24.81 32.18
CA GLY F 131 3.11 -25.90 32.45
C GLY F 131 1.97 -25.94 31.43
N LEU F 132 2.19 -25.32 30.27
CA LEU F 132 1.18 -25.28 29.21
C LEU F 132 1.50 -26.31 28.14
N PRO F 133 0.53 -26.65 27.28
CA PRO F 133 0.86 -27.63 26.24
C PRO F 133 1.96 -27.04 25.37
N PRO F 134 2.84 -27.88 24.80
CA PRO F 134 3.96 -27.44 23.96
C PRO F 134 3.68 -26.34 22.91
N GLY F 135 2.53 -26.43 22.25
CA GLY F 135 2.20 -25.46 21.21
C GLY F 135 2.02 -24.03 21.65
N ARG F 136 1.68 -23.82 22.92
CA ARG F 136 1.44 -22.49 23.50
C ARG F 136 2.69 -21.65 23.72
N VAL F 137 3.86 -22.27 23.60
CA VAL F 137 5.11 -21.54 23.83
C VAL F 137 5.97 -21.61 22.57
N VAL F 138 6.07 -20.49 21.87
CA VAL F 138 6.82 -20.45 20.63
C VAL F 138 7.95 -19.44 20.66
N GLY F 139 9.13 -19.82 20.16
CA GLY F 139 10.26 -18.92 20.12
C GLY F 139 10.44 -18.39 18.71
N SER F 140 11.00 -17.19 18.55
CA SER F 140 11.19 -16.61 17.22
C SER F 140 12.02 -17.57 16.35
N GLY F 141 12.90 -18.32 17.01
CA GLY F 141 13.72 -19.28 16.29
C GLY F 141 14.45 -18.73 15.09
N THR F 142 14.33 -19.39 13.95
CA THR F 142 15.03 -18.95 12.74
C THR F 142 14.22 -18.23 11.66
N ILE F 143 13.04 -17.69 11.99
CA ILE F 143 12.24 -17.01 10.98
C ILE F 143 12.97 -15.97 10.12
N LEU F 144 13.82 -15.16 10.75
CA LEU F 144 14.58 -14.13 10.03
C LEU F 144 15.58 -14.73 9.04
N ASP F 145 16.22 -15.82 9.42
CA ASP F 145 17.20 -16.47 8.58
C ASP F 145 16.53 -17.19 7.42
N THR F 146 15.38 -17.80 7.69
CA THR F 146 14.64 -18.48 6.63
C THR F 146 14.27 -17.44 5.58
N ALA F 147 13.70 -16.32 6.02
CA ALA F 147 13.29 -15.27 5.09
C ALA F 147 14.47 -14.70 4.31
N ARG F 148 15.62 -14.58 4.96
CA ARG F 148 16.79 -14.04 4.29
C ARG F 148 17.29 -15.04 3.25
N PHE F 149 17.23 -16.32 3.59
CA PHE F 149 17.66 -17.39 2.72
C PHE F 149 16.84 -17.37 1.43
N ARG F 150 15.52 -17.18 1.58
CA ARG F 150 14.62 -17.12 0.44
C ARG F 150 14.90 -15.87 -0.40
N ALA F 151 15.03 -14.74 0.28
CA ALA F 151 15.29 -13.47 -0.39
C ALA F 151 16.60 -13.54 -1.17
N LEU F 152 17.56 -14.25 -0.61
CA LEU F 152 18.85 -14.37 -1.27
C LEU F 152 18.73 -15.29 -2.47
N LEU F 153 18.02 -16.41 -2.30
CA LEU F 153 17.83 -17.35 -3.38
C LEU F 153 17.01 -16.67 -4.48
N ALA F 154 15.97 -15.95 -4.06
CA ALA F 154 15.11 -15.25 -4.98
C ALA F 154 15.92 -14.27 -5.82
N GLU F 155 16.89 -13.64 -5.18
CA GLU F 155 17.75 -12.66 -5.82
C GLU F 155 18.54 -13.28 -6.98
N TYR F 156 19.17 -14.42 -6.70
CA TYR F 156 19.97 -15.11 -7.70
C TYR F 156 19.19 -15.61 -8.89
N LEU F 157 18.00 -16.14 -8.61
CA LEU F 157 17.16 -16.71 -9.66
C LEU F 157 16.31 -15.66 -10.37
N ARG F 158 16.30 -14.45 -9.86
CA ARG F 158 15.48 -13.37 -10.41
C ARG F 158 14.01 -13.81 -10.38
N VAL F 159 13.56 -14.22 -9.21
CA VAL F 159 12.19 -14.67 -9.02
C VAL F 159 11.71 -14.01 -7.71
N ALA F 160 10.40 -13.99 -7.48
CA ALA F 160 9.86 -13.37 -6.28
C ALA F 160 9.92 -14.31 -5.07
N PRO F 161 10.33 -13.77 -3.91
CA PRO F 161 10.45 -14.53 -2.66
C PRO F 161 9.31 -15.49 -2.36
N GLN F 162 8.08 -15.10 -2.67
CA GLN F 162 6.93 -15.95 -2.38
C GLN F 162 6.95 -17.26 -3.15
N SER F 163 7.78 -17.33 -4.19
CA SER F 163 7.87 -18.54 -5.01
C SER F 163 8.91 -19.50 -4.46
N VAL F 164 9.80 -18.97 -3.62
CA VAL F 164 10.85 -19.79 -3.04
C VAL F 164 10.45 -20.32 -1.68
N HIS F 165 10.34 -21.64 -1.57
CA HIS F 165 10.01 -22.27 -0.30
C HIS F 165 11.27 -22.96 0.16
N ALA F 166 12.11 -22.22 0.90
CA ALA F 166 13.37 -22.75 1.42
C ALA F 166 13.37 -22.60 2.93
N TYR F 167 14.11 -23.47 3.61
CA TYR F 167 14.13 -23.43 5.07
C TYR F 167 15.49 -23.37 5.74
N VAL F 168 15.50 -22.78 6.94
CA VAL F 168 16.68 -22.68 7.79
C VAL F 168 16.12 -23.31 9.05
N LEU F 169 16.69 -24.45 9.44
CA LEU F 169 16.20 -25.15 10.63
C LEU F 169 17.22 -25.26 11.75
N GLY F 170 16.76 -25.86 12.84
CA GLY F 170 17.62 -26.09 13.99
C GLY F 170 17.82 -24.97 14.98
N GLU F 171 19.06 -24.82 15.39
CA GLU F 171 19.47 -23.83 16.36
C GLU F 171 19.77 -22.48 15.72
N HIS F 172 19.10 -21.45 16.21
CA HIS F 172 19.31 -20.10 15.70
C HIS F 172 20.76 -19.69 15.99
N GLY F 173 21.49 -19.29 14.97
CA GLY F 173 22.86 -18.89 15.19
C GLY F 173 23.81 -19.53 14.18
N ASP F 174 25.07 -19.63 14.56
CA ASP F 174 26.10 -20.19 13.69
C ASP F 174 25.91 -21.69 13.42
N SER F 175 25.07 -22.34 14.22
CA SER F 175 24.79 -23.77 14.10
C SER F 175 23.61 -24.09 13.14
N GLU F 176 22.98 -23.05 12.62
CA GLU F 176 21.82 -23.15 11.68
C GLU F 176 22.06 -24.13 10.56
N VAL F 177 20.97 -24.72 10.09
CA VAL F 177 21.02 -25.64 8.97
C VAL F 177 20.24 -25.07 7.77
N LEU F 178 20.94 -24.78 6.68
CA LEU F 178 20.25 -24.29 5.48
C LEU F 178 19.86 -25.52 4.69
N VAL F 179 18.55 -25.69 4.47
CA VAL F 179 18.07 -26.86 3.76
C VAL F 179 18.08 -26.67 2.24
N TRP F 180 19.26 -26.83 1.64
CA TRP F 180 19.42 -26.69 0.20
C TRP F 180 18.82 -27.85 -0.55
N SER F 181 19.03 -29.05 -0.01
CA SER F 181 18.59 -30.29 -0.64
C SER F 181 17.14 -30.31 -1.09
N SER F 182 16.23 -29.89 -0.22
CA SER F 182 14.82 -29.91 -0.56
C SER F 182 14.18 -28.54 -0.79
N ALA F 183 15.00 -27.51 -0.95
CA ALA F 183 14.42 -26.19 -1.21
C ALA F 183 13.69 -26.26 -2.57
N GLN F 184 12.62 -25.49 -2.70
CA GLN F 184 11.84 -25.48 -3.93
C GLN F 184 11.37 -24.11 -4.39
N VAL F 185 11.23 -23.96 -5.70
CA VAL F 185 10.78 -22.72 -6.33
C VAL F 185 9.59 -23.06 -7.22
N GLY F 186 8.43 -22.53 -6.86
CA GLY F 186 7.23 -22.83 -7.65
C GLY F 186 6.92 -24.31 -7.59
N GLY F 187 7.33 -24.96 -6.50
CA GLY F 187 7.07 -26.38 -6.33
C GLY F 187 8.12 -27.24 -6.99
N VAL F 188 9.03 -26.61 -7.74
CA VAL F 188 10.08 -27.32 -8.44
C VAL F 188 11.40 -27.35 -7.66
N PRO F 189 12.08 -28.51 -7.66
CA PRO F 189 13.36 -28.62 -6.94
C PRO F 189 14.24 -27.42 -7.29
N LEU F 190 14.86 -26.83 -6.28
CA LEU F 190 15.71 -25.66 -6.47
C LEU F 190 16.82 -25.76 -7.51
N LEU F 191 17.70 -26.76 -7.37
CA LEU F 191 18.81 -26.90 -8.30
C LEU F 191 18.34 -27.13 -9.74
N GLU F 192 17.21 -27.86 -9.86
CA GLU F 192 16.64 -28.08 -11.19
C GLU F 192 16.18 -26.78 -11.83
N PHE F 193 15.27 -26.09 -11.12
CA PHE F 193 14.83 -24.79 -11.62
C PHE F 193 16.03 -23.88 -11.88
N ALA F 194 17.05 -24.03 -11.03
CA ALA F 194 18.26 -23.25 -11.20
C ALA F 194 18.82 -23.36 -12.62
N GLU F 195 18.66 -24.56 -13.21
CA GLU F 195 19.24 -24.76 -14.54
C GLU F 195 18.38 -24.12 -15.63
N ALA F 196 17.05 -24.20 -15.44
CA ALA F 196 16.13 -23.76 -16.48
C ALA F 196 15.99 -22.23 -16.54
N ARG F 197 16.25 -21.58 -15.38
CA ARG F 197 16.12 -20.14 -15.33
C ARG F 197 17.32 -19.44 -15.97
N ALA F 200 22.97 -21.21 -12.90
CA ALA F 200 22.91 -22.26 -11.89
C ALA F 200 23.59 -21.83 -10.59
N LEU F 201 23.84 -22.83 -9.73
CA LEU F 201 24.46 -22.54 -8.43
C LEU F 201 25.80 -23.25 -8.27
N SER F 202 26.86 -22.43 -8.12
CA SER F 202 28.17 -23.02 -7.89
C SER F 202 28.45 -23.21 -6.40
N PRO F 203 29.46 -24.03 -6.11
CA PRO F 203 29.97 -24.14 -4.76
C PRO F 203 30.09 -22.75 -4.13
N GLU F 204 30.67 -21.82 -4.93
CA GLU F 204 30.92 -20.48 -4.43
C GLU F 204 29.63 -19.68 -4.20
N ASP F 205 28.66 -19.80 -5.11
CA ASP F 205 27.40 -19.06 -4.97
C ASP F 205 26.74 -19.42 -3.65
N ARG F 206 26.86 -20.70 -3.27
CA ARG F 206 26.25 -21.16 -2.04
C ARG F 206 26.99 -20.70 -0.79
N ALA F 207 28.31 -20.63 -0.88
CA ALA F 207 29.10 -20.18 0.25
C ALA F 207 28.71 -18.73 0.47
N ARG F 208 28.58 -18.00 -0.63
CA ARG F 208 28.21 -16.60 -0.59
C ARG F 208 26.87 -16.45 0.15
N ILE F 209 25.86 -17.16 -0.33
CA ILE F 209 24.53 -17.11 0.28
C ILE F 209 24.57 -17.63 1.71
N ASP F 210 25.32 -18.69 1.95
CA ASP F 210 25.44 -19.24 3.29
C ASP F 210 25.97 -18.18 4.25
N GLU F 211 26.99 -17.43 3.82
CA GLU F 211 27.53 -16.38 4.67
C GLU F 211 26.54 -15.22 4.81
N GLY F 212 25.82 -14.92 3.73
CA GLY F 212 24.86 -13.84 3.77
C GLY F 212 23.79 -14.08 4.81
N VAL F 213 23.39 -15.34 4.96
CA VAL F 213 22.36 -15.74 5.93
C VAL F 213 22.92 -15.94 7.33
N ARG F 214 23.92 -16.81 7.43
CA ARG F 214 24.56 -17.19 8.69
C ARG F 214 25.33 -16.12 9.48
N ARG F 215 26.07 -15.26 8.78
CA ARG F 215 26.86 -14.22 9.45
C ARG F 215 26.18 -12.84 9.51
N ALA F 216 24.87 -12.81 9.30
CA ALA F 216 24.14 -11.54 9.30
C ALA F 216 24.09 -10.90 10.68
N ALA F 217 23.79 -11.70 11.70
CA ALA F 217 23.71 -11.16 13.06
C ALA F 217 25.06 -10.63 13.51
N TYR F 218 26.13 -11.31 13.12
CA TYR F 218 27.47 -10.90 13.48
C TYR F 218 27.84 -9.54 12.88
N ARG F 219 27.58 -9.37 11.58
CA ARG F 219 27.88 -8.10 10.92
C ARG F 219 27.07 -6.98 11.53
N ILE F 220 25.83 -7.27 11.88
CA ILE F 220 24.95 -6.27 12.46
C ILE F 220 25.45 -5.79 13.82
N ILE F 221 25.79 -6.72 14.70
CA ILE F 221 26.30 -6.37 16.03
C ILE F 221 27.64 -5.62 15.91
N GLU F 222 28.49 -6.12 15.02
CA GLU F 222 29.81 -5.56 14.77
C GLU F 222 29.79 -4.10 14.37
N GLY F 223 28.71 -3.63 13.77
CA GLY F 223 28.68 -2.24 13.35
C GLY F 223 27.61 -1.40 14.03
N LYS F 224 26.69 -2.05 14.72
CA LYS F 224 25.58 -1.39 15.38
C LYS F 224 25.47 -1.78 16.86
N GLY F 225 26.17 -2.85 17.25
CA GLY F 225 26.13 -3.27 18.64
C GLY F 225 24.95 -4.11 19.08
N ALA F 226 23.91 -4.20 18.24
CA ALA F 226 22.73 -4.97 18.58
C ALA F 226 21.81 -5.15 17.38
N THR F 227 20.79 -6.01 17.53
CA THR F 227 19.82 -6.26 16.48
C THR F 227 18.42 -6.14 17.09
N TYR F 228 17.51 -5.51 16.38
CA TYR F 228 16.14 -5.40 16.88
C TYR F 228 15.13 -5.12 15.78
N TYR F 229 15.52 -4.35 14.78
CA TYR F 229 14.60 -4.04 13.69
C TYR F 229 14.06 -5.29 12.99
N GLY F 230 14.96 -6.19 12.58
CA GLY F 230 14.53 -7.40 11.93
C GLY F 230 13.61 -8.24 12.80
N ILE F 231 14.08 -8.56 14.00
CA ILE F 231 13.30 -9.38 14.92
C ILE F 231 11.98 -8.70 15.30
N GLY F 232 11.99 -7.37 15.38
CA GLY F 232 10.76 -6.67 15.72
C GLY F 232 9.66 -6.95 14.72
N ALA F 233 10.00 -6.98 13.42
CA ALA F 233 9.03 -7.23 12.36
C ALA F 233 8.60 -8.69 12.28
N GLY F 234 9.55 -9.60 12.49
CA GLY F 234 9.22 -11.01 12.47
C GLY F 234 8.21 -11.29 13.56
N LEU F 235 8.50 -10.86 14.77
CA LEU F 235 7.61 -11.12 15.90
C LEU F 235 6.22 -10.52 15.65
N ALA F 236 6.16 -9.34 15.03
CA ALA F 236 4.89 -8.73 14.70
C ALA F 236 4.11 -9.67 13.78
N ARG F 237 4.80 -10.31 12.84
CA ARG F 237 4.11 -11.20 11.92
C ARG F 237 3.52 -12.40 12.66
N LEU F 238 4.34 -12.96 13.56
CA LEU F 238 3.89 -14.12 14.34
C LEU F 238 2.70 -13.76 15.23
N VAL F 239 2.71 -12.51 15.72
CA VAL F 239 1.57 -12.04 16.50
C VAL F 239 0.31 -12.01 15.65
N ARG F 240 0.47 -11.45 14.43
CA ARG F 240 -0.64 -11.44 13.48
C ARG F 240 -1.10 -12.86 13.16
N ALA F 241 -0.10 -13.74 12.91
CA ALA F 241 -0.43 -15.13 12.66
C ALA F 241 -1.32 -15.70 13.75
N ILE F 242 -0.96 -15.38 14.99
CA ILE F 242 -1.72 -15.80 16.16
C ILE F 242 -3.07 -15.09 16.29
N LEU F 243 -3.08 -13.77 16.11
CA LEU F 243 -4.32 -13.01 16.24
C LEU F 243 -5.36 -13.26 15.18
N THR F 244 -4.93 -13.63 13.97
CA THR F 244 -5.86 -13.90 12.88
C THR F 244 -6.07 -15.39 12.63
N ASP F 245 -5.52 -16.22 13.52
CA ASP F 245 -5.63 -17.68 13.38
C ASP F 245 -5.21 -18.06 11.95
N GLU F 246 -4.19 -17.37 11.48
CA GLU F 246 -3.67 -17.59 10.14
C GLU F 246 -3.32 -19.02 9.74
N LYS F 247 -2.78 -19.80 10.67
CA LYS F 247 -2.38 -21.18 10.38
C LYS F 247 -1.32 -21.20 9.29
N GLY F 248 -0.41 -20.23 9.38
CA GLY F 248 0.67 -20.13 8.42
C GLY F 248 1.85 -20.95 8.89
N VAL F 249 2.77 -21.23 7.99
CA VAL F 249 3.94 -22.03 8.31
C VAL F 249 5.16 -21.15 8.55
N TYR F 250 5.83 -21.36 9.67
CA TYR F 250 7.01 -20.59 10.03
C TYR F 250 8.05 -21.47 10.71
N THR F 251 9.32 -21.21 10.47
CA THR F 251 10.32 -22.00 11.14
C THR F 251 10.58 -21.37 12.50
N VAL F 252 9.72 -21.71 13.46
CA VAL F 252 9.85 -21.19 14.80
C VAL F 252 10.23 -22.30 15.78
N SER F 253 10.87 -21.92 16.88
CA SER F 253 11.31 -22.87 17.89
C SER F 253 10.16 -23.20 18.83
N ALA F 254 10.07 -24.49 19.22
CA ALA F 254 9.02 -24.94 20.14
C ALA F 254 9.44 -26.28 20.70
N PHE F 255 8.97 -26.59 21.91
CA PHE F 255 9.31 -27.86 22.54
C PHE F 255 8.92 -29.05 21.67
N THR F 256 9.94 -29.80 21.26
CA THR F 256 9.73 -30.95 20.39
C THR F 256 10.00 -32.27 21.11
N PRO F 257 9.01 -33.17 21.14
CA PRO F 257 9.16 -34.47 21.80
C PRO F 257 10.44 -35.20 21.37
N GLU F 258 10.58 -35.39 20.06
CA GLU F 258 11.75 -36.07 19.54
C GLU F 258 12.17 -35.50 18.20
N VAL F 259 13.45 -35.19 18.07
CA VAL F 259 13.96 -34.68 16.82
C VAL F 259 15.27 -35.37 16.47
N GLU F 260 15.25 -36.14 15.39
CA GLU F 260 16.42 -36.86 14.93
C GLU F 260 17.10 -37.70 16.00
N GLY F 261 16.31 -38.16 16.97
CA GLY F 261 16.86 -39.00 18.01
C GLY F 261 16.99 -38.39 19.39
N VAL F 262 17.22 -37.07 19.46
CA VAL F 262 17.34 -36.44 20.76
C VAL F 262 15.93 -36.13 21.26
N LEU F 263 15.69 -36.42 22.54
CA LEU F 263 14.38 -36.20 23.14
C LEU F 263 14.18 -34.86 23.82
N GLU F 264 12.92 -34.46 23.91
CA GLU F 264 12.53 -33.22 24.57
C GLU F 264 13.50 -32.04 24.49
N VAL F 265 13.63 -31.47 23.29
CA VAL F 265 14.48 -30.31 23.06
C VAL F 265 13.78 -29.28 22.17
N SER F 266 14.25 -28.02 22.27
CA SER F 266 13.59 -26.97 21.50
C SER F 266 14.50 -26.42 20.41
N LEU F 267 13.99 -26.50 19.16
CA LEU F 267 14.69 -25.88 18.04
C LEU F 267 13.69 -25.52 16.93
N SER F 268 14.21 -24.91 15.86
CA SER F 268 13.32 -24.47 14.81
C SER F 268 13.03 -25.55 13.76
N LEU F 269 11.75 -25.89 13.68
CA LEU F 269 11.23 -26.68 12.55
C LEU F 269 10.08 -25.88 11.94
N PRO F 270 9.76 -26.17 10.66
CA PRO F 270 8.60 -25.55 10.06
C PRO F 270 7.34 -25.91 10.86
N ARG F 271 6.56 -24.91 11.28
CA ARG F 271 5.38 -25.19 12.09
C ARG F 271 4.18 -24.34 11.69
N ILE F 272 2.99 -24.87 11.93
CA ILE F 272 1.76 -24.17 11.62
C ILE F 272 1.40 -23.34 12.83
N LEU F 273 1.39 -22.01 12.64
CA LEU F 273 1.10 -21.09 13.72
C LEU F 273 -0.31 -20.52 13.68
N GLY F 274 -1.10 -20.85 14.70
CA GLY F 274 -2.46 -20.34 14.77
C GLY F 274 -2.83 -19.68 16.09
N ALA F 275 -4.11 -19.44 16.27
CA ALA F 275 -4.63 -18.80 17.47
C ALA F 275 -4.21 -19.50 18.75
N GLY F 276 -3.90 -20.80 18.65
CA GLY F 276 -3.48 -21.54 19.84
C GLY F 276 -1.99 -21.86 19.88
N GLY F 277 -1.22 -21.16 19.06
CA GLY F 277 0.21 -21.41 19.02
C GLY F 277 0.54 -22.42 17.94
N VAL F 278 1.65 -23.13 18.10
CA VAL F 278 2.07 -24.14 17.14
C VAL F 278 1.03 -25.24 17.12
N GLU F 279 0.60 -25.56 15.91
CA GLU F 279 -0.48 -26.51 15.67
C GLU F 279 -0.10 -27.70 14.78
N GLY F 280 1.17 -27.81 14.44
CA GLY F 280 1.59 -28.93 13.60
C GLY F 280 2.98 -28.70 13.05
N THR F 281 3.69 -29.77 12.74
CA THR F 281 5.03 -29.65 12.22
C THR F 281 5.09 -30.14 10.78
N VAL F 282 5.97 -29.54 9.99
CA VAL F 282 6.13 -29.90 8.59
C VAL F 282 7.57 -30.36 8.40
N TYR F 283 7.80 -31.65 8.51
CA TYR F 283 9.16 -32.19 8.37
C TYR F 283 9.59 -32.31 6.92
N PRO F 284 10.51 -31.43 6.48
CA PRO F 284 10.98 -31.47 5.10
C PRO F 284 12.07 -32.53 4.91
N SER F 285 12.33 -32.88 3.66
CA SER F 285 13.35 -33.86 3.36
C SER F 285 14.73 -33.24 3.62
N LEU F 286 15.55 -33.97 4.35
CA LEU F 286 16.88 -33.52 4.71
C LEU F 286 17.92 -34.46 4.13
N SER F 287 19.11 -33.92 3.86
CA SER F 287 20.20 -34.71 3.31
C SER F 287 21.03 -35.23 4.48
N PRO F 288 21.89 -36.25 4.24
CA PRO F 288 22.72 -36.78 5.32
C PRO F 288 23.47 -35.69 6.10
N GLU F 289 24.08 -34.75 5.37
CA GLU F 289 24.82 -33.67 6.00
C GLU F 289 23.92 -32.75 6.80
N GLU F 290 22.78 -32.38 6.22
CA GLU F 290 21.84 -31.50 6.88
C GLU F 290 21.22 -32.16 8.11
N ARG F 291 20.98 -33.46 8.03
CA ARG F 291 20.40 -34.19 9.15
C ARG F 291 21.44 -34.34 10.26
N GLU F 292 22.69 -34.51 9.86
CA GLU F 292 23.76 -34.64 10.85
C GLU F 292 23.92 -33.32 11.60
N ALA F 293 23.95 -32.22 10.86
CA ALA F 293 24.10 -30.90 11.47
C ALA F 293 22.92 -30.65 12.40
N LEU F 294 21.72 -30.97 11.93
CA LEU F 294 20.54 -30.77 12.76
C LEU F 294 20.66 -31.60 14.04
N ARG F 295 21.08 -32.85 13.92
CA ARG F 295 21.21 -33.73 15.08
C ARG F 295 22.24 -33.23 16.10
N ARG F 296 23.40 -32.81 15.63
CA ARG F 296 24.43 -32.32 16.55
C ARG F 296 23.88 -31.10 17.26
N SER F 297 23.24 -30.24 16.49
CA SER F 297 22.64 -29.02 17.01
C SER F 297 21.69 -29.35 18.15
N ALA F 298 20.87 -30.37 17.94
CA ALA F 298 19.90 -30.80 18.94
C ALA F 298 20.56 -31.38 20.19
N GLU F 299 21.63 -32.16 20.02
CA GLU F 299 22.32 -32.74 21.16
C GLU F 299 22.89 -31.60 21.98
N ILE F 300 23.44 -30.60 21.30
CA ILE F 300 24.02 -29.43 21.95
C ILE F 300 22.96 -28.71 22.78
N LEU F 301 21.80 -28.46 22.20
CA LEU F 301 20.73 -27.77 22.91
C LEU F 301 20.15 -28.59 24.05
N LYS F 302 20.25 -29.91 23.93
CA LYS F 302 19.74 -30.78 24.99
C LYS F 302 20.72 -30.75 26.16
N GLU F 303 22.01 -30.71 25.81
CA GLU F 303 23.07 -30.66 26.82
C GLU F 303 22.85 -29.42 27.69
N ALA F 304 22.76 -28.27 27.05
CA ALA F 304 22.56 -27.00 27.75
C ALA F 304 21.31 -27.04 28.62
N ALA F 305 20.22 -27.58 28.07
CA ALA F 305 18.96 -27.66 28.81
C ALA F 305 19.09 -28.51 30.07
N PHE F 306 19.82 -29.62 29.99
CA PHE F 306 20.01 -30.49 31.15
C PHE F 306 20.86 -29.77 32.18
N ALA F 307 21.90 -29.08 31.71
CA ALA F 307 22.81 -28.35 32.58
C ALA F 307 22.04 -27.32 33.40
N LEU F 308 21.03 -26.73 32.79
CA LEU F 308 20.21 -25.72 33.48
C LEU F 308 19.13 -26.34 34.34
N GLY F 309 18.90 -27.65 34.17
CA GLY F 309 17.86 -28.31 34.94
C GLY F 309 16.52 -28.10 34.25
N PHE F 310 16.53 -28.26 32.93
CA PHE F 310 15.34 -28.07 32.10
C PHE F 310 15.29 -29.13 31.00
N MSE G 1 57.03 7.95 40.56
CA MSE G 1 56.55 6.59 40.18
C MSE G 1 55.56 6.65 39.03
O MSE G 1 55.20 7.73 38.57
CB MSE G 1 55.90 5.93 41.38
CG MSE G 1 56.86 5.74 42.54
SE MSE G 1 55.92 5.60 44.22
CE MSE G 1 55.93 7.49 44.70
N LYS G 2 55.10 5.48 38.58
CA LYS G 2 54.17 5.39 37.46
C LYS G 2 52.74 5.03 37.80
N VAL G 3 51.82 5.76 37.16
CA VAL G 3 50.40 5.52 37.35
C VAL G 3 49.77 5.32 35.97
N GLY G 4 48.88 4.34 35.88
CA GLY G 4 48.21 4.08 34.64
C GLY G 4 46.73 4.43 34.72
N ILE G 5 46.14 4.74 33.58
CA ILE G 5 44.73 5.07 33.49
C ILE G 5 44.16 4.45 32.21
N VAL G 6 43.27 3.48 32.38
CA VAL G 6 42.65 2.84 31.24
C VAL G 6 41.26 3.43 31.06
N GLY G 7 41.06 4.07 29.92
CA GLY G 7 39.80 4.75 29.64
C GLY G 7 40.21 6.21 29.65
N SER G 8 40.54 6.72 28.48
CA SER G 8 40.99 8.10 28.36
C SER G 8 39.88 9.07 28.01
N GLY G 9 38.73 8.89 28.64
CA GLY G 9 37.59 9.76 28.40
C GLY G 9 37.64 10.99 29.30
N MSE G 10 36.49 11.51 29.69
CA MSE G 10 36.46 12.70 30.56
C MSE G 10 37.01 12.42 31.97
O MSE G 10 37.88 13.15 32.46
CB MSE G 10 35.03 13.26 30.64
CG MSE G 10 34.54 13.87 29.31
SE MSE G 10 35.81 15.14 28.51
CE MSE G 10 35.33 16.74 29.50
N VAL G 11 36.50 11.38 32.60
CA VAL G 11 36.96 10.98 33.93
C VAL G 11 38.44 10.63 33.83
N GLY G 12 38.73 9.75 32.86
CA GLY G 12 40.10 9.33 32.64
C GLY G 12 41.08 10.46 32.43
N SER G 13 40.76 11.41 31.54
CA SER G 13 41.69 12.51 31.33
C SER G 13 41.69 13.56 32.44
N ALA G 14 40.58 13.71 33.14
CA ALA G 14 40.53 14.68 34.24
C ALA G 14 41.46 14.20 35.37
N THR G 15 41.47 12.90 35.62
CA THR G 15 42.31 12.32 36.66
C THR G 15 43.77 12.55 36.29
N ALA G 16 44.09 12.37 35.02
CA ALA G 16 45.46 12.57 34.56
C ALA G 16 45.84 14.03 34.70
N TYR G 17 44.89 14.92 34.41
CA TYR G 17 45.14 16.35 34.53
C TYR G 17 45.41 16.71 35.99
N ALA G 18 44.60 16.19 36.89
CA ALA G 18 44.77 16.46 38.32
C ALA G 18 46.11 15.91 38.81
N LEU G 19 46.40 14.66 38.46
CA LEU G 19 47.66 14.04 38.86
C LEU G 19 48.82 14.93 38.40
N ALA G 20 48.70 15.46 37.18
CA ALA G 20 49.72 16.33 36.62
C ALA G 20 49.81 17.67 37.32
N LEU G 21 48.68 18.35 37.49
CA LEU G 21 48.71 19.66 38.14
C LEU G 21 49.14 19.60 39.60
N LEU G 22 48.82 18.51 40.29
CA LEU G 22 49.18 18.34 41.70
C LEU G 22 50.52 17.62 41.87
N GLY G 23 51.09 17.18 40.76
CA GLY G 23 52.37 16.49 40.79
C GLY G 23 52.40 15.24 41.64
N VAL G 24 51.38 14.41 41.54
CA VAL G 24 51.32 13.20 42.34
C VAL G 24 52.32 12.15 41.88
N ALA G 25 52.29 11.81 40.59
CA ALA G 25 53.19 10.80 40.05
C ALA G 25 54.20 11.41 39.09
N ARG G 26 55.25 10.66 38.79
CA ARG G 26 56.27 11.14 37.88
C ARG G 26 55.91 10.75 36.45
N GLU G 27 55.15 9.67 36.33
CA GLU G 27 54.72 9.19 35.03
C GLU G 27 53.25 8.79 35.06
N VAL G 28 52.51 9.21 34.05
CA VAL G 28 51.10 8.86 33.94
C VAL G 28 50.85 8.33 32.54
N VAL G 29 50.31 7.12 32.46
CA VAL G 29 50.04 6.50 31.15
C VAL G 29 48.57 6.33 30.88
N LEU G 30 48.13 6.87 29.74
CA LEU G 30 46.74 6.79 29.30
C LEU G 30 46.59 5.73 28.23
N VAL G 31 45.61 4.85 28.44
CA VAL G 31 45.33 3.75 27.53
C VAL G 31 43.85 3.76 27.15
N ASP G 32 43.58 3.57 25.86
CA ASP G 32 42.20 3.55 25.38
C ASP G 32 42.11 2.86 24.03
N LEU G 33 40.95 2.27 23.73
CA LEU G 33 40.76 1.60 22.45
C LEU G 33 41.01 2.61 21.34
N ASP G 34 40.45 3.80 21.53
CA ASP G 34 40.60 4.93 20.61
C ASP G 34 41.99 5.50 20.86
N ARG G 35 43.00 4.93 20.22
CA ARG G 35 44.38 5.38 20.41
C ARG G 35 44.63 6.87 20.23
N LYS G 36 43.98 7.49 19.24
CA LYS G 36 44.18 8.92 19.00
C LYS G 36 43.60 9.78 20.11
N LEU G 37 42.48 9.33 20.68
CA LEU G 37 41.84 10.05 21.79
C LEU G 37 42.83 10.14 22.97
N ALA G 38 43.50 9.05 23.28
CA ALA G 38 44.45 9.05 24.38
C ALA G 38 45.65 9.93 24.07
N GLN G 39 46.18 9.83 22.86
CA GLN G 39 47.34 10.63 22.46
C GLN G 39 47.01 12.12 22.48
N ALA G 40 45.80 12.47 22.08
CA ALA G 40 45.37 13.85 22.08
C ALA G 40 45.32 14.37 23.52
N HIS G 41 44.68 13.62 24.41
CA HIS G 41 44.59 13.94 25.82
C HIS G 41 45.98 14.09 26.46
N ALA G 42 46.80 13.07 26.26
CA ALA G 42 48.13 13.06 26.85
C ALA G 42 48.93 14.26 26.41
N GLU G 43 48.83 14.60 25.13
CA GLU G 43 49.58 15.73 24.60
C GLU G 43 49.04 17.09 25.09
N ASP G 44 47.72 17.18 25.24
CA ASP G 44 47.11 18.42 25.72
C ASP G 44 47.54 18.66 27.17
N ILE G 45 47.47 17.61 27.99
CA ILE G 45 47.86 17.71 29.39
C ILE G 45 49.34 18.05 29.51
N LEU G 46 50.15 17.35 28.70
CA LEU G 46 51.58 17.57 28.77
C LEU G 46 51.96 19.00 28.34
N HIS G 47 51.02 19.66 27.63
CA HIS G 47 51.25 21.08 27.31
C HIS G 47 51.13 21.94 28.58
N ALA G 48 50.38 21.44 29.55
CA ALA G 48 50.14 22.13 30.81
C ALA G 48 51.25 21.92 31.87
N THR G 49 51.98 20.81 31.76
CA THR G 49 53.02 20.51 32.74
C THR G 49 54.13 21.55 32.96
N PRO G 50 54.48 22.35 31.94
CA PRO G 50 55.53 23.34 32.19
C PRO G 50 55.03 24.45 33.12
N PHE G 51 53.72 24.50 33.31
CA PHE G 51 53.10 25.52 34.15
C PHE G 51 52.67 24.95 35.51
N ALA G 52 53.21 23.79 35.86
CA ALA G 52 52.91 23.12 37.12
C ALA G 52 54.09 22.22 37.52
N HIS G 53 53.90 20.91 37.46
CA HIS G 53 54.97 19.99 37.83
C HIS G 53 55.48 19.17 36.66
N PRO G 54 56.78 18.82 36.68
CA PRO G 54 57.38 18.03 35.59
C PRO G 54 56.91 16.57 35.73
N VAL G 55 55.81 16.26 35.08
CA VAL G 55 55.23 14.93 35.09
C VAL G 55 55.20 14.47 33.63
N TRP G 56 55.66 13.24 33.38
CA TRP G 56 55.66 12.69 32.04
C TRP G 56 54.32 12.03 31.78
N VAL G 57 53.45 12.72 31.07
CA VAL G 57 52.13 12.20 30.74
C VAL G 57 52.16 11.73 29.29
N ARG G 58 51.70 10.50 29.06
CA ARG G 58 51.72 9.95 27.71
C ARG G 58 50.72 8.84 27.46
N ALA G 59 50.42 8.62 26.18
CA ALA G 59 49.50 7.59 25.76
C ALA G 59 50.34 6.36 25.49
N GLY G 60 49.75 5.18 25.68
CA GLY G 60 50.48 3.95 25.45
C GLY G 60 49.57 2.75 25.45
N SER G 61 50.17 1.56 25.41
CA SER G 61 49.40 0.32 25.41
C SER G 61 49.49 -0.34 26.77
N TYR G 62 48.76 -1.44 26.95
CA TYR G 62 48.80 -2.16 28.22
C TYR G 62 50.23 -2.49 28.58
N GLY G 63 51.02 -2.83 27.57
CA GLY G 63 52.42 -3.17 27.79
C GLY G 63 53.18 -2.02 28.42
N ASP G 64 52.71 -0.82 28.20
CA ASP G 64 53.35 0.36 28.77
C ASP G 64 52.96 0.60 30.22
N LEU G 65 52.12 -0.27 30.76
CA LEU G 65 51.69 -0.14 32.15
C LEU G 65 52.62 -0.90 33.09
N GLU G 66 53.70 -1.47 32.54
CA GLU G 66 54.65 -2.24 33.33
C GLU G 66 55.28 -1.36 34.42
N GLY G 67 55.16 -1.84 35.68
CA GLY G 67 55.74 -1.09 36.79
C GLY G 67 54.72 -0.18 37.46
N ALA G 68 53.56 -0.05 36.80
CA ALA G 68 52.51 0.80 37.38
C ALA G 68 52.17 0.36 38.81
N ARG G 69 52.26 1.34 39.74
CA ARG G 69 51.94 1.05 41.13
C ARG G 69 50.43 1.05 41.35
N ALA G 70 49.73 1.78 40.47
CA ALA G 70 48.28 1.79 40.51
C ALA G 70 47.70 2.07 39.12
N VAL G 71 46.52 1.56 38.80
CA VAL G 71 45.94 1.77 37.49
C VAL G 71 44.46 2.11 37.67
N VAL G 72 44.07 3.26 37.15
CA VAL G 72 42.67 3.71 37.24
C VAL G 72 41.84 3.09 36.13
N LEU G 73 40.66 2.59 36.48
CA LEU G 73 39.77 2.00 35.50
C LEU G 73 38.60 2.94 35.29
N ALA G 74 38.69 3.75 34.24
CA ALA G 74 37.64 4.69 33.90
C ALA G 74 37.17 4.41 32.47
N ALA G 75 37.15 3.13 32.10
CA ALA G 75 36.71 2.71 30.77
C ALA G 75 35.27 2.30 30.90
N GLY G 76 34.46 2.63 29.91
CA GLY G 76 33.06 2.29 29.96
C GLY G 76 32.35 2.71 28.69
N VAL G 77 31.09 2.32 28.56
CA VAL G 77 30.31 2.63 27.38
C VAL G 77 29.15 3.56 27.69
N ALA G 78 28.66 4.24 26.66
CA ALA G 78 27.55 5.16 26.80
C ALA G 78 26.28 4.34 26.61
N GLN G 79 25.26 4.64 27.41
CA GLN G 79 24.01 3.90 27.28
C GLN G 79 23.34 4.23 25.96
N ARG G 80 22.67 3.24 25.38
CA ARG G 80 21.95 3.42 24.13
C ARG G 80 20.53 3.80 24.48
N PRO G 81 20.02 4.89 23.90
CA PRO G 81 18.66 5.39 24.15
C PRO G 81 17.61 4.32 23.88
N GLY G 82 17.06 3.74 24.92
CA GLY G 82 16.05 2.73 24.71
C GLY G 82 16.38 1.38 25.32
N GLU G 83 17.66 1.14 25.59
CA GLU G 83 18.06 -0.14 26.19
C GLU G 83 17.82 -0.08 27.70
N THR G 84 17.74 -1.24 28.33
CA THR G 84 17.51 -1.29 29.76
C THR G 84 18.79 -1.05 30.56
N ARG G 85 18.61 -0.78 31.84
CA ARG G 85 19.71 -0.53 32.76
C ARG G 85 20.61 -1.78 32.82
N LEU G 86 19.97 -2.93 33.01
CA LEU G 86 20.70 -4.19 33.10
C LEU G 86 21.60 -4.36 31.89
N GLN G 87 21.06 -4.04 30.72
CA GLN G 87 21.79 -4.16 29.46
C GLN G 87 23.05 -3.29 29.45
N LEU G 88 22.92 -2.05 29.90
CA LEU G 88 24.06 -1.14 29.96
C LEU G 88 25.11 -1.68 30.93
N LEU G 89 24.67 -2.17 32.08
CA LEU G 89 25.58 -2.70 33.07
C LEU G 89 26.33 -3.90 32.50
N ASP G 90 25.63 -4.77 31.80
CA ASP G 90 26.26 -5.96 31.21
C ASP G 90 27.34 -5.55 30.21
N ARG G 91 27.06 -4.51 29.44
CA ARG G 91 28.02 -4.04 28.45
C ARG G 91 29.29 -3.50 29.09
N ASN G 92 29.16 -2.81 30.23
CA ASN G 92 30.33 -2.29 30.93
C ASN G 92 31.10 -3.44 31.55
N ALA G 93 30.37 -4.37 32.12
CA ALA G 93 30.99 -5.54 32.72
C ALA G 93 31.89 -6.21 31.67
N GLN G 94 31.38 -6.32 30.44
CA GLN G 94 32.13 -6.93 29.35
C GLN G 94 33.40 -6.16 29.02
N VAL G 95 33.35 -4.83 29.16
CA VAL G 95 34.55 -4.04 28.90
C VAL G 95 35.58 -4.37 29.98
N PHE G 96 35.10 -4.56 31.20
CA PHE G 96 35.99 -4.88 32.31
C PHE G 96 36.59 -6.27 32.16
N ALA G 97 35.77 -7.17 31.58
CA ALA G 97 36.26 -8.52 31.29
C ALA G 97 37.41 -8.47 30.26
N GLN G 98 37.41 -7.39 29.47
CA GLN G 98 38.49 -7.21 28.50
C GLN G 98 39.70 -6.51 29.14
N VAL G 99 39.42 -5.52 29.97
CA VAL G 99 40.47 -4.69 30.57
C VAL G 99 41.20 -5.22 31.81
N VAL G 100 40.45 -5.75 32.77
CA VAL G 100 41.11 -6.25 33.98
C VAL G 100 42.25 -7.22 33.70
N PRO G 101 42.01 -8.30 32.94
CA PRO G 101 43.09 -9.26 32.67
C PRO G 101 44.29 -8.66 31.92
N ARG G 102 44.04 -7.81 30.93
CA ARG G 102 45.14 -7.21 30.18
C ARG G 102 45.99 -6.31 31.06
N VAL G 103 45.35 -5.59 31.97
CA VAL G 103 46.05 -4.68 32.87
C VAL G 103 46.92 -5.47 33.84
N LEU G 104 46.34 -6.50 34.44
CA LEU G 104 47.06 -7.32 35.40
C LEU G 104 48.18 -8.10 34.74
N GLU G 105 48.03 -8.37 33.44
CA GLU G 105 49.09 -9.07 32.74
C GLU G 105 50.33 -8.17 32.75
N ALA G 106 50.17 -6.92 32.37
CA ALA G 106 51.28 -5.96 32.32
C ALA G 106 51.79 -5.47 33.68
N ALA G 107 50.87 -5.27 34.63
CA ALA G 107 51.26 -4.80 35.96
C ALA G 107 50.55 -5.60 37.03
N PRO G 108 51.05 -6.82 37.30
CA PRO G 108 50.49 -7.75 38.30
C PRO G 108 50.40 -7.20 39.72
N GLU G 109 51.36 -6.37 40.11
CA GLU G 109 51.36 -5.83 41.46
C GLU G 109 50.65 -4.48 41.61
N ALA G 110 49.82 -4.11 40.64
CA ALA G 110 49.13 -2.83 40.70
C ALA G 110 47.83 -2.82 41.48
N VAL G 111 47.57 -1.73 42.20
CA VAL G 111 46.31 -1.59 42.91
C VAL G 111 45.36 -1.06 41.83
N LEU G 112 44.15 -1.61 41.77
CA LEU G 112 43.18 -1.18 40.77
C LEU G 112 42.20 -0.17 41.34
N LEU G 113 42.12 1.00 40.72
CA LEU G 113 41.20 2.05 41.14
C LEU G 113 40.02 2.12 40.19
N VAL G 114 38.87 1.62 40.63
CA VAL G 114 37.69 1.63 39.79
C VAL G 114 36.93 2.96 39.84
N ALA G 115 36.83 3.63 38.70
CA ALA G 115 36.12 4.91 38.64
C ALA G 115 34.80 4.77 37.87
N THR G 116 34.78 3.89 36.87
CA THR G 116 33.60 3.65 36.04
C THR G 116 32.28 3.47 36.80
N ASN G 117 31.31 4.32 36.48
CA ASN G 117 29.99 4.28 37.12
C ASN G 117 29.05 3.21 36.55
N PRO G 118 28.24 2.57 37.43
CA PRO G 118 28.16 2.78 38.88
C PRO G 118 29.35 2.08 39.57
N VAL G 119 30.16 2.85 40.30
CA VAL G 119 31.36 2.33 40.94
C VAL G 119 31.27 1.08 41.78
N ASP G 120 30.31 1.02 42.69
CA ASP G 120 30.17 -0.13 43.55
C ASP G 120 29.96 -1.40 42.75
N VAL G 121 29.15 -1.32 41.70
CA VAL G 121 28.88 -2.47 40.86
C VAL G 121 30.16 -2.86 40.09
N MSE G 122 30.80 -1.87 39.49
CA MSE G 122 32.01 -2.12 38.72
C MSE G 122 33.18 -2.55 39.60
O MSE G 122 34.14 -3.16 39.14
CB MSE G 122 32.36 -0.88 37.89
CG MSE G 122 31.31 -0.53 36.82
SE MSE G 122 30.75 -2.08 35.71
CE MSE G 122 32.36 -2.32 34.70
N THR G 123 33.11 -2.22 40.89
CA THR G 123 34.15 -2.64 41.81
C THR G 123 33.92 -4.14 42.08
N GLN G 124 32.67 -4.52 42.22
CA GLN G 124 32.35 -5.91 42.44
C GLN G 124 32.85 -6.72 41.24
N VAL G 125 32.54 -6.24 40.04
CA VAL G 125 32.93 -6.91 38.80
C VAL G 125 34.44 -7.01 38.67
N ALA G 126 35.12 -5.87 38.85
CA ALA G 126 36.57 -5.85 38.75
C ALA G 126 37.20 -6.80 39.76
N TYR G 127 36.59 -6.92 40.94
CA TYR G 127 37.13 -7.82 41.96
C TYR G 127 37.06 -9.29 41.56
N ARG G 128 35.87 -9.76 41.22
CA ARG G 128 35.67 -11.15 40.84
C ARG G 128 36.51 -11.54 39.63
N LEU G 129 36.69 -10.59 38.72
CA LEU G 129 37.44 -10.80 37.48
C LEU G 129 38.97 -10.82 37.71
N SER G 130 39.39 -10.13 38.81
CA SER G 130 40.83 -9.89 39.03
C SER G 130 41.61 -11.10 39.59
N GLY G 131 40.94 -11.87 40.46
CA GLY G 131 41.67 -12.97 41.11
C GLY G 131 42.72 -12.43 42.10
N LEU G 132 42.54 -11.15 42.49
CA LEU G 132 43.35 -10.57 43.54
C LEU G 132 42.57 -10.58 44.85
N PRO G 133 43.30 -10.45 45.96
CA PRO G 133 42.67 -10.29 47.27
C PRO G 133 41.79 -9.00 47.34
N PRO G 134 40.67 -9.04 48.08
CA PRO G 134 39.74 -7.93 48.22
C PRO G 134 40.30 -6.51 48.24
N GLY G 135 41.29 -6.29 49.09
CA GLY G 135 41.88 -4.97 49.25
C GLY G 135 42.64 -4.35 48.09
N ARG G 136 42.88 -5.11 47.04
CA ARG G 136 43.67 -4.56 45.92
C ARG G 136 42.80 -3.95 44.79
N VAL G 137 41.49 -3.98 44.96
CA VAL G 137 40.59 -3.41 43.97
C VAL G 137 39.73 -2.41 44.74
N VAL G 138 40.06 -1.14 44.56
CA VAL G 138 39.37 -0.06 45.25
C VAL G 138 38.55 0.83 44.32
N GLY G 139 37.27 1.00 44.66
CA GLY G 139 36.39 1.84 43.86
C GLY G 139 36.37 3.21 44.50
N SER G 140 36.25 4.27 43.70
CA SER G 140 36.24 5.64 44.23
C SER G 140 35.16 5.79 45.29
N GLY G 141 34.06 5.08 45.11
CA GLY G 141 32.97 5.14 46.06
C GLY G 141 32.42 6.52 46.42
N THR G 142 32.23 6.77 47.72
CA THR G 142 31.66 8.03 48.17
C THR G 142 32.64 9.10 48.63
N ILE G 143 33.91 8.98 48.26
CA ILE G 143 34.87 9.98 48.71
C ILE G 143 34.47 11.43 48.47
N LEU G 144 33.89 11.72 47.32
CA LEU G 144 33.47 13.09 47.01
C LEU G 144 32.32 13.49 47.91
N ASP G 145 31.42 12.57 48.15
CA ASP G 145 30.26 12.85 48.99
C ASP G 145 30.68 13.01 50.45
N THR G 146 31.63 12.20 50.92
CA THR G 146 32.10 12.33 52.30
C THR G 146 32.77 13.68 52.48
N ALA G 147 33.59 14.06 51.50
CA ALA G 147 34.30 15.33 51.54
C ALA G 147 33.31 16.50 51.46
N ARG G 148 32.24 16.31 50.71
CA ARG G 148 31.22 17.36 50.57
C ARG G 148 30.43 17.49 51.86
N PHE G 149 30.16 16.35 52.50
CA PHE G 149 29.46 16.31 53.76
C PHE G 149 30.27 17.08 54.81
N ARG G 150 31.59 16.86 54.82
CA ARG G 150 32.47 17.54 55.76
C ARG G 150 32.60 19.03 55.47
N ALA G 151 32.59 19.42 54.19
CA ALA G 151 32.71 20.83 53.85
C ALA G 151 31.48 21.59 54.30
N LEU G 152 30.31 21.00 54.09
CA LEU G 152 29.04 21.63 54.48
C LEU G 152 28.91 21.79 56.00
N LEU G 153 29.30 20.76 56.75
CA LEU G 153 29.23 20.82 58.22
C LEU G 153 30.26 21.84 58.71
N ALA G 154 31.41 21.89 58.05
CA ALA G 154 32.45 22.84 58.41
C ALA G 154 32.02 24.29 58.19
N GLU G 155 31.21 24.53 57.16
CA GLU G 155 30.74 25.86 56.84
C GLU G 155 29.68 26.29 57.85
N TYR G 156 28.82 25.34 58.19
CA TYR G 156 27.74 25.56 59.12
C TYR G 156 28.26 25.76 60.54
N LEU G 157 29.30 25.02 60.90
CA LEU G 157 29.90 25.10 62.23
C LEU G 157 31.01 26.14 62.29
N ARG G 158 31.37 26.68 61.13
CA ARG G 158 32.44 27.66 61.07
C ARG G 158 33.70 27.09 61.69
N VAL G 159 34.20 26.02 61.08
CA VAL G 159 35.42 25.36 61.53
C VAL G 159 36.12 24.75 60.34
N ALA G 160 37.44 24.64 60.39
CA ALA G 160 38.21 24.05 59.30
C ALA G 160 37.71 22.62 59.05
N PRO G 161 37.62 22.22 57.76
CA PRO G 161 37.15 20.88 57.37
C PRO G 161 38.00 19.73 57.90
N GLN G 162 39.29 19.98 58.11
CA GLN G 162 40.19 18.96 58.60
C GLN G 162 39.74 18.41 59.95
N SER G 163 38.99 19.22 60.71
CA SER G 163 38.52 18.81 62.03
C SER G 163 37.24 17.99 62.03
N VAL G 164 36.56 17.96 60.88
CA VAL G 164 35.31 17.21 60.79
C VAL G 164 35.51 15.77 60.31
N HIS G 165 35.17 14.81 61.17
CA HIS G 165 35.25 13.42 60.79
C HIS G 165 33.84 12.88 60.74
N ALA G 166 33.24 13.02 59.55
CA ALA G 166 31.88 12.57 59.27
C ALA G 166 32.00 11.70 58.02
N TYR G 167 31.07 10.78 57.84
CA TYR G 167 31.13 9.87 56.70
C TYR G 167 29.83 9.68 55.92
N VAL G 168 29.97 9.35 54.64
CA VAL G 168 28.84 9.02 53.80
C VAL G 168 29.20 7.58 53.43
N LEU G 169 28.30 6.64 53.67
CA LEU G 169 28.58 5.23 53.40
C LEU G 169 27.58 4.56 52.45
N GLY G 170 27.92 3.33 52.06
CA GLY G 170 27.06 2.55 51.19
C GLY G 170 27.23 2.74 49.69
N GLU G 171 26.12 2.76 48.98
CA GLU G 171 26.13 2.93 47.53
C GLU G 171 26.41 4.37 47.12
N HIS G 172 27.32 4.55 46.15
CA HIS G 172 27.62 5.88 45.65
C HIS G 172 26.42 6.20 44.77
N GLY G 173 25.34 6.64 45.41
CA GLY G 173 24.13 6.96 44.67
C GLY G 173 23.02 7.52 45.53
N ASP G 174 21.80 7.16 45.17
CA ASP G 174 20.62 7.65 45.86
C ASP G 174 20.42 7.05 47.24
N SER G 175 20.93 5.85 47.45
CA SER G 175 20.76 5.20 48.74
C SER G 175 21.90 5.42 49.73
N GLU G 176 22.85 6.29 49.40
CA GLU G 176 23.97 6.46 50.32
C GLU G 176 23.51 6.99 51.67
N VAL G 177 24.31 6.66 52.69
CA VAL G 177 23.92 6.97 54.04
C VAL G 177 24.82 8.03 54.68
N LEU G 178 24.19 9.18 54.99
CA LEU G 178 24.86 10.19 55.79
C LEU G 178 24.87 9.80 57.26
N VAL G 179 26.07 9.44 57.76
CA VAL G 179 26.17 9.03 59.16
C VAL G 179 26.22 10.26 60.09
N TRP G 180 25.02 10.73 60.50
CA TRP G 180 24.93 11.87 61.42
C TRP G 180 25.31 11.48 62.85
N SER G 181 24.68 10.42 63.33
CA SER G 181 24.80 9.96 64.70
C SER G 181 26.19 9.97 65.33
N SER G 182 27.18 9.41 64.65
CA SER G 182 28.53 9.36 65.21
C SER G 182 29.54 10.34 64.64
N ALA G 183 29.07 11.34 63.90
CA ALA G 183 30.00 12.32 63.36
C ALA G 183 30.73 12.98 64.55
N GLN G 184 32.01 13.24 64.35
CA GLN G 184 32.87 13.83 65.37
C GLN G 184 33.48 15.13 64.81
N VAL G 185 33.61 16.15 65.66
CA VAL G 185 34.23 17.41 65.27
C VAL G 185 35.24 17.87 66.32
N GLY G 186 36.53 17.85 65.94
CA GLY G 186 37.56 18.17 66.92
C GLY G 186 37.59 17.12 68.03
N GLY G 187 37.22 15.88 67.66
CA GLY G 187 37.27 14.79 68.62
C GLY G 187 36.01 14.74 69.49
N VAL G 188 35.13 15.71 69.32
CA VAL G 188 33.91 15.79 70.12
C VAL G 188 32.66 15.53 69.28
N PRO G 189 31.65 14.87 69.87
CA PRO G 189 30.43 14.59 69.11
C PRO G 189 29.91 15.85 68.40
N LEU G 190 29.36 15.66 67.21
CA LEU G 190 28.86 16.76 66.38
C LEU G 190 27.90 17.70 67.10
N LEU G 191 26.83 17.14 67.67
CA LEU G 191 25.84 17.96 68.37
C LEU G 191 26.47 18.78 69.48
N GLU G 192 27.38 18.18 70.23
CA GLU G 192 28.07 18.86 71.31
C GLU G 192 28.97 19.98 70.80
N PHE G 193 29.52 19.81 69.60
CA PHE G 193 30.39 20.83 69.05
C PHE G 193 29.51 21.96 68.52
N ALA G 194 28.43 21.57 67.86
CA ALA G 194 27.49 22.54 67.31
C ALA G 194 26.94 23.41 68.43
N GLU G 195 26.61 22.80 69.56
CA GLU G 195 26.08 23.55 70.68
C GLU G 195 27.13 24.51 71.22
N ALA G 196 28.37 24.05 71.30
CA ALA G 196 29.46 24.89 71.77
C ALA G 196 29.54 26.11 70.86
N ARG G 197 29.50 25.88 69.54
CA ARG G 197 29.60 26.96 68.57
C ARG G 197 28.36 27.87 68.51
N GLY G 198 27.31 27.50 69.27
CA GLY G 198 26.16 28.41 69.39
C GLY G 198 25.10 28.14 68.33
N ARG G 199 25.21 26.97 67.69
CA ARG G 199 24.14 26.55 66.79
C ARG G 199 23.57 25.20 67.21
N ALA G 200 22.32 24.95 66.79
CA ALA G 200 21.79 23.61 66.90
C ALA G 200 21.78 22.94 65.53
N LEU G 201 21.13 21.78 65.44
CA LEU G 201 21.01 21.17 64.13
C LEU G 201 19.55 20.86 63.77
N SER G 202 18.86 21.94 63.37
CA SER G 202 17.46 21.82 62.98
C SER G 202 17.28 20.82 61.85
N PRO G 203 16.14 20.12 61.89
CA PRO G 203 15.80 19.17 60.85
C PRO G 203 15.96 19.79 59.46
N GLU G 204 15.59 21.06 59.28
CA GLU G 204 15.76 21.68 57.97
C GLU G 204 17.24 21.89 57.65
N ASP G 205 18.04 22.24 58.65
CA ASP G 205 19.47 22.43 58.42
C ASP G 205 20.05 21.09 57.94
N ARG G 206 19.54 20.00 58.50
CA ARG G 206 19.99 18.67 58.14
C ARG G 206 19.51 18.28 56.72
N ALA G 207 18.25 18.61 56.42
CA ALA G 207 17.71 18.30 55.10
C ALA G 207 18.47 19.06 54.03
N ARG G 208 18.78 20.32 54.30
CA ARG G 208 19.51 21.13 53.35
C ARG G 208 20.87 20.53 53.04
N ILE G 209 21.56 20.06 54.08
CA ILE G 209 22.86 19.46 53.91
C ILE G 209 22.78 18.12 53.19
N ASP G 210 21.76 17.33 53.52
CA ASP G 210 21.57 16.04 52.85
C ASP G 210 21.39 16.27 51.35
N GLU G 211 20.59 17.27 51.00
CA GLU G 211 20.35 17.57 49.61
C GLU G 211 21.66 18.04 48.97
N GLY G 212 22.41 18.87 49.70
CA GLY G 212 23.67 19.37 49.18
C GLY G 212 24.65 18.25 48.86
N VAL G 213 24.58 17.16 49.60
CA VAL G 213 25.46 16.03 49.39
C VAL G 213 24.94 15.06 48.34
N ARG G 214 23.76 14.51 48.63
CA ARG G 214 23.07 13.53 47.81
C ARG G 214 22.71 13.95 46.37
N ARG G 215 22.23 15.17 46.17
CA ARG G 215 21.83 15.58 44.83
C ARG G 215 22.85 16.35 44.01
N ALA G 216 24.09 16.43 44.51
CA ALA G 216 25.12 17.16 43.78
C ALA G 216 25.41 16.54 42.40
N ALA G 217 25.58 15.23 42.36
CA ALA G 217 25.88 14.55 41.10
C ALA G 217 24.75 14.81 40.11
N TYR G 218 23.52 14.74 40.59
CA TYR G 218 22.35 14.97 39.76
C TYR G 218 22.38 16.38 39.18
N ARG G 219 22.63 17.39 40.01
CA ARG G 219 22.69 18.76 39.52
C ARG G 219 23.79 18.92 38.49
N ILE G 220 24.96 18.38 38.78
CA ILE G 220 26.05 18.49 37.83
C ILE G 220 25.66 17.86 36.50
N ILE G 221 25.02 16.69 36.55
CA ILE G 221 24.62 16.00 35.33
C ILE G 221 23.58 16.80 34.56
N GLU G 222 22.61 17.36 35.27
CA GLU G 222 21.54 18.12 34.64
C GLU G 222 22.03 19.40 33.97
N GLY G 223 23.16 19.91 34.42
CA GLY G 223 23.67 21.15 33.84
C GLY G 223 24.79 21.05 32.81
N LYS G 224 25.64 20.03 32.91
CA LYS G 224 26.74 19.90 31.96
C LYS G 224 26.80 18.51 31.33
N GLY G 225 25.87 17.64 31.71
CA GLY G 225 25.84 16.33 31.12
C GLY G 225 26.58 15.22 31.85
N ALA G 226 27.74 15.54 32.42
CA ALA G 226 28.53 14.55 33.16
C ALA G 226 29.41 15.20 34.22
N THR G 227 29.93 14.38 35.15
CA THR G 227 30.83 14.87 36.19
C THR G 227 32.22 14.28 35.91
N TYR G 228 33.28 15.04 36.16
CA TYR G 228 34.62 14.52 35.96
C TYR G 228 35.70 15.34 36.66
N TYR G 229 35.43 16.62 36.93
CA TYR G 229 36.43 17.44 37.59
C TYR G 229 36.59 17.03 39.06
N GLY G 230 35.48 16.70 39.69
CA GLY G 230 35.50 16.31 41.07
C GLY G 230 36.20 14.98 41.28
N ILE G 231 35.76 13.94 40.58
CA ILE G 231 36.36 12.64 40.73
C ILE G 231 37.80 12.63 40.23
N GLY G 232 38.10 13.52 39.30
CA GLY G 232 39.44 13.58 38.77
C GLY G 232 40.42 13.84 39.90
N ALA G 233 40.05 14.77 40.79
CA ALA G 233 40.89 15.14 41.92
C ALA G 233 40.82 14.12 43.06
N GLY G 234 39.64 13.53 43.26
CA GLY G 234 39.51 12.54 44.31
C GLY G 234 40.45 11.37 44.01
N LEU G 235 40.29 10.83 42.81
CA LEU G 235 41.11 9.72 42.35
C LEU G 235 42.58 10.05 42.56
N ALA G 236 42.96 11.27 42.21
CA ALA G 236 44.35 11.70 42.34
C ALA G 236 44.83 11.62 43.78
N ARG G 237 43.92 11.86 44.71
CA ARG G 237 44.26 11.82 46.13
C ARG G 237 44.46 10.36 46.53
N LEU G 238 43.55 9.51 46.09
CA LEU G 238 43.60 8.08 46.37
C LEU G 238 44.90 7.50 45.80
N VAL G 239 45.27 7.98 44.62
CA VAL G 239 46.49 7.53 43.97
C VAL G 239 47.68 7.97 44.83
N ARG G 240 47.63 9.21 45.32
CA ARG G 240 48.73 9.71 46.14
C ARG G 240 48.83 8.92 47.42
N ALA G 241 47.68 8.46 47.91
CA ALA G 241 47.61 7.69 49.13
C ALA G 241 48.32 6.35 48.95
N ILE G 242 48.21 5.78 47.75
CA ILE G 242 48.84 4.50 47.44
C ILE G 242 50.34 4.64 47.17
N LEU G 243 50.70 5.69 46.45
CA LEU G 243 52.08 5.98 46.06
C LEU G 243 52.98 6.28 47.26
N THR G 244 52.40 6.98 48.25
CA THR G 244 53.17 7.30 49.45
C THR G 244 52.90 6.33 50.58
N ASP G 245 52.04 5.32 50.29
CA ASP G 245 51.67 4.40 51.35
C ASP G 245 51.23 5.15 52.61
N GLU G 246 50.23 6.01 52.40
CA GLU G 246 49.82 6.95 53.45
C GLU G 246 49.14 6.26 54.63
N LYS G 247 48.44 5.15 54.34
CA LYS G 247 47.65 4.50 55.38
C LYS G 247 46.52 5.42 55.87
N GLY G 248 46.09 6.32 54.96
CA GLY G 248 45.03 7.25 55.32
C GLY G 248 43.66 6.57 55.24
N VAL G 249 42.67 7.20 55.91
CA VAL G 249 41.32 6.65 55.90
C VAL G 249 40.43 7.35 54.88
N TYR G 250 39.76 6.58 54.03
CA TYR G 250 38.85 7.13 53.01
C TYR G 250 37.66 6.22 52.81
N THR G 251 36.49 6.81 52.56
CA THR G 251 35.30 6.01 52.33
C THR G 251 35.30 5.59 50.86
N VAL G 252 36.04 4.53 50.58
CA VAL G 252 36.15 3.99 49.23
C VAL G 252 35.39 2.68 49.18
N SER G 253 35.05 2.24 47.98
CA SER G 253 34.31 0.99 47.78
C SER G 253 35.28 -0.19 47.62
N ALA G 254 34.92 -1.33 48.20
CA ALA G 254 35.73 -2.52 48.13
C ALA G 254 34.88 -3.74 48.42
N PHE G 255 35.27 -4.89 47.87
CA PHE G 255 34.53 -6.14 48.11
C PHE G 255 34.44 -6.37 49.62
N THR G 256 33.23 -6.51 50.12
CA THR G 256 33.05 -6.69 51.54
C THR G 256 32.31 -7.95 51.95
N PRO G 257 33.00 -8.86 52.66
CA PRO G 257 32.48 -10.14 53.15
C PRO G 257 31.05 -10.11 53.65
N GLU G 258 30.78 -9.26 54.62
CA GLU G 258 29.45 -9.14 55.19
C GLU G 258 29.17 -7.69 55.58
N VAL G 259 28.00 -7.19 55.21
CA VAL G 259 27.65 -5.82 55.56
C VAL G 259 26.24 -5.83 56.10
N GLU G 260 26.11 -5.65 57.40
CA GLU G 260 24.79 -5.62 58.04
C GLU G 260 23.88 -6.76 57.56
N GLY G 261 24.42 -7.96 57.42
CA GLY G 261 23.62 -9.09 57.01
C GLY G 261 23.77 -9.51 55.55
N VAL G 262 24.02 -8.54 54.67
CA VAL G 262 24.18 -8.84 53.25
C VAL G 262 25.61 -9.33 53.02
N LEU G 263 25.74 -10.46 52.32
CA LEU G 263 27.04 -11.04 52.07
C LEU G 263 27.65 -10.70 50.71
N GLU G 264 28.98 -10.75 50.68
CA GLU G 264 29.76 -10.48 49.49
C GLU G 264 29.22 -9.36 48.61
N VAL G 265 29.45 -8.13 49.04
CA VAL G 265 29.02 -6.94 48.30
C VAL G 265 30.06 -5.84 48.40
N SER G 266 30.12 -5.02 47.36
CA SER G 266 31.05 -3.92 47.31
C SER G 266 30.30 -2.61 47.54
N LEU G 267 30.76 -1.84 48.53
CA LEU G 267 30.17 -0.54 48.81
C LEU G 267 31.18 0.23 49.65
N SER G 268 30.88 1.50 49.94
CA SER G 268 31.81 2.34 50.69
C SER G 268 31.76 2.24 52.21
N LEU G 269 32.94 2.18 52.81
CA LEU G 269 33.11 2.13 54.26
C LEU G 269 34.42 2.84 54.52
N PRO G 270 34.65 3.35 55.74
CA PRO G 270 35.93 4.02 55.97
C PRO G 270 37.02 2.93 55.95
N ARG G 271 38.00 3.09 55.08
CA ARG G 271 39.07 2.09 54.97
C ARG G 271 40.46 2.70 54.99
N ILE G 272 41.43 1.94 55.47
CA ILE G 272 42.82 2.41 55.52
C ILE G 272 43.49 2.06 54.19
N LEU G 273 43.99 3.08 53.52
CA LEU G 273 44.59 2.90 52.21
C LEU G 273 46.08 3.19 52.11
N GLY G 274 46.83 2.15 51.70
CA GLY G 274 48.26 2.28 51.55
C GLY G 274 48.74 1.72 50.22
N ALA G 275 50.02 1.35 50.18
CA ALA G 275 50.63 0.82 48.97
C ALA G 275 50.02 -0.48 48.43
N GLY G 276 49.43 -1.31 49.29
CA GLY G 276 48.85 -2.55 48.81
C GLY G 276 47.34 -2.51 48.66
N GLY G 277 46.80 -1.30 48.66
CA GLY G 277 45.36 -1.13 48.54
C GLY G 277 44.78 -0.92 49.92
N VAL G 278 43.53 -1.33 50.10
CA VAL G 278 42.87 -1.23 51.39
C VAL G 278 43.42 -2.32 52.29
N GLU G 279 43.78 -1.95 53.51
CA GLU G 279 44.34 -2.88 54.49
C GLU G 279 43.69 -2.76 55.86
N GLY G 280 42.45 -2.30 55.90
CA GLY G 280 41.78 -2.16 57.18
C GLY G 280 40.45 -1.44 57.06
N THR G 281 39.52 -1.74 57.96
CA THR G 281 38.21 -1.12 57.93
C THR G 281 37.88 -0.48 59.28
N VAL G 282 37.39 0.76 59.26
CA VAL G 282 37.02 1.47 60.48
C VAL G 282 35.51 1.36 60.61
N TYR G 283 35.04 0.79 61.71
CA TYR G 283 33.60 0.63 61.90
C TYR G 283 32.95 1.62 62.83
N PRO G 284 32.57 2.80 62.33
CA PRO G 284 31.93 3.80 63.19
C PRO G 284 30.56 3.29 63.58
N SER G 285 30.01 3.77 64.69
CA SER G 285 28.69 3.33 65.10
C SER G 285 27.58 4.05 64.31
N LEU G 286 26.51 3.33 64.06
CA LEU G 286 25.37 3.88 63.32
C LEU G 286 24.11 3.78 64.17
N SER G 287 23.18 4.72 63.97
CA SER G 287 21.93 4.66 64.71
C SER G 287 21.14 3.54 64.04
N PRO G 288 20.06 3.06 64.70
CA PRO G 288 19.27 1.99 64.08
C PRO G 288 18.84 2.37 62.66
N GLU G 289 18.46 3.63 62.47
CA GLU G 289 18.02 4.13 61.16
C GLU G 289 19.16 4.14 60.14
N GLU G 290 20.36 4.52 60.56
CA GLU G 290 21.49 4.54 59.65
C GLU G 290 21.88 3.12 59.26
N ARG G 291 21.63 2.16 60.16
CA ARG G 291 21.96 0.76 59.88
C ARG G 291 21.00 0.18 58.87
N GLU G 292 19.73 0.54 58.98
CA GLU G 292 18.73 0.05 58.04
C GLU G 292 19.05 0.52 56.63
N ALA G 293 19.27 1.83 56.50
CA ALA G 293 19.58 2.41 55.21
C ALA G 293 20.81 1.72 54.61
N LEU G 294 21.84 1.52 55.43
CA LEU G 294 23.03 0.85 54.93
C LEU G 294 22.70 -0.57 54.50
N ARG G 295 21.80 -1.22 55.25
CA ARG G 295 21.37 -2.58 54.99
C ARG G 295 20.65 -2.61 53.64
N ARG G 296 19.72 -1.67 53.46
CA ARG G 296 18.97 -1.57 52.22
C ARG G 296 19.88 -1.19 51.06
N SER G 297 20.83 -0.30 51.34
CA SER G 297 21.77 0.14 50.32
C SER G 297 22.62 -1.05 49.85
N ALA G 298 22.99 -1.92 50.79
CA ALA G 298 23.81 -3.09 50.46
C ALA G 298 23.01 -4.14 49.72
N GLU G 299 21.70 -4.18 49.95
CA GLU G 299 20.87 -5.16 49.27
C GLU G 299 20.63 -4.77 47.82
N ILE G 300 20.32 -3.50 47.61
CA ILE G 300 20.11 -3.00 46.25
C ILE G 300 21.33 -3.40 45.42
N LEU G 301 22.51 -3.22 46.01
CA LEU G 301 23.76 -3.56 45.34
C LEU G 301 23.96 -5.07 45.25
N LYS G 302 23.37 -5.82 46.17
CA LYS G 302 23.52 -7.26 46.13
C LYS G 302 22.70 -7.81 44.97
N GLU G 303 21.49 -7.29 44.81
CA GLU G 303 20.62 -7.72 43.73
C GLU G 303 21.25 -7.40 42.39
N ALA G 304 21.73 -6.16 42.25
CA ALA G 304 22.38 -5.71 41.03
C ALA G 304 23.48 -6.69 40.64
N ALA G 305 24.27 -7.10 41.62
CA ALA G 305 25.35 -8.04 41.41
C ALA G 305 24.82 -9.39 40.92
N PHE G 306 23.75 -9.89 41.56
CA PHE G 306 23.16 -11.16 41.18
C PHE G 306 22.70 -11.14 39.72
N ALA G 307 21.92 -10.11 39.37
CA ALA G 307 21.38 -9.97 38.04
C ALA G 307 22.44 -9.95 36.95
N LEU G 308 23.66 -9.60 37.33
CA LEU G 308 24.76 -9.48 36.39
C LEU G 308 25.76 -10.65 36.42
N GLY G 309 25.57 -11.57 37.37
CA GLY G 309 26.46 -12.72 37.51
C GLY G 309 27.74 -12.45 38.27
N PHE G 310 27.69 -11.55 39.25
CA PHE G 310 28.87 -11.23 40.03
C PHE G 310 28.57 -11.16 41.52
N MSE H 1 42.17 36.78 46.81
CA MSE H 1 42.03 37.53 45.53
C MSE H 1 41.04 36.86 44.60
O MSE H 1 40.97 35.64 44.54
CB MSE H 1 43.38 37.63 44.84
CG MSE H 1 44.36 38.44 45.62
SE MSE H 1 46.10 38.37 44.82
CE MSE H 1 46.59 36.56 45.37
N LYS H 2 40.30 37.68 43.87
CA LYS H 2 39.30 37.17 42.96
C LYS H 2 39.65 37.27 41.48
N VAL H 3 39.30 36.23 40.73
CA VAL H 3 39.51 36.20 39.30
C VAL H 3 38.20 35.77 38.65
N GLY H 4 37.87 36.37 37.52
CA GLY H 4 36.66 36.01 36.84
C GLY H 4 36.93 35.28 35.54
N ILE H 5 35.92 34.57 35.06
CA ILE H 5 36.03 33.85 33.80
C ILE H 5 34.69 33.93 33.08
N VAL H 6 34.68 34.47 31.87
CA VAL H 6 33.42 34.49 31.17
C VAL H 6 33.53 33.54 29.97
N GLY H 7 32.56 32.64 29.90
CA GLY H 7 32.58 31.62 28.87
C GLY H 7 32.82 30.34 29.64
N SER H 8 31.75 29.68 30.02
CA SER H 8 31.88 28.46 30.80
C SER H 8 31.88 27.15 30.02
N GLY H 9 32.65 27.10 28.94
CA GLY H 9 32.73 25.88 28.17
C GLY H 9 33.95 25.12 28.68
N MSE H 10 34.56 24.28 27.85
CA MSE H 10 35.73 23.53 28.26
C MSE H 10 36.95 24.36 28.65
O MSE H 10 37.59 24.09 29.67
CB MSE H 10 36.15 22.56 27.16
CG MSE H 10 35.13 21.50 26.85
SE MSE H 10 34.46 20.60 28.45
CE MSE H 10 36.14 20.01 29.21
N VAL H 11 37.26 25.39 27.86
CA VAL H 11 38.41 26.25 28.15
C VAL H 11 38.24 27.05 29.44
N GLY H 12 37.04 27.58 29.64
CA GLY H 12 36.78 28.35 30.83
C GLY H 12 36.76 27.45 32.05
N SER H 13 36.09 26.31 31.93
CA SER H 13 36.02 25.41 33.08
C SER H 13 37.40 24.83 33.42
N ALA H 14 38.15 24.43 32.39
CA ALA H 14 39.48 23.88 32.60
C ALA H 14 40.40 24.91 33.27
N THR H 15 40.17 26.19 32.97
CA THR H 15 40.99 27.23 33.58
C THR H 15 40.67 27.32 35.06
N ALA H 16 39.38 27.21 35.38
CA ALA H 16 38.90 27.27 36.76
C ALA H 16 39.43 26.06 37.51
N TYR H 17 39.49 24.91 36.83
CA TYR H 17 39.98 23.69 37.44
C TYR H 17 41.46 23.84 37.82
N ALA H 18 42.25 24.37 36.91
CA ALA H 18 43.68 24.57 37.16
C ALA H 18 43.86 25.62 38.25
N LEU H 19 43.04 26.67 38.22
CA LEU H 19 43.15 27.70 39.23
C LEU H 19 42.95 27.06 40.60
N ALA H 20 41.93 26.22 40.72
CA ALA H 20 41.63 25.54 41.97
C ALA H 20 42.74 24.57 42.38
N LEU H 21 43.07 23.63 41.50
CA LEU H 21 44.12 22.65 41.80
C LEU H 21 45.46 23.29 42.18
N LEU H 22 45.74 24.48 41.65
CA LEU H 22 47.01 25.14 41.95
C LEU H 22 46.94 26.21 43.05
N GLY H 23 45.75 26.44 43.60
CA GLY H 23 45.57 27.43 44.65
C GLY H 23 46.05 28.81 44.25
N VAL H 24 45.64 29.28 43.06
CA VAL H 24 46.06 30.59 42.59
C VAL H 24 45.28 31.74 43.21
N ALA H 25 43.97 31.61 43.26
CA ALA H 25 43.17 32.67 43.84
C ALA H 25 42.24 32.12 44.93
N ARG H 26 41.79 33.03 45.82
CA ARG H 26 40.85 32.62 46.84
C ARG H 26 39.45 32.44 46.24
N GLU H 27 39.17 33.25 45.20
CA GLU H 27 37.84 33.21 44.59
C GLU H 27 37.91 33.21 43.06
N VAL H 28 37.11 32.34 42.48
CA VAL H 28 37.01 32.22 41.04
C VAL H 28 35.54 32.26 40.64
N VAL H 29 35.20 33.14 39.71
CA VAL H 29 33.82 33.25 39.30
C VAL H 29 33.61 32.92 37.84
N LEU H 30 32.72 31.98 37.58
CA LEU H 30 32.35 31.55 36.24
C LEU H 30 31.08 32.28 35.82
N VAL H 31 31.15 33.01 34.72
CA VAL H 31 30.01 33.76 34.21
C VAL H 31 29.63 33.26 32.83
N ASP H 32 28.35 32.97 32.64
CA ASP H 32 27.87 32.50 31.34
C ASP H 32 26.37 32.64 31.23
N LEU H 33 25.89 33.01 30.04
CA LEU H 33 24.47 33.19 29.79
C LEU H 33 23.74 31.90 30.17
N ASP H 34 24.38 30.76 29.93
CA ASP H 34 23.81 29.47 30.31
C ASP H 34 24.12 29.31 31.80
N ARG H 35 23.30 29.93 32.64
CA ARG H 35 23.47 29.91 34.08
C ARG H 35 23.63 28.51 34.67
N LYS H 36 22.87 27.57 34.12
CA LYS H 36 22.89 26.18 34.58
C LYS H 36 24.24 25.52 34.33
N LEU H 37 24.81 25.79 33.17
CA LEU H 37 26.11 25.22 32.79
C LEU H 37 27.24 25.65 33.71
N ALA H 38 27.32 26.94 34.02
CA ALA H 38 28.39 27.43 34.89
C ALA H 38 28.23 26.87 36.30
N GLN H 39 26.98 26.79 36.76
CA GLN H 39 26.71 26.27 38.08
C GLN H 39 27.14 24.81 38.15
N ALA H 40 26.92 24.08 37.06
CA ALA H 40 27.28 22.67 37.02
C ALA H 40 28.79 22.49 37.05
N HIS H 41 29.51 23.33 36.31
CA HIS H 41 30.96 23.34 36.26
C HIS H 41 31.53 23.67 37.63
N ALA H 42 30.99 24.74 38.22
CA ALA H 42 31.45 25.22 39.51
C ALA H 42 31.29 24.16 40.59
N GLU H 43 30.16 23.49 40.62
CA GLU H 43 29.93 22.48 41.64
C GLU H 43 30.81 21.23 41.41
N ASP H 44 31.06 20.91 40.15
CA ASP H 44 31.91 19.76 39.86
C ASP H 44 33.30 20.07 40.40
N ILE H 45 33.77 21.29 40.15
CA ILE H 45 35.09 21.71 40.62
C ILE H 45 35.14 21.80 42.15
N LEU H 46 34.05 22.22 42.76
CA LEU H 46 33.99 22.32 44.21
C LEU H 46 34.16 20.95 44.84
N HIS H 47 33.80 19.90 44.12
CA HIS H 47 33.94 18.54 44.64
C HIS H 47 35.41 18.19 44.74
N ALA H 48 36.24 18.84 43.92
CA ALA H 48 37.68 18.60 43.90
C ALA H 48 38.45 19.40 44.94
N THR H 49 37.89 20.54 45.34
CA THR H 49 38.50 21.43 46.31
C THR H 49 39.05 20.80 47.59
N PRO H 50 38.29 19.88 48.22
CA PRO H 50 38.78 19.25 49.45
C PRO H 50 40.06 18.43 49.22
N PHE H 51 40.34 18.07 47.97
CA PHE H 51 41.51 17.26 47.63
C PHE H 51 42.62 18.08 47.03
N ALA H 52 42.57 19.38 47.26
CA ALA H 52 43.59 20.28 46.73
C ALA H 52 43.71 21.52 47.61
N HIS H 53 43.26 22.66 47.09
CA HIS H 53 43.33 23.91 47.84
C HIS H 53 41.95 24.48 48.08
N PRO H 54 41.74 25.09 49.25
CA PRO H 54 40.44 25.67 49.56
C PRO H 54 40.25 26.92 48.70
N VAL H 55 39.52 26.79 47.61
CA VAL H 55 39.28 27.89 46.71
C VAL H 55 37.78 27.97 46.49
N TRP H 56 37.21 29.15 46.65
CA TRP H 56 35.78 29.29 46.46
C TRP H 56 35.51 29.47 44.97
N VAL H 57 35.05 28.41 44.32
CA VAL H 57 34.74 28.46 42.90
C VAL H 57 33.23 28.52 42.78
N ARG H 58 32.73 29.47 42.01
CA ARG H 58 31.28 29.59 41.86
C ARG H 58 30.85 30.22 40.55
N ALA H 59 29.58 30.03 40.23
CA ALA H 59 29.01 30.61 39.03
C ALA H 59 28.42 31.93 39.52
N GLY H 60 28.47 32.94 38.67
CA GLY H 60 27.92 34.22 39.04
C GLY H 60 27.49 34.97 37.80
N SER H 61 27.14 36.24 38.01
CA SER H 61 26.73 37.10 36.92
C SER H 61 27.82 38.16 36.79
N TYR H 62 27.72 39.00 35.78
CA TYR H 62 28.70 40.03 35.57
C TYR H 62 28.92 40.83 36.85
N GLY H 63 27.83 41.13 37.53
CA GLY H 63 27.91 41.88 38.76
C GLY H 63 28.80 41.23 39.80
N ASP H 64 28.81 39.90 39.83
CA ASP H 64 29.62 39.18 40.81
C ASP H 64 31.13 39.26 40.52
N LEU H 65 31.50 39.94 39.41
CA LEU H 65 32.92 40.07 39.09
C LEU H 65 33.56 41.25 39.84
N GLU H 66 32.70 42.06 40.48
CA GLU H 66 33.19 43.25 41.16
C GLU H 66 34.43 42.96 42.00
N GLY H 67 35.51 43.70 41.75
CA GLY H 67 36.72 43.51 42.51
C GLY H 67 37.72 42.52 41.91
N ALA H 68 37.35 41.88 40.80
CA ALA H 68 38.26 40.97 40.14
C ALA H 68 39.48 41.70 39.58
N ARG H 69 40.67 41.14 39.89
CA ARG H 69 41.89 41.77 39.40
C ARG H 69 42.22 41.30 37.98
N ALA H 70 41.68 40.11 37.64
CA ALA H 70 41.79 39.64 36.27
C ALA H 70 40.51 38.91 35.85
N VAL H 71 40.18 38.93 34.56
CA VAL H 71 39.00 38.23 34.06
C VAL H 71 39.39 37.58 32.74
N VAL H 72 39.20 36.26 32.67
CA VAL H 72 39.52 35.52 31.47
C VAL H 72 38.33 35.58 30.51
N LEU H 73 38.58 35.98 29.27
CA LEU H 73 37.51 36.04 28.26
C LEU H 73 37.60 34.77 27.42
N ALA H 74 36.69 33.85 27.66
CA ALA H 74 36.69 32.58 26.92
C ALA H 74 35.33 32.25 26.33
N ALA H 75 34.62 33.28 25.86
CA ALA H 75 33.30 33.09 25.25
C ALA H 75 33.43 32.93 23.74
N GLY H 76 32.37 32.42 23.11
CA GLY H 76 32.39 32.23 21.67
C GLY H 76 32.72 30.78 21.29
N VAL H 77 32.79 30.59 19.96
CA VAL H 77 33.11 29.29 19.39
C VAL H 77 34.54 29.27 18.89
N ALA H 78 35.31 28.25 19.30
CA ALA H 78 36.69 28.18 18.84
C ALA H 78 36.77 27.78 17.36
N GLN H 79 37.79 28.29 16.69
CA GLN H 79 38.05 28.01 15.29
C GLN H 79 39.07 26.87 15.24
N ARG H 80 38.93 25.98 14.26
CA ARG H 80 39.85 24.85 14.11
C ARG H 80 41.21 25.36 13.64
N PRO H 81 42.30 24.66 14.02
CA PRO H 81 43.64 25.08 13.60
C PRO H 81 43.79 25.17 12.08
N GLY H 82 44.56 26.14 11.61
CA GLY H 82 44.79 26.31 10.18
C GLY H 82 43.59 26.76 9.37
N GLU H 83 42.46 26.98 10.02
CA GLU H 83 41.24 27.41 9.34
C GLU H 83 41.01 28.91 9.52
N THR H 84 40.12 29.47 8.69
CA THR H 84 39.82 30.89 8.75
C THR H 84 38.35 31.15 8.44
N ARG H 85 37.53 31.21 9.47
CA ARG H 85 36.11 31.47 9.31
C ARG H 85 35.79 32.93 9.62
N LEU H 86 36.15 33.83 8.71
CA LEU H 86 35.92 35.25 8.88
C LEU H 86 34.51 35.60 9.37
N GLN H 87 33.53 34.82 8.94
CA GLN H 87 32.17 35.06 9.38
C GLN H 87 32.04 34.74 10.87
N LEU H 88 32.71 33.67 11.30
CA LEU H 88 32.68 33.26 12.71
C LEU H 88 33.40 34.30 13.56
N LEU H 89 34.53 34.77 13.04
CA LEU H 89 35.30 35.79 13.72
C LEU H 89 34.41 36.99 13.98
N ASP H 90 33.60 37.35 12.99
CA ASP H 90 32.71 38.49 13.17
C ASP H 90 31.69 38.24 14.27
N ARG H 91 31.16 37.04 14.31
CA ARG H 91 30.18 36.69 15.34
C ARG H 91 30.83 36.71 16.73
N ASN H 92 32.01 36.09 16.85
CA ASN H 92 32.71 36.08 18.13
C ASN H 92 33.01 37.50 18.61
N ALA H 93 33.32 38.40 17.66
CA ALA H 93 33.62 39.79 18.02
C ALA H 93 32.36 40.48 18.52
N GLN H 94 31.20 40.05 18.02
CA GLN H 94 29.94 40.63 18.45
C GLN H 94 29.65 40.16 19.87
N VAL H 95 30.04 38.92 20.17
CA VAL H 95 29.85 38.38 21.52
C VAL H 95 30.72 39.25 22.43
N PHE H 96 31.95 39.48 22.00
CA PHE H 96 32.89 40.30 22.74
C PHE H 96 32.37 41.73 22.96
N ALA H 97 31.60 42.24 22.00
CA ALA H 97 31.07 43.60 22.11
C ALA H 97 30.05 43.67 23.25
N GLN H 98 29.48 42.52 23.58
CA GLN H 98 28.50 42.45 24.65
C GLN H 98 29.19 42.21 25.98
N VAL H 99 30.19 41.35 25.95
CA VAL H 99 30.95 40.95 27.13
C VAL H 99 31.87 42.02 27.73
N VAL H 100 32.79 42.52 26.93
CA VAL H 100 33.76 43.51 27.42
C VAL H 100 33.19 44.67 28.25
N PRO H 101 32.30 45.49 27.66
CA PRO H 101 31.74 46.59 28.45
C PRO H 101 31.10 46.10 29.74
N ARG H 102 30.49 44.93 29.65
CA ARG H 102 29.83 44.31 30.79
C ARG H 102 30.84 43.90 31.87
N VAL H 103 31.99 43.42 31.44
CA VAL H 103 33.02 43.02 32.38
C VAL H 103 33.64 44.27 33.02
N LEU H 104 33.97 45.24 32.19
CA LEU H 104 34.57 46.47 32.68
C LEU H 104 33.64 47.30 33.56
N GLU H 105 32.34 47.10 33.40
CA GLU H 105 31.37 47.83 34.21
C GLU H 105 31.52 47.37 35.66
N ALA H 106 31.61 46.07 35.85
CA ALA H 106 31.73 45.47 37.19
C ALA H 106 33.15 45.43 37.72
N ALA H 107 34.12 45.27 36.83
CA ALA H 107 35.53 45.18 37.23
C ALA H 107 36.41 46.11 36.38
N PRO H 108 36.24 47.43 36.56
CA PRO H 108 36.96 48.51 35.85
C PRO H 108 38.48 48.45 35.95
N GLU H 109 39.00 47.77 36.97
CA GLU H 109 40.44 47.68 37.19
C GLU H 109 41.07 46.38 36.70
N ALA H 110 40.25 45.46 36.24
CA ALA H 110 40.75 44.17 35.81
C ALA H 110 41.65 44.13 34.59
N VAL H 111 42.52 43.14 34.55
CA VAL H 111 43.35 42.92 33.38
C VAL H 111 42.46 41.92 32.61
N LEU H 112 42.32 42.10 31.30
CA LEU H 112 41.50 41.18 30.53
C LEU H 112 42.41 40.17 29.86
N LEU H 113 42.15 38.88 30.13
CA LEU H 113 42.92 37.78 29.58
C LEU H 113 42.12 37.10 28.50
N VAL H 114 42.48 37.37 27.25
CA VAL H 114 41.77 36.77 26.13
C VAL H 114 42.27 35.36 25.83
N ALA H 115 41.30 34.43 25.73
CA ALA H 115 41.66 33.05 25.45
C ALA H 115 41.05 32.58 24.13
N THR H 116 39.84 33.10 23.84
CA THR H 116 39.11 32.65 22.66
C THR H 116 39.97 32.67 21.39
N ASN H 117 40.11 31.48 20.77
CA ASN H 117 40.88 31.39 19.54
C ASN H 117 40.06 31.82 18.32
N PRO H 118 40.70 32.44 17.30
CA PRO H 118 42.12 32.77 17.15
C PRO H 118 42.51 33.93 18.06
N VAL H 119 43.10 33.58 19.20
CA VAL H 119 43.49 34.53 20.23
C VAL H 119 44.07 35.86 19.77
N ASP H 120 44.99 35.85 18.80
CA ASP H 120 45.58 37.10 18.34
C ASP H 120 44.53 38.08 17.84
N VAL H 121 43.60 37.58 17.03
CA VAL H 121 42.53 38.42 16.50
C VAL H 121 41.60 38.88 17.62
N MSE H 122 41.18 37.95 18.47
CA MSE H 122 40.26 38.31 19.56
C MSE H 122 40.91 39.26 20.56
O MSE H 122 40.22 40.02 21.24
CB MSE H 122 39.76 37.05 20.27
CG MSE H 122 39.01 36.08 19.35
SE MSE H 122 37.64 36.94 18.25
CE MSE H 122 36.31 37.32 19.60
N THR H 123 42.23 39.21 20.67
CA THR H 123 42.94 40.12 21.56
C THR H 123 42.81 41.53 20.97
N GLN H 124 43.04 41.62 19.66
CA GLN H 124 42.94 42.87 18.94
C GLN H 124 41.52 43.43 19.17
N VAL H 125 40.52 42.56 19.07
CA VAL H 125 39.13 42.95 19.26
C VAL H 125 38.79 43.40 20.68
N ALA H 126 39.21 42.60 21.67
CA ALA H 126 38.96 42.95 23.06
C ALA H 126 39.58 44.32 23.34
N TYR H 127 40.79 44.52 22.85
CA TYR H 127 41.49 45.78 23.01
C TYR H 127 40.68 46.98 22.50
N ARG H 128 40.42 47.02 21.20
CA ARG H 128 39.72 48.15 20.60
C ARG H 128 38.39 48.43 21.33
N LEU H 129 37.69 47.33 21.68
CA LEU H 129 36.39 47.45 22.36
C LEU H 129 36.53 48.06 23.76
N SER H 130 37.65 47.73 24.41
CA SER H 130 37.77 48.04 25.84
C SER H 130 37.89 49.54 26.13
N GLY H 131 38.56 50.27 25.22
CA GLY H 131 38.84 51.68 25.51
C GLY H 131 39.95 51.82 26.56
N LEU H 132 40.63 50.69 26.84
CA LEU H 132 41.76 50.69 27.77
C LEU H 132 43.09 50.83 27.03
N PRO H 133 44.13 51.21 27.76
CA PRO H 133 45.47 51.23 27.18
C PRO H 133 45.96 49.81 26.81
N PRO H 134 46.80 49.69 25.77
CA PRO H 134 47.36 48.44 25.25
C PRO H 134 47.77 47.36 26.25
N GLY H 135 48.47 47.73 27.30
CA GLY H 135 48.91 46.73 28.27
C GLY H 135 47.88 46.00 29.10
N ARG H 136 46.66 46.52 29.18
CA ARG H 136 45.64 45.89 30.00
C ARG H 136 44.77 44.81 29.39
N VAL H 137 45.00 44.50 28.11
CA VAL H 137 44.27 43.45 27.41
C VAL H 137 45.36 42.48 26.95
N VAL H 138 45.34 41.26 27.48
CA VAL H 138 46.35 40.27 27.17
C VAL H 138 45.80 38.94 26.68
N GLY H 139 46.35 38.45 25.58
CA GLY H 139 45.90 37.17 25.05
C GLY H 139 46.92 36.10 25.39
N SER H 140 46.45 34.88 25.62
CA SER H 140 47.34 33.79 25.97
C SER H 140 48.46 33.63 24.95
N GLY H 141 48.17 33.99 23.69
CA GLY H 141 49.18 33.91 22.66
C GLY H 141 49.90 32.58 22.49
N THR H 142 51.22 32.64 22.33
CA THR H 142 52.04 31.44 22.10
C THR H 142 52.73 30.84 23.33
N ILE H 143 52.27 31.16 24.53
CA ILE H 143 52.90 30.64 25.74
C ILE H 143 53.04 29.12 25.81
N LEU H 144 52.01 28.39 25.37
CA LEU H 144 52.05 26.93 25.39
C LEU H 144 53.12 26.42 24.43
N ASP H 145 53.25 27.07 23.28
CA ASP H 145 54.23 26.67 22.27
C ASP H 145 55.65 27.02 22.67
N THR H 146 55.83 28.19 23.28
CA THR H 146 57.15 28.57 23.73
C THR H 146 57.61 27.55 24.77
N ALA H 147 56.69 27.18 25.67
CA ALA H 147 56.97 26.20 26.71
C ALA H 147 57.29 24.81 26.16
N ARG H 148 56.58 24.42 25.11
CA ARG H 148 56.80 23.13 24.49
C ARG H 148 58.14 23.13 23.78
N PHE H 149 58.46 24.28 23.18
CA PHE H 149 59.71 24.48 22.47
C PHE H 149 60.87 24.29 23.45
N ARG H 150 60.73 24.83 24.66
CA ARG H 150 61.79 24.68 25.67
C ARG H 150 61.86 23.26 26.22
N ALA H 151 60.71 22.63 26.41
CA ALA H 151 60.69 21.26 26.93
C ALA H 151 61.41 20.36 25.94
N LEU H 152 60.99 20.42 24.68
CA LEU H 152 61.60 19.62 23.62
C LEU H 152 63.12 19.86 23.56
N LEU H 153 63.52 21.13 23.66
CA LEU H 153 64.94 21.45 23.64
C LEU H 153 65.68 20.94 24.88
N ALA H 154 65.01 20.98 26.03
CA ALA H 154 65.64 20.54 27.27
C ALA H 154 65.86 19.03 27.24
N GLU H 155 64.85 18.32 26.76
CA GLU H 155 64.91 16.88 26.68
C GLU H 155 66.09 16.48 25.79
N TYR H 156 66.16 17.09 24.62
CA TYR H 156 67.23 16.73 23.67
C TYR H 156 68.61 17.13 24.20
N LEU H 157 68.72 18.25 24.92
CA LEU H 157 70.00 18.68 25.48
C LEU H 157 70.30 18.01 26.81
N ARG H 158 69.30 17.34 27.38
CA ARG H 158 69.43 16.67 28.68
C ARG H 158 69.82 17.72 29.73
N VAL H 159 69.02 18.79 29.79
CA VAL H 159 69.25 19.88 30.70
C VAL H 159 67.88 20.30 31.24
N ALA H 160 67.82 20.98 32.38
CA ALA H 160 66.52 21.36 32.92
C ALA H 160 65.88 22.49 32.09
N PRO H 161 64.56 22.39 31.87
CA PRO H 161 63.75 23.34 31.08
C PRO H 161 63.96 24.80 31.51
N GLN H 162 64.05 25.02 32.83
CA GLN H 162 64.25 26.35 33.39
C GLN H 162 65.53 27.02 32.87
N SER H 163 66.46 26.20 32.39
CA SER H 163 67.71 26.73 31.86
C SER H 163 67.57 27.22 30.42
N VAL H 164 66.52 26.77 29.74
CA VAL H 164 66.32 27.13 28.34
C VAL H 164 65.46 28.38 28.11
N HIS H 165 66.09 29.39 27.53
CA HIS H 165 65.37 30.60 27.22
C HIS H 165 65.30 30.66 25.70
N ALA H 166 64.20 30.12 25.18
CA ALA H 166 63.92 30.07 23.75
C ALA H 166 62.52 30.61 23.55
N TYR H 167 62.24 31.16 22.38
CA TYR H 167 60.93 31.73 22.14
C TYR H 167 60.23 31.32 20.86
N VAL H 168 58.90 31.39 20.91
CA VAL H 168 58.03 31.14 19.78
C VAL H 168 57.23 32.44 19.74
N LEU H 169 57.37 33.20 18.66
CA LEU H 169 56.72 34.50 18.49
C LEU H 169 55.68 34.61 17.36
N GLY H 170 55.00 35.76 17.35
CA GLY H 170 54.02 36.03 16.32
C GLY H 170 52.62 35.53 16.54
N GLU H 171 52.03 34.99 15.48
CA GLU H 171 50.68 34.48 15.52
C GLU H 171 50.66 33.08 16.12
N HIS H 172 49.67 32.84 16.97
CA HIS H 172 49.53 31.52 17.58
C HIS H 172 48.86 30.68 16.50
N GLY H 173 49.67 30.00 15.71
CA GLY H 173 49.13 29.18 14.65
C GLY H 173 50.22 28.62 13.76
N ASP H 174 49.83 28.18 12.55
CA ASP H 174 50.80 27.59 11.64
C ASP H 174 51.88 28.59 11.26
N SER H 175 51.57 29.87 11.47
CA SER H 175 52.47 30.96 11.16
C SER H 175 53.46 31.38 12.28
N GLU H 176 53.37 30.78 13.46
CA GLU H 176 54.26 31.14 14.58
C GLU H 176 55.72 30.95 14.21
N VAL H 177 56.59 31.72 14.88
CA VAL H 177 58.01 31.69 14.61
C VAL H 177 58.86 31.12 15.73
N LEU H 178 59.58 30.03 15.47
CA LEU H 178 60.45 29.46 16.50
C LEU H 178 61.75 30.21 16.36
N VAL H 179 62.13 30.95 17.40
CA VAL H 179 63.36 31.72 17.34
C VAL H 179 64.58 30.89 17.69
N TRP H 180 65.16 30.23 16.69
CA TRP H 180 66.34 29.40 16.89
C TRP H 180 67.61 30.21 17.06
N SER H 181 67.75 31.22 16.21
CA SER H 181 68.95 32.06 16.19
C SER H 181 69.43 32.59 17.52
N SER H 182 68.53 33.12 18.34
CA SER H 182 68.96 33.68 19.60
C SER H 182 68.64 32.84 20.82
N ALA H 183 68.07 31.67 20.60
CA ALA H 183 67.74 30.75 21.70
C ALA H 183 68.95 30.54 22.61
N GLN H 184 68.71 30.39 23.91
CA GLN H 184 69.79 30.23 24.87
C GLN H 184 69.60 29.16 25.93
N VAL H 185 70.73 28.66 26.43
CA VAL H 185 70.74 27.64 27.48
C VAL H 185 71.76 28.04 28.53
N GLY H 186 71.28 28.24 29.76
CA GLY H 186 72.17 28.65 30.83
C GLY H 186 72.85 29.93 30.42
N GLY H 187 72.13 30.77 29.67
CA GLY H 187 72.68 32.04 29.22
C GLY H 187 73.70 31.94 28.10
N VAL H 188 73.87 30.75 27.54
CA VAL H 188 74.83 30.52 26.46
C VAL H 188 74.14 30.19 25.14
N PRO H 189 74.68 30.68 24.01
CA PRO H 189 74.09 30.41 22.70
C PRO H 189 73.81 28.92 22.55
N LEU H 190 72.57 28.58 22.24
CA LEU H 190 72.12 27.20 22.10
C LEU H 190 72.97 26.26 21.25
N LEU H 191 73.40 26.71 20.07
CA LEU H 191 74.20 25.84 19.21
C LEU H 191 75.56 25.54 19.81
N GLU H 192 76.14 26.53 20.48
CA GLU H 192 77.41 26.31 21.12
C GLU H 192 77.21 25.31 22.25
N PHE H 193 76.28 25.64 23.13
CA PHE H 193 75.97 24.77 24.29
C PHE H 193 75.62 23.36 23.83
N ALA H 194 74.96 23.28 22.65
CA ALA H 194 74.59 21.96 22.15
C ALA H 194 75.83 21.10 21.94
N GLU H 195 76.84 21.70 21.27
CA GLU H 195 78.07 20.98 21.01
C GLU H 195 78.95 20.87 22.26
N ALA H 196 78.43 21.41 23.38
CA ALA H 196 79.16 21.30 24.64
C ALA H 196 78.98 19.92 25.27
N ARG H 197 77.94 19.20 24.78
CA ARG H 197 77.77 17.83 25.24
C ARG H 197 77.24 16.90 24.13
N ALA H 200 75.58 18.14 18.20
CA ALA H 200 74.90 19.28 17.61
C ALA H 200 73.40 19.01 17.46
N LEU H 201 72.72 19.99 16.85
CA LEU H 201 71.37 19.75 16.40
C LEU H 201 71.34 19.61 14.88
N SER H 202 71.01 18.40 14.41
CA SER H 202 70.90 18.20 12.99
C SER H 202 69.60 18.78 12.46
N PRO H 203 69.60 19.10 11.15
CA PRO H 203 68.41 19.64 10.52
C PRO H 203 67.17 18.77 10.76
N GLU H 204 67.43 17.48 10.97
CA GLU H 204 66.38 16.52 11.23
C GLU H 204 65.83 16.72 12.64
N ASP H 205 66.73 16.94 13.60
CA ASP H 205 66.33 17.17 14.98
C ASP H 205 65.43 18.42 15.02
N ARG H 206 65.92 19.50 14.44
CA ARG H 206 65.18 20.75 14.39
C ARG H 206 63.85 20.56 13.71
N ALA H 207 63.84 19.85 12.59
CA ALA H 207 62.59 19.60 11.89
C ALA H 207 61.64 18.85 12.83
N ARG H 208 62.18 17.87 13.53
CA ARG H 208 61.39 17.05 14.46
C ARG H 208 60.80 17.89 15.59
N ILE H 209 61.58 18.84 16.08
CA ILE H 209 61.15 19.73 17.16
C ILE H 209 60.13 20.72 16.64
N ASP H 210 60.34 21.20 15.41
CA ASP H 210 59.42 22.16 14.82
C ASP H 210 58.00 21.60 14.74
N GLU H 211 57.89 20.34 14.33
CA GLU H 211 56.58 19.73 14.21
C GLU H 211 55.96 19.46 15.57
N GLY H 212 56.80 19.16 16.56
CA GLY H 212 56.29 18.90 17.90
C GLY H 212 55.60 20.14 18.43
N VAL H 213 56.23 21.28 18.21
CA VAL H 213 55.66 22.54 18.68
C VAL H 213 54.49 22.95 17.81
N ARG H 214 54.78 23.13 16.53
CA ARG H 214 53.82 23.61 15.54
C ARG H 214 52.58 22.77 15.25
N ARG H 215 52.70 21.44 15.22
CA ARG H 215 51.57 20.59 14.89
C ARG H 215 50.82 19.97 16.07
N ALA H 216 51.10 20.42 17.28
CA ALA H 216 50.46 19.88 18.48
C ALA H 216 48.95 20.13 18.47
N ALA H 217 48.55 21.37 18.19
CA ALA H 217 47.13 21.72 18.15
C ALA H 217 46.38 20.84 17.15
N TYR H 218 46.99 20.57 16.00
CA TYR H 218 46.36 19.73 14.99
C TYR H 218 46.15 18.30 15.49
N ARG H 219 47.19 17.71 16.06
CA ARG H 219 47.09 16.35 16.58
C ARG H 219 46.06 16.26 17.70
N ILE H 220 46.00 17.27 18.56
CA ILE H 220 45.06 17.24 19.66
C ILE H 220 43.61 17.36 19.17
N ILE H 221 43.36 18.27 18.23
CA ILE H 221 42.03 18.45 17.69
C ILE H 221 41.61 17.21 16.91
N GLU H 222 42.53 16.69 16.13
CA GLU H 222 42.29 15.51 15.32
C GLU H 222 41.81 14.32 16.15
N GLY H 223 42.47 14.05 17.27
CA GLY H 223 42.08 12.91 18.07
C GLY H 223 41.12 13.17 19.21
N LYS H 224 40.87 14.43 19.50
CA LYS H 224 40.02 14.79 20.63
C LYS H 224 38.95 15.82 20.27
N GLY H 225 39.17 16.54 19.17
CA GLY H 225 38.20 17.51 18.74
C GLY H 225 38.18 18.83 19.48
N ALA H 226 39.17 19.10 20.31
CA ALA H 226 39.24 20.35 21.07
C ALA H 226 40.40 20.32 22.08
N THR H 227 40.99 21.48 22.37
CA THR H 227 42.08 21.58 23.36
C THR H 227 41.60 22.49 24.50
N TYR H 228 42.04 22.21 25.73
CA TYR H 228 41.66 23.02 26.88
C TYR H 228 42.53 22.77 28.10
N TYR H 229 43.11 21.57 28.22
CA TYR H 229 43.94 21.28 29.38
C TYR H 229 45.17 22.15 29.40
N GLY H 230 45.89 22.18 28.28
CA GLY H 230 47.08 22.98 28.20
C GLY H 230 46.82 24.44 28.45
N ILE H 231 45.84 25.00 27.72
CA ILE H 231 45.51 26.42 27.85
C ILE H 231 44.98 26.75 29.25
N GLY H 232 44.31 25.78 29.85
CA GLY H 232 43.79 25.98 31.19
C GLY H 232 44.90 26.28 32.19
N ALA H 233 45.98 25.52 32.13
CA ALA H 233 47.08 25.73 33.06
C ALA H 233 47.88 26.96 32.67
N GLY H 234 47.99 27.20 31.36
CA GLY H 234 48.69 28.38 30.88
C GLY H 234 48.03 29.68 31.39
N LEU H 235 46.71 29.76 31.18
CA LEU H 235 45.99 30.92 31.68
C LEU H 235 46.14 31.06 33.21
N ALA H 236 46.02 29.92 33.91
CA ALA H 236 46.17 29.95 35.36
C ALA H 236 47.49 30.60 35.77
N ARG H 237 48.56 30.26 35.05
CA ARG H 237 49.87 30.81 35.32
C ARG H 237 49.88 32.32 35.02
N LEU H 238 49.28 32.70 33.90
CA LEU H 238 49.24 34.12 33.55
C LEU H 238 48.41 34.83 34.62
N VAL H 239 47.37 34.19 35.12
CA VAL H 239 46.56 34.79 36.15
C VAL H 239 47.40 34.96 37.40
N ARG H 240 48.32 34.03 37.65
CA ARG H 240 49.17 34.14 38.83
C ARG H 240 50.16 35.29 38.72
N ALA H 241 50.65 35.55 37.52
CA ALA H 241 51.59 36.64 37.32
C ALA H 241 50.90 37.97 37.63
N ILE H 242 49.65 38.10 37.19
CA ILE H 242 48.91 39.32 37.43
C ILE H 242 48.60 39.50 38.92
N LEU H 243 48.06 38.46 39.53
CA LEU H 243 47.70 38.49 40.95
C LEU H 243 48.88 38.77 41.87
N THR H 244 50.05 38.25 41.54
CA THR H 244 51.22 38.45 42.39
C THR H 244 52.14 39.52 41.87
N ASP H 245 51.71 40.23 40.83
CA ASP H 245 52.54 41.27 40.23
C ASP H 245 53.97 40.73 40.05
N GLU H 246 54.03 39.56 39.41
CA GLU H 246 55.26 38.80 39.18
C GLU H 246 56.30 39.55 38.32
N LYS H 247 55.81 40.28 37.31
CA LYS H 247 56.73 40.90 36.34
C LYS H 247 57.51 39.85 35.55
N GLY H 248 56.89 38.68 35.40
CA GLY H 248 57.57 37.61 34.68
C GLY H 248 57.43 37.80 33.17
N VAL H 249 58.40 37.27 32.43
CA VAL H 249 58.38 37.36 30.98
C VAL H 249 57.59 36.24 30.32
N TYR H 250 56.62 36.61 29.48
CA TYR H 250 55.77 35.65 28.78
C TYR H 250 55.54 36.06 27.34
N THR H 251 55.44 35.08 26.46
CA THR H 251 55.15 35.37 25.05
C THR H 251 53.65 35.41 24.94
N VAL H 252 53.09 36.55 25.33
CA VAL H 252 51.65 36.70 25.28
C VAL H 252 51.29 37.69 24.20
N SER H 253 50.05 37.62 23.73
CA SER H 253 49.61 38.51 22.69
C SER H 253 49.05 39.82 23.25
N ALA H 254 49.43 40.93 22.63
CA ALA H 254 48.96 42.23 23.04
C ALA H 254 49.07 43.18 21.84
N PHE H 255 48.27 44.24 21.86
CA PHE H 255 48.26 45.23 20.80
C PHE H 255 49.62 45.87 20.76
N THR H 256 50.21 45.91 19.58
CA THR H 256 51.55 46.47 19.40
C THR H 256 51.52 47.64 18.41
N PRO H 257 52.18 48.75 18.72
CA PRO H 257 52.20 49.91 17.81
C PRO H 257 52.80 49.58 16.46
N GLU H 258 53.92 48.89 16.47
CA GLU H 258 54.59 48.54 15.22
C GLU H 258 55.48 47.32 15.38
N VAL H 259 55.37 46.38 14.45
CA VAL H 259 56.20 45.20 14.48
C VAL H 259 56.63 44.90 13.06
N GLU H 260 57.92 45.07 12.80
CA GLU H 260 58.46 44.78 11.48
C GLU H 260 57.69 45.50 10.35
N GLY H 261 57.38 46.78 10.56
CA GLY H 261 56.68 47.52 9.54
C GLY H 261 55.16 47.56 9.57
N VAL H 262 54.53 46.53 10.13
CA VAL H 262 53.06 46.53 10.18
C VAL H 262 52.60 47.26 11.44
N LEU H 263 51.66 48.18 11.28
CA LEU H 263 51.19 48.98 12.40
C LEU H 263 49.95 48.45 13.09
N GLU H 264 49.84 48.77 14.37
CA GLU H 264 48.71 48.39 15.21
C GLU H 264 48.15 46.98 15.00
N VAL H 265 48.93 45.98 15.41
CA VAL H 265 48.51 44.60 15.31
C VAL H 265 48.82 43.85 16.61
N SER H 266 48.02 42.84 16.93
CA SER H 266 48.23 42.07 18.15
C SER H 266 48.85 40.73 17.83
N LEU H 267 49.95 40.43 18.51
CA LEU H 267 50.64 39.15 18.31
C LEU H 267 51.58 38.93 19.50
N SER H 268 52.23 37.78 19.54
CA SER H 268 53.11 37.45 20.66
C SER H 268 54.56 37.85 20.55
N LEU H 269 55.04 38.44 21.64
CA LEU H 269 56.42 38.86 21.77
C LEU H 269 56.69 38.65 23.26
N PRO H 270 57.96 38.57 23.66
CA PRO H 270 58.24 38.38 25.09
C PRO H 270 57.81 39.65 25.85
N ARG H 271 56.87 39.52 26.77
CA ARG H 271 56.40 40.68 27.51
C ARG H 271 56.41 40.47 29.03
N ILE H 272 56.68 41.55 29.76
CA ILE H 272 56.70 41.49 31.22
C ILE H 272 55.28 41.64 31.70
N LEU H 273 54.80 40.67 32.48
CA LEU H 273 53.44 40.70 32.97
C LEU H 273 53.32 40.98 34.47
N GLY H 274 52.48 41.96 34.81
CA GLY H 274 52.28 42.33 36.19
C GLY H 274 50.83 42.64 36.53
N ALA H 275 50.62 43.23 37.70
CA ALA H 275 49.26 43.53 38.17
C ALA H 275 48.47 44.42 37.23
N GLY H 276 49.15 45.21 36.42
CA GLY H 276 48.42 46.09 35.51
C GLY H 276 48.38 45.62 34.08
N GLY H 277 48.79 44.39 33.84
CA GLY H 277 48.78 43.87 32.49
C GLY H 277 50.20 43.87 31.98
N VAL H 278 50.38 43.80 30.66
CA VAL H 278 51.72 43.80 30.11
C VAL H 278 52.35 45.14 30.42
N GLU H 279 53.58 45.08 30.91
CA GLU H 279 54.31 46.23 31.37
C GLU H 279 55.57 46.55 30.57
N GLY H 280 55.85 45.75 29.56
CA GLY H 280 57.05 46.00 28.78
C GLY H 280 57.32 44.89 27.79
N THR H 281 58.19 45.20 26.84
CA THR H 281 58.51 44.25 25.79
C THR H 281 60.00 43.98 25.65
N VAL H 282 60.34 42.70 25.54
CA VAL H 282 61.73 42.28 25.36
C VAL H 282 61.94 42.07 23.87
N TYR H 283 63.09 42.42 23.34
CA TYR H 283 63.33 42.24 21.92
C TYR H 283 64.55 41.37 21.63
N PRO H 284 64.36 40.05 21.60
CA PRO H 284 65.49 39.16 21.32
C PRO H 284 65.92 39.35 19.87
N SER H 285 67.20 39.18 19.58
CA SER H 285 67.66 39.34 18.21
C SER H 285 67.08 38.20 17.38
N LEU H 286 66.67 38.54 16.16
CA LEU H 286 66.09 37.58 15.24
C LEU H 286 66.91 37.58 13.96
N SER H 287 66.99 36.42 13.31
CA SER H 287 67.72 36.31 12.06
C SER H 287 66.84 36.94 10.99
N PRO H 288 67.41 37.31 9.84
CA PRO H 288 66.64 37.92 8.75
C PRO H 288 65.45 37.04 8.37
N GLU H 289 65.67 35.73 8.36
CA GLU H 289 64.62 34.79 8.03
C GLU H 289 63.50 34.82 9.06
N GLU H 290 63.89 34.71 10.34
CA GLU H 290 62.91 34.72 11.44
C GLU H 290 62.10 36.01 11.41
N ARG H 291 62.77 37.14 11.16
CA ARG H 291 62.08 38.43 11.09
C ARG H 291 61.09 38.49 9.95
N GLU H 292 61.50 37.99 8.78
CA GLU H 292 60.59 38.01 7.65
C GLU H 292 59.37 37.15 7.99
N ALA H 293 59.62 36.01 8.62
CA ALA H 293 58.55 35.11 9.01
C ALA H 293 57.64 35.83 9.99
N LEU H 294 58.24 36.62 10.88
CA LEU H 294 57.46 37.37 11.85
C LEU H 294 56.65 38.44 11.13
N ARG H 295 57.26 39.07 10.12
CA ARG H 295 56.58 40.12 9.35
C ARG H 295 55.37 39.53 8.61
N ARG H 296 55.57 38.36 8.03
CA ARG H 296 54.48 37.71 7.30
C ARG H 296 53.36 37.36 8.26
N SER H 297 53.73 36.98 9.47
CA SER H 297 52.77 36.60 10.48
C SER H 297 51.92 37.81 10.89
N ALA H 298 52.57 38.98 11.00
CA ALA H 298 51.86 40.19 11.38
C ALA H 298 50.93 40.66 10.27
N GLU H 299 51.39 40.59 9.03
CA GLU H 299 50.58 40.99 7.86
C GLU H 299 49.32 40.14 7.75
N ILE H 300 49.44 38.84 8.09
CA ILE H 300 48.31 37.93 8.06
C ILE H 300 47.29 38.40 9.08
N LEU H 301 47.76 38.70 10.29
CA LEU H 301 46.88 39.15 11.37
C LEU H 301 46.28 40.51 11.09
N LYS H 302 47.08 41.42 10.55
CA LYS H 302 46.58 42.76 10.26
C LYS H 302 45.48 42.69 9.20
N GLU H 303 45.64 41.80 8.23
CA GLU H 303 44.62 41.67 7.19
C GLU H 303 43.31 41.24 7.84
N ALA H 304 43.37 40.25 8.71
CA ALA H 304 42.17 39.78 9.39
C ALA H 304 41.59 40.93 10.22
N ALA H 305 42.45 41.76 10.81
CA ALA H 305 41.95 42.87 11.58
C ALA H 305 41.14 43.79 10.66
N PHE H 306 41.74 44.17 9.53
CA PHE H 306 41.09 45.05 8.56
C PHE H 306 39.74 44.50 8.12
N ALA H 307 39.73 43.22 7.74
CA ALA H 307 38.51 42.58 7.29
C ALA H 307 37.38 42.67 8.30
N LEU H 308 37.73 42.58 9.58
CA LEU H 308 36.74 42.62 10.65
C LEU H 308 36.37 44.01 11.13
N GLY H 309 37.16 45.01 10.73
CA GLY H 309 36.90 46.38 11.15
C GLY H 309 37.48 46.66 12.53
N PHE H 310 38.56 45.96 12.86
CA PHE H 310 39.22 46.12 14.15
C PHE H 310 40.72 46.37 13.98
PA NAD I . -33.23 -8.25 -29.36
O1A NAD I . -32.46 -8.86 -30.49
O2A NAD I . -32.41 -7.94 -28.11
O5B NAD I . -33.91 -6.92 -29.90
C5B NAD I . -34.67 -6.10 -29.03
C4B NAD I . -35.13 -4.88 -30.01
O4B NAD I . -35.97 -3.94 -29.32
C3B NAD I . -33.84 -4.20 -30.61
O3B NAD I . -33.90 -4.06 -32.01
C2B NAD I . -33.77 -2.92 -29.77
O2B NAD I . -33.00 -1.85 -30.25
C1B NAD I . -35.22 -2.71 -29.61
N9A NAD I . -35.61 -1.66 -28.63
C8A NAD I . -35.28 -1.51 -27.29
N7A NAD I . -35.86 -0.41 -26.80
C5A NAD I . -36.58 0.17 -27.78
C6A NAD I . -37.41 1.34 -27.89
N6A NAD I . -37.60 2.13 -26.84
N1A NAD I . -38.05 1.66 -29.15
C2A NAD I . -37.86 0.84 -30.31
N3A NAD I . -37.04 -0.31 -30.21
C4A NAD I . -36.42 -0.62 -28.96
O3 NAD I . -34.41 -9.22 -28.86
PN NAD I . -35.27 -10.41 -29.53
O1N NAD I . -35.87 -9.97 -30.81
O2N NAD I . -34.33 -11.55 -29.59
O5D NAD I . -36.22 -10.50 -28.28
C5D NAD I . -37.23 -9.52 -28.10
C4D NAD I . -37.36 -9.16 -26.65
O4D NAD I . -37.83 -10.24 -25.88
C3D NAD I . -36.05 -8.76 -25.95
O3D NAD I . -35.92 -7.30 -25.67
C2D NAD I . -36.08 -9.19 -24.55
O2D NAD I . -36.28 -8.10 -23.66
C1D NAD I . -37.12 -10.31 -24.61
N1N NAD I . -36.59 -11.72 -24.50
C2N NAD I . -36.62 -12.62 -25.64
C3N NAD I . -36.06 -13.93 -25.50
C7N NAD I . -36.12 -14.88 -26.64
O7N NAD I . -35.55 -16.09 -26.46
N7N NAD I . -36.67 -14.61 -27.80
C4N NAD I . -35.42 -14.29 -24.20
C5N NAD I . -35.34 -13.37 -23.08
C6N NAD I . -35.90 -12.06 -23.26
S SO4 J . -19.81 -27.53 -39.60
O1 SO4 J . -19.59 -27.91 -38.24
O2 SO4 J . -20.79 -26.56 -39.91
O3 SO4 J . -20.16 -28.81 -40.40
O4 SO4 J . -18.57 -27.06 -40.22
PA NAD K . -19.12 -6.52 -22.40
O1A NAD K . -19.91 -6.05 -21.22
O2A NAD K . -19.96 -7.10 -23.54
O5B NAD K . -18.26 -5.30 -22.93
C5B NAD K . -17.43 -5.45 -24.06
C4B NAD K . -16.79 -3.96 -24.23
O4B NAD K . -15.80 -3.94 -25.27
C3B NAD K . -17.96 -2.96 -24.52
O3B NAD K . -17.85 -1.76 -23.76
C2B NAD K . -17.86 -2.83 -26.05
O2B NAD K . -18.50 -1.74 -26.68
C1B NAD K . -16.39 -2.92 -26.14
N9A NAD K . -15.85 -3.08 -27.52
C8A NAD K . -16.22 -3.96 -28.53
N7A NAD K . -15.46 -3.73 -29.63
C5A NAD K . -14.61 -2.72 -29.36
C6A NAD K . -13.59 -2.03 -30.09
N6A NAD K . -13.30 -2.36 -31.34
N1A NAD K . -12.86 -0.95 -29.46
C2A NAD K . -13.14 -0.54 -28.11
N3A NAD K . -14.15 -1.22 -27.39
C4A NAD K . -14.86 -2.29 -28.01
O3 NAD K . -18.09 -7.70 -22.02
PN NAD K . -17.32 -8.12 -20.68
O1N NAD K . -16.57 -7.00 -20.12
O2N NAD K . -18.39 -8.69 -19.83
O5D NAD K . -16.51 -9.25 -21.39
C5D NAD K . -15.63 -8.88 -22.43
C4D NAD K . -15.65 -9.92 -23.51
O4D NAD K . -15.40 -11.19 -22.99
C3D NAD K . -16.99 -10.10 -24.23
O3D NAD K . -17.10 -9.38 -25.53
C2D NAD K . -17.03 -11.44 -24.78
O2D NAD K . -16.64 -11.47 -26.14
C1D NAD K . -16.17 -12.17 -23.74
N1N NAD K . -16.94 -12.98 -22.73
C2N NAD K . -17.00 -12.55 -21.34
C3N NAD K . -17.77 -13.32 -20.42
C7N NAD K . -17.83 -12.91 -19.00
O7N NAD K . -18.60 -13.67 -18.18
N7N NAD K . -17.18 -11.90 -18.48
C4N NAD K . -18.55 -14.47 -20.95
C5N NAD K . -18.54 -14.85 -22.36
C6N NAD K . -17.70 -14.09 -23.24
PA NAD L . 22.62 9.66 16.61
O1A NAD L . 22.18 8.29 17.02
O2A NAD L . 23.66 10.29 17.52
O5B NAD L . 23.18 9.57 15.13
C5B NAD L . 23.69 10.73 14.49
C4B NAD L . 24.24 10.14 13.07
O4B NAD L . 24.70 11.19 12.21
C3B NAD L . 25.36 9.08 13.37
O3B NAD L . 25.16 7.86 12.69
C2B NAD L . 26.62 9.89 13.03
O2B NAD L . 27.83 9.17 12.78
C1B NAD L . 26.05 10.68 11.93
N9A NAD L . 26.91 11.81 11.45
C8A NAD L . 27.58 12.78 12.16
N7A NAD L . 28.30 13.55 11.30
C5A NAD L . 28.12 13.08 10.07
C6A NAD L . 28.60 13.44 8.76
N6A NAD L . 29.42 14.48 8.60
N1A NAD L . 28.18 12.68 7.59
C2A NAD L . 27.30 11.55 7.71
N3A NAD L . 26.83 11.20 9.00
C4A NAD L . 27.24 11.95 10.13
O3 NAD L . 21.39 10.71 16.59
PN NAD L . 19.79 10.61 16.42
O1N NAD L . 19.42 9.89 15.20
O2N NAD L . 19.34 10.01 17.70
O5D NAD L . 19.63 12.17 16.42
C5D NAD L . 20.12 12.87 15.32
C4D NAD L . 20.57 14.25 15.72
O4D NAD L . 19.55 14.95 16.38
C3D NAD L . 21.72 14.29 16.74
O3D NAD L . 23.07 14.49 16.14
C2D NAD L . 21.65 15.57 17.42
O2D NAD L . 22.47 16.54 16.80
C1D NAD L . 20.12 15.77 17.43
N1N NAD L . 19.41 15.39 18.71
C2N NAD L . 18.44 14.32 18.72
C3N NAD L . 17.80 14.01 19.98
C7N NAD L . 16.74 12.96 20.01
O7N NAD L . 16.20 12.68 21.22
N7N NAD L . 16.35 12.25 18.98
C4N NAD L . 18.23 14.74 21.19
C5N NAD L . 19.29 15.73 21.18
C6N NAD L . 19.88 16.06 19.92
PA NAD M . 33.56 8.79 28.28
O1A NAD M . 33.95 10.20 27.96
O2A NAD M . 32.37 8.28 27.50
O5B NAD M . 34.81 7.87 28.04
C5B NAD M . 34.73 6.47 28.27
C4B NAD M . 36.23 5.96 27.87
O4B NAD M . 36.36 4.54 28.08
C3B NAD M . 36.49 6.35 26.37
O3B NAD M . 37.77 6.95 26.20
C2B NAD M . 36.25 5.01 25.67
O2B NAD M . 36.76 4.83 24.36
C1B NAD M . 36.78 4.13 26.74
N9A NAD M . 36.51 2.68 26.55
C8A NAD M . 35.32 2.00 26.36
N7A NAD M . 35.57 0.69 26.21
C5A NAD M . 36.90 0.49 26.30
C6A NAD M . 37.77 -0.65 26.23
N6A NAD M . 37.27 -1.87 26.03
N1A NAD M . 39.20 -0.48 26.37
C2A NAD M . 39.78 0.82 26.59
N3A NAD M . 38.93 1.94 26.65
C4A NAD M . 37.52 1.77 26.52
O3 NAD M . 33.16 8.63 29.82
PN NAD M . 33.58 9.34 31.21
O1N NAD M . 35.05 9.37 31.37
O2N NAD M . 32.89 10.65 31.19
O5D NAD M . 32.80 8.28 32.06
C5D NAD M . 33.45 7.08 32.42
C4D NAD M . 32.45 5.98 32.58
O4D NAD M . 31.60 6.20 33.66
C3D NAD M . 31.49 5.82 31.39
O3D NAD M . 31.78 4.67 30.49
C2D NAD M . 30.21 5.33 31.88
O2D NAD M . 30.04 3.94 31.63
C1D NAD M . 30.24 5.83 33.33
N1N NAD M . 29.38 7.04 33.65
C2N NAD M . 29.98 8.30 34.01
C3N NAD M . 29.11 9.42 34.29
C7N NAD M . 29.71 10.73 34.67
O7N NAD M . 28.84 11.75 34.92
N7N NAD M . 31.00 10.96 34.78
C4N NAD M . 27.65 9.23 34.16
C5N NAD M . 27.05 7.94 33.83
C6N NAD M . 27.94 6.84 33.56
S SO4 N . 28.42 34.56 27.51
O1 SO4 N . 28.30 35.49 28.65
O2 SO4 N . 27.85 35.17 26.30
O3 SO4 N . 27.68 33.31 27.82
O4 SO4 N . 29.83 34.23 27.27
#